data_1VMH
# 
_entry.id   1VMH 
# 
_audit_conform.dict_name       mmcif_pdbx.dic 
_audit_conform.dict_version    5.376 
_audit_conform.dict_location   http://mmcif.pdb.org/dictionaries/ascii/mmcif_pdbx.dic 
# 
loop_
_database_2.database_id 
_database_2.database_code 
_database_2.pdbx_database_accession 
_database_2.pdbx_DOI 
PDB   1VMH         pdb_00001vmh 10.2210/pdb1vmh/pdb 
RCSB  RCSB002013   ?            ?                   
WWPDB D_1000002013 ?            ?                   
# 
_pdbx_database_related.db_name        TargetDB 
_pdbx_database_related.db_id          357074 
_pdbx_database_related.details        . 
_pdbx_database_related.content_type   unspecified 
# 
_pdbx_database_status.entry_id                        1VMH 
_pdbx_database_status.status_code                     REL 
_pdbx_database_status.deposit_site                    RCSB 
_pdbx_database_status.process_site                    RCSB 
_pdbx_database_status.recvd_initial_deposition_date   2004-09-24 
_pdbx_database_status.SG_entry                        Y 
_pdbx_database_status.status_code_sf                  REL 
_pdbx_database_status.status_code_cs                  ? 
_pdbx_database_status.pdb_format_compatible           Y 
_pdbx_database_status.status_code_mr                  ? 
_pdbx_database_status.status_code_nmr_data            ? 
_pdbx_database_status.methods_development_category    ? 
# 
_audit_author.name           'Joint Center for Structural Genomics (JCSG)' 
_audit_author.pdbx_ordinal   1 
# 
_citation.id                        primary 
_citation.title                     
;Crystal structure of Uncharacterized conserved protein YjbQ/UPF0047 family, ortholog yugU B.subtilis (15023806) from Clostridium acetobutylicum at 1.31 A resolution
;
_citation.journal_abbrev            'To be published' 
_citation.journal_volume            ? 
_citation.page_first                ? 
_citation.page_last                 ? 
_citation.year                      ? 
_citation.journal_id_ASTM           ? 
_citation.country                   ? 
_citation.journal_id_ISSN           ? 
_citation.journal_id_CSD            0353 
_citation.book_publisher            ? 
_citation.pdbx_database_id_PubMed   ? 
_citation.pdbx_database_id_DOI      ? 
# 
_citation_author.citation_id        primary 
_citation_author.name               'Joint Center for Structural Genomics (JCSG)' 
_citation_author.ordinal            1 
_citation_author.identifier_ORCID   ? 
# 
_cell.length_a           79.406 
_cell.length_b           79.406 
_cell.length_c           50.688 
_cell.angle_alpha        90.00 
_cell.angle_beta         90.00 
_cell.angle_gamma        120.00 
_cell.entry_id           1VMH 
_cell.pdbx_unique_axis   ? 
_cell.Z_PDB              9 
# 
_symmetry.space_group_name_H-M             'H 3' 
_symmetry.entry_id                         1VMH 
_symmetry.pdbx_full_space_group_name_H-M   ? 
_symmetry.Int_Tables_number                146 
_symmetry.cell_setting                     ? 
_symmetry.space_group_name_Hall            ? 
# 
loop_
_entity.id 
_entity.type 
_entity.src_method 
_entity.pdbx_description 
_entity.formula_weight 
_entity.pdbx_number_of_molecules 
_entity.pdbx_ec 
_entity.pdbx_mutation 
_entity.pdbx_fragment 
_entity.details 
1 polymer     man 'Uncharacterized conserved protein YjbQ/UPF0047 family, ortholog yugU B.subtilis' 16076.258 1   ? ? ? ? 
2 non-polymer syn 'SODIUM ION'                                                                      22.990    1   ? ? ? ? 
3 water       nat water                                                                             18.015    159 ? ? ? ? 
# 
_entity_poly.entity_id                      1 
_entity_poly.type                           'polypeptide(L)' 
_entity_poly.nstd_linkage                   no 
_entity_poly.nstd_monomer                   no 
_entity_poly.pdbx_seq_one_letter_code       
;MGSDKIHHHHHHMKGVIEYSLKTSNDDQFIDITNLVKKAVDESGVSDGMAVVFCPHTTAGITINENADPDVTRDILVNLD
KVFPKVGDYKHVEGNSHAHIKASLMGSSQQIIIENGKLKLGTWQGIYFTEFDGPRDRKVFVKII
;
_entity_poly.pdbx_seq_one_letter_code_can   
;MGSDKIHHHHHHMKGVIEYSLKTSNDDQFIDITNLVKKAVDESGVSDGMAVVFCPHTTAGITINENADPDVTRDILVNLD
KVFPKVGDYKHVEGNSHAHIKASLMGSSQQIIIENGKLKLGTWQGIYFTEFDGPRDRKVFVKII
;
_entity_poly.pdbx_strand_id                 A 
_entity_poly.pdbx_target_identifier         357074 
# 
loop_
_entity_poly_seq.entity_id 
_entity_poly_seq.num 
_entity_poly_seq.mon_id 
_entity_poly_seq.hetero 
1 1   MET n 
1 2   GLY n 
1 3   SER n 
1 4   ASP n 
1 5   LYS n 
1 6   ILE n 
1 7   HIS n 
1 8   HIS n 
1 9   HIS n 
1 10  HIS n 
1 11  HIS n 
1 12  HIS n 
1 13  MET n 
1 14  LYS n 
1 15  GLY n 
1 16  VAL n 
1 17  ILE n 
1 18  GLU n 
1 19  TYR n 
1 20  SER n 
1 21  LEU n 
1 22  LYS n 
1 23  THR n 
1 24  SER n 
1 25  ASN n 
1 26  ASP n 
1 27  ASP n 
1 28  GLN n 
1 29  PHE n 
1 30  ILE n 
1 31  ASP n 
1 32  ILE n 
1 33  THR n 
1 34  ASN n 
1 35  LEU n 
1 36  VAL n 
1 37  LYS n 
1 38  LYS n 
1 39  ALA n 
1 40  VAL n 
1 41  ASP n 
1 42  GLU n 
1 43  SER n 
1 44  GLY n 
1 45  VAL n 
1 46  SER n 
1 47  ASP n 
1 48  GLY n 
1 49  MET n 
1 50  ALA n 
1 51  VAL n 
1 52  VAL n 
1 53  PHE n 
1 54  CYS n 
1 55  PRO n 
1 56  HIS n 
1 57  THR n 
1 58  THR n 
1 59  ALA n 
1 60  GLY n 
1 61  ILE n 
1 62  THR n 
1 63  ILE n 
1 64  ASN n 
1 65  GLU n 
1 66  ASN n 
1 67  ALA n 
1 68  ASP n 
1 69  PRO n 
1 70  ASP n 
1 71  VAL n 
1 72  THR n 
1 73  ARG n 
1 74  ASP n 
1 75  ILE n 
1 76  LEU n 
1 77  VAL n 
1 78  ASN n 
1 79  LEU n 
1 80  ASP n 
1 81  LYS n 
1 82  VAL n 
1 83  PHE n 
1 84  PRO n 
1 85  LYS n 
1 86  VAL n 
1 87  GLY n 
1 88  ASP n 
1 89  TYR n 
1 90  LYS n 
1 91  HIS n 
1 92  VAL n 
1 93  GLU n 
1 94  GLY n 
1 95  ASN n 
1 96  SER n 
1 97  HIS n 
1 98  ALA n 
1 99  HIS n 
1 100 ILE n 
1 101 LYS n 
1 102 ALA n 
1 103 SER n 
1 104 LEU n 
1 105 MET n 
1 106 GLY n 
1 107 SER n 
1 108 SER n 
1 109 GLN n 
1 110 GLN n 
1 111 ILE n 
1 112 ILE n 
1 113 ILE n 
1 114 GLU n 
1 115 ASN n 
1 116 GLY n 
1 117 LYS n 
1 118 LEU n 
1 119 LYS n 
1 120 LEU n 
1 121 GLY n 
1 122 THR n 
1 123 TRP n 
1 124 GLN n 
1 125 GLY n 
1 126 ILE n 
1 127 TYR n 
1 128 PHE n 
1 129 THR n 
1 130 GLU n 
1 131 PHE n 
1 132 ASP n 
1 133 GLY n 
1 134 PRO n 
1 135 ARG n 
1 136 ASP n 
1 137 ARG n 
1 138 LYS n 
1 139 VAL n 
1 140 PHE n 
1 141 VAL n 
1 142 LYS n 
1 143 ILE n 
1 144 ILE n 
# 
_entity_src_gen.entity_id                          1 
_entity_src_gen.pdbx_src_id                        1 
_entity_src_gen.pdbx_alt_source_flag               sample 
_entity_src_gen.pdbx_seq_type                      ? 
_entity_src_gen.pdbx_beg_seq_num                   ? 
_entity_src_gen.pdbx_end_seq_num                   ? 
_entity_src_gen.gene_src_common_name               ? 
_entity_src_gen.gene_src_genus                     Clostridium 
_entity_src_gen.pdbx_gene_src_gene                 CAC0907 
_entity_src_gen.gene_src_species                   ? 
_entity_src_gen.gene_src_strain                    ? 
_entity_src_gen.gene_src_tissue                    ? 
_entity_src_gen.gene_src_tissue_fraction           ? 
_entity_src_gen.gene_src_details                   ? 
_entity_src_gen.pdbx_gene_src_fragment             ? 
_entity_src_gen.pdbx_gene_src_scientific_name      'Clostridium acetobutylicum' 
_entity_src_gen.pdbx_gene_src_ncbi_taxonomy_id     1488 
_entity_src_gen.pdbx_gene_src_variant              ? 
_entity_src_gen.pdbx_gene_src_cell_line            ? 
_entity_src_gen.pdbx_gene_src_atcc                 ? 
_entity_src_gen.pdbx_gene_src_organ                ? 
_entity_src_gen.pdbx_gene_src_organelle            ? 
_entity_src_gen.pdbx_gene_src_cell                 ? 
_entity_src_gen.pdbx_gene_src_cellular_location    ? 
_entity_src_gen.host_org_common_name               ? 
_entity_src_gen.pdbx_host_org_scientific_name      'Escherichia coli' 
_entity_src_gen.pdbx_host_org_ncbi_taxonomy_id     562 
_entity_src_gen.host_org_genus                     Escherichia 
_entity_src_gen.pdbx_host_org_gene                 ? 
_entity_src_gen.pdbx_host_org_organ                ? 
_entity_src_gen.host_org_species                   ? 
_entity_src_gen.pdbx_host_org_tissue               ? 
_entity_src_gen.pdbx_host_org_tissue_fraction      ? 
_entity_src_gen.pdbx_host_org_strain               ? 
_entity_src_gen.pdbx_host_org_variant              ? 
_entity_src_gen.pdbx_host_org_cell_line            ? 
_entity_src_gen.pdbx_host_org_atcc                 ? 
_entity_src_gen.pdbx_host_org_culture_collection   ? 
_entity_src_gen.pdbx_host_org_cell                 ? 
_entity_src_gen.pdbx_host_org_organelle            ? 
_entity_src_gen.pdbx_host_org_cellular_location    ? 
_entity_src_gen.pdbx_host_org_vector_type          Plasmid 
_entity_src_gen.pdbx_host_org_vector               ? 
_entity_src_gen.host_org_details                   ? 
_entity_src_gen.expression_system_id               ? 
_entity_src_gen.plasmid_name                       ? 
_entity_src_gen.plasmid_details                    ? 
_entity_src_gen.pdbx_description                   ? 
# 
_struct_ref.id                         1 
_struct_ref.db_name                    UNP 
_struct_ref.db_code                    Q97KL0_CLOAB 
_struct_ref.pdbx_db_accession          Q97KL0 
_struct_ref.entity_id                  1 
_struct_ref.pdbx_seq_one_letter_code   
;MKGVIEYSLKTSNDDQFIDITNLVKKAVDESGVSDGMAVVFCPHTTAGITINENADPDVTRDILVNLDKVFPKVGDYKHV
EGNSHAHIKASLMGSSQQIIIENGKLKLGTWQGIYFTEFDGPRDRKVFVKII
;
_struct_ref.pdbx_align_begin           1 
_struct_ref.pdbx_db_isoform            ? 
# 
_struct_ref_seq.align_id                      1 
_struct_ref_seq.ref_id                        1 
_struct_ref_seq.pdbx_PDB_id_code              1VMH 
_struct_ref_seq.pdbx_strand_id                A 
_struct_ref_seq.seq_align_beg                 13 
_struct_ref_seq.pdbx_seq_align_beg_ins_code   ? 
_struct_ref_seq.seq_align_end                 144 
_struct_ref_seq.pdbx_seq_align_end_ins_code   ? 
_struct_ref_seq.pdbx_db_accession             Q97KL0 
_struct_ref_seq.db_align_beg                  1 
_struct_ref_seq.pdbx_db_align_beg_ins_code    ? 
_struct_ref_seq.db_align_end                  132 
_struct_ref_seq.pdbx_db_align_end_ins_code    ? 
_struct_ref_seq.pdbx_auth_seq_align_beg       1 
_struct_ref_seq.pdbx_auth_seq_align_end       132 
# 
loop_
_struct_ref_seq_dif.align_id 
_struct_ref_seq_dif.pdbx_pdb_id_code 
_struct_ref_seq_dif.mon_id 
_struct_ref_seq_dif.pdbx_pdb_strand_id 
_struct_ref_seq_dif.seq_num 
_struct_ref_seq_dif.pdbx_pdb_ins_code 
_struct_ref_seq_dif.pdbx_seq_db_name 
_struct_ref_seq_dif.pdbx_seq_db_accession_code 
_struct_ref_seq_dif.db_mon_id 
_struct_ref_seq_dif.pdbx_seq_db_seq_num 
_struct_ref_seq_dif.details 
_struct_ref_seq_dif.pdbx_auth_seq_num 
_struct_ref_seq_dif.pdbx_ordinal 
1 1VMH MET A 1  ? UNP Q97KL0 ? ? 'expression tag' -11 1  
1 1VMH GLY A 2  ? UNP Q97KL0 ? ? 'expression tag' -10 2  
1 1VMH SER A 3  ? UNP Q97KL0 ? ? 'expression tag' -9  3  
1 1VMH ASP A 4  ? UNP Q97KL0 ? ? 'expression tag' -8  4  
1 1VMH LYS A 5  ? UNP Q97KL0 ? ? 'expression tag' -7  5  
1 1VMH ILE A 6  ? UNP Q97KL0 ? ? 'expression tag' -6  6  
1 1VMH HIS A 7  ? UNP Q97KL0 ? ? 'expression tag' -5  7  
1 1VMH HIS A 8  ? UNP Q97KL0 ? ? 'expression tag' -4  8  
1 1VMH HIS A 9  ? UNP Q97KL0 ? ? 'expression tag' -3  9  
1 1VMH HIS A 10 ? UNP Q97KL0 ? ? 'expression tag' -2  10 
1 1VMH HIS A 11 ? UNP Q97KL0 ? ? 'expression tag' -1  11 
1 1VMH HIS A 12 ? UNP Q97KL0 ? ? 'expression tag' 0   12 
# 
loop_
_chem_comp.id 
_chem_comp.type 
_chem_comp.mon_nstd_flag 
_chem_comp.name 
_chem_comp.pdbx_synonyms 
_chem_comp.formula 
_chem_comp.formula_weight 
ALA 'L-peptide linking' y ALANINE         ? 'C3 H7 N O2'     89.093  
ARG 'L-peptide linking' y ARGININE        ? 'C6 H15 N4 O2 1' 175.209 
ASN 'L-peptide linking' y ASPARAGINE      ? 'C4 H8 N2 O3'    132.118 
ASP 'L-peptide linking' y 'ASPARTIC ACID' ? 'C4 H7 N O4'     133.103 
CYS 'L-peptide linking' y CYSTEINE        ? 'C3 H7 N O2 S'   121.158 
GLN 'L-peptide linking' y GLUTAMINE       ? 'C5 H10 N2 O3'   146.144 
GLU 'L-peptide linking' y 'GLUTAMIC ACID' ? 'C5 H9 N O4'     147.129 
GLY 'peptide linking'   y GLYCINE         ? 'C2 H5 N O2'     75.067  
HIS 'L-peptide linking' y HISTIDINE       ? 'C6 H10 N3 O2 1' 156.162 
HOH non-polymer         . WATER           ? 'H2 O'           18.015  
ILE 'L-peptide linking' y ISOLEUCINE      ? 'C6 H13 N O2'    131.173 
LEU 'L-peptide linking' y LEUCINE         ? 'C6 H13 N O2'    131.173 
LYS 'L-peptide linking' y LYSINE          ? 'C6 H15 N2 O2 1' 147.195 
MET 'L-peptide linking' y METHIONINE      ? 'C5 H11 N O2 S'  149.211 
NA  non-polymer         . 'SODIUM ION'    ? 'Na 1'           22.990  
PHE 'L-peptide linking' y PHENYLALANINE   ? 'C9 H11 N O2'    165.189 
PRO 'L-peptide linking' y PROLINE         ? 'C5 H9 N O2'     115.130 
SER 'L-peptide linking' y SERINE          ? 'C3 H7 N O3'     105.093 
THR 'L-peptide linking' y THREONINE       ? 'C4 H9 N O3'     119.119 
TRP 'L-peptide linking' y TRYPTOPHAN      ? 'C11 H12 N2 O2'  204.225 
TYR 'L-peptide linking' y TYROSINE        ? 'C9 H11 N O3'    181.189 
VAL 'L-peptide linking' y VALINE          ? 'C5 H11 N O2'    117.146 
# 
_exptl.crystals_number   1 
_exptl.method            'X-RAY DIFFRACTION' 
_exptl.entry_id          1VMH 
# 
_exptl_crystal.id                    1 
_exptl_crystal.density_percent_sol   33.86 
_exptl_crystal.density_Matthews      1.87 
_exptl_crystal.description           ? 
_exptl_crystal.density_meas          ? 
_exptl_crystal.F_000                 ? 
_exptl_crystal.preparation           ? 
# 
_exptl_crystal_grow.crystal_id      1 
_exptl_crystal_grow.method          'VAPOR DIFFUSION, SITTING DROP, NANODROP' 
_exptl_crystal_grow.pH              9.0 
_exptl_crystal_grow.temp            277 
_exptl_crystal_grow.pdbx_details    
'2.0% Dioxane, 10.0% PEG-20000, 0.1M Bicine, pH 9.0, VAPOR DIFFUSION, SITTING DROP, NANODROP, temperature 277K' 
_exptl_crystal_grow.temp_details    ? 
_exptl_crystal_grow.pdbx_pH_range   . 
# 
_diffrn.id                     1 
_diffrn.ambient_temp           100 
_diffrn.ambient_temp_details   ? 
_diffrn.crystal_id             1 
# 
_diffrn_detector.diffrn_id              1 
_diffrn_detector.detector               CCD 
_diffrn_detector.type                   'ADSC QUANTUM 315' 
_diffrn_detector.details                'Flat mirror' 
_diffrn_detector.pdbx_collection_date   2004-07-08 
# 
_diffrn_radiation.diffrn_id                        1 
_diffrn_radiation.pdbx_monochromatic_or_laue_m_l   M 
_diffrn_radiation.monochromator                    'single crystal Si(311) bent monochromator' 
_diffrn_radiation.pdbx_diffrn_protocol             'SINGLE WAVELENGTH' 
_diffrn_radiation.wavelength_id                    1 
_diffrn_radiation.pdbx_scattering_type             x-ray 
# 
_diffrn_radiation_wavelength.id           1 
_diffrn_radiation_wavelength.wavelength   0.979755 
_diffrn_radiation_wavelength.wt           1.0 
# 
_diffrn_source.diffrn_id                   1 
_diffrn_source.source                      SYNCHROTRON 
_diffrn_source.pdbx_synchrotron_beamline   BL9-1 
_diffrn_source.type                        'SSRL BEAMLINE BL9-1' 
_diffrn_source.pdbx_wavelength             0.979755 
_diffrn_source.pdbx_synchrotron_site       SSRL 
_diffrn_source.pdbx_wavelength_list        ? 
# 
_reflns.observed_criterion_sigma_F   ? 
_reflns.observed_criterion_sigma_I   ? 
_reflns.d_resolution_high            1.310 
_reflns.d_resolution_low             23.13 
_reflns.number_obs                   27579 
_reflns.percent_possible_obs         96.3 
_reflns.pdbx_Rmerge_I_obs            ? 
_reflns.pdbx_netI_over_sigmaI        14.6 
_reflns.B_iso_Wilson_estimate        22.87 
_reflns.pdbx_redundancy              5.9 
_reflns.pdbx_Rsym_value              0.072 
_reflns.entry_id                     1VMH 
_reflns.number_all                   ? 
_reflns.R_free_details               ? 
_reflns.limit_h_max                  ? 
_reflns.limit_h_min                  ? 
_reflns.limit_k_max                  ? 
_reflns.limit_k_min                  ? 
_reflns.limit_l_max                  ? 
_reflns.limit_l_min                  ? 
_reflns.observed_criterion_F_max     ? 
_reflns.observed_criterion_F_min     ? 
_reflns.pdbx_chi_squared             ? 
_reflns.pdbx_scaling_rejects         ? 
_reflns.pdbx_ordinal                 1 
_reflns.pdbx_diffrn_id               1 
# 
_reflns_shell.d_res_high             1.31 
_reflns_shell.d_res_low              1.38 
_reflns_shell.percent_possible_all   85.5 
_reflns_shell.pdbx_Rsym_value        0.654 
_reflns_shell.pdbx_redundancy        1.9 
_reflns_shell.number_unique_all      3555 
_reflns_shell.meanI_over_sigI_obs    1.7 
_reflns_shell.Rmerge_I_obs           ? 
_reflns_shell.percent_possible_obs   ? 
_reflns_shell.number_measured_all    ? 
_reflns_shell.number_measured_obs    ? 
_reflns_shell.number_unique_obs      ? 
_reflns_shell.pdbx_chi_squared       ? 
_reflns_shell.pdbx_ordinal           1 
_reflns_shell.pdbx_diffrn_id         1 
# 
_refine.ls_d_res_high                            1.31 
_refine.ls_d_res_low                             23.13 
_refine.pdbx_ls_sigma_F                          ? 
_refine.pdbx_ls_sigma_I                          ? 
_refine.ls_number_reflns_obs                     26191 
_refine.ls_number_reflns_R_free                  1388 
_refine.ls_percent_reflns_R_free                 5.0 
_refine.ls_percent_reflns_obs                    96.25 
_refine.ls_R_factor_obs                          0.15871 
_refine.ls_R_factor_R_work                       0.1574 
_refine.ls_R_factor_R_free                       0.18503 
_refine.pdbx_R_Free_selection_details            RANDOM 
_refine.pdbx_stereochemistry_target_values       'MAXIMUM LIKELIHOOD' 
_refine.pdbx_method_to_determine_struct          'MOLECULAR REPLACEMENT' 
_refine.pdbx_starting_model                      'PDB entry 1VMF' 
_refine.pdbx_ls_cross_valid_method               THROUGHOUT 
_refine.B_iso_mean                               15.267 
_refine.aniso_B[1][1]                            -0.03 
_refine.aniso_B[2][2]                            -0.03 
_refine.aniso_B[3][3]                            0.04 
_refine.aniso_B[1][2]                            -0.01 
_refine.aniso_B[1][3]                            0.00 
_refine.aniso_B[2][3]                            0.00 
_refine.details                                  'HYDROGENS HAVE BEEN ADDED IN THE RIDING POSITIONS' 
_refine.pdbx_overall_ESU_R                       0.050 
_refine.pdbx_overall_ESU_R_Free                  0.053 
_refine.overall_SU_ML                            0.042 
_refine.overall_SU_B                             2.048 
_refine.correlation_coeff_Fo_to_Fc               0.977 
_refine.correlation_coeff_Fo_to_Fc_free          0.965 
_refine.solvent_model_details                    'BABINET MODEL WITH MASK' 
_refine.pdbx_solvent_vdw_probe_radii             1.20 
_refine.pdbx_solvent_ion_probe_radii             0.80 
_refine.pdbx_solvent_shrinkage_radii             0.80 
_refine.entry_id                                 1VMH 
_refine.ls_R_factor_all                          ? 
_refine.ls_number_reflns_all                     ? 
_refine.ls_redundancy_reflns_obs                 ? 
_refine.pdbx_data_cutoff_high_absF               ? 
_refine.pdbx_data_cutoff_low_absF                ? 
_refine.ls_number_parameters                     ? 
_refine.ls_number_restraints                     ? 
_refine.ls_R_factor_R_free_error                 ? 
_refine.ls_R_factor_R_free_error_details         ? 
_refine.pdbx_isotropic_thermal_model             ? 
_refine.pdbx_stereochem_target_val_spec_case     ? 
_refine.solvent_model_param_bsol                 ? 
_refine.solvent_model_param_ksol                 ? 
_refine.occupancy_max                            ? 
_refine.occupancy_min                            ? 
_refine.pdbx_data_cutoff_high_rms_absF           ? 
_refine.B_iso_min                                ? 
_refine.B_iso_max                                ? 
_refine.overall_SU_R_Cruickshank_DPI             ? 
_refine.overall_SU_R_free                        ? 
_refine.ls_wR_factor_R_free                      ? 
_refine.ls_wR_factor_R_work                      ? 
_refine.overall_FOM_free_R_set                   ? 
_refine.overall_FOM_work_R_set                   ? 
_refine.pdbx_refine_id                           'X-RAY DIFFRACTION' 
_refine.pdbx_TLS_residual_ADP_flag               'LIKELY RESIDUAL' 
_refine.pdbx_diffrn_id                           1 
_refine.pdbx_overall_phase_error                 ? 
_refine.pdbx_overall_SU_R_free_Cruickshank_DPI   ? 
_refine.pdbx_overall_SU_R_Blow_DPI               ? 
_refine.pdbx_overall_SU_R_free_Blow_DPI          ? 
# 
_refine_hist.pdbx_refine_id                   'X-RAY DIFFRACTION' 
_refine_hist.cycle_id                         LAST 
_refine_hist.pdbx_number_atoms_protein        995 
_refine_hist.pdbx_number_atoms_nucleic_acid   0 
_refine_hist.pdbx_number_atoms_ligand         1 
_refine_hist.number_atoms_solvent             159 
_refine_hist.number_atoms_total               1155 
_refine_hist.d_res_high                       1.31 
_refine_hist.d_res_low                        23.13 
# 
loop_
_refine_ls_restr.type 
_refine_ls_restr.dev_ideal 
_refine_ls_restr.dev_ideal_target 
_refine_ls_restr.weight 
_refine_ls_restr.number 
_refine_ls_restr.pdbx_refine_id 
_refine_ls_restr.pdbx_restraint_function 
r_bond_refined_d             0.013  0.022  ? 1030 'X-RAY DIFFRACTION' ? 
r_bond_other_d               0.001  0.020  ? 932  'X-RAY DIFFRACTION' ? 
r_angle_refined_deg          1.339  1.944  ? 1398 'X-RAY DIFFRACTION' ? 
r_angle_other_deg            0.785  3.000  ? 2176 'X-RAY DIFFRACTION' ? 
r_dihedral_angle_1_deg       5.497  5.000  ? 128  'X-RAY DIFFRACTION' ? 
r_dihedral_angle_2_deg       41.518 25.833 ? 48   'X-RAY DIFFRACTION' ? 
r_dihedral_angle_3_deg       12.187 15.000 ? 180  'X-RAY DIFFRACTION' ? 
r_dihedral_angle_4_deg       19.779 15.000 ? 3    'X-RAY DIFFRACTION' ? 
r_chiral_restr               0.097  0.200  ? 164  'X-RAY DIFFRACTION' ? 
r_gen_planes_refined         0.006  0.020  ? 1143 'X-RAY DIFFRACTION' ? 
r_gen_planes_other           0.001  0.020  ? 191  'X-RAY DIFFRACTION' ? 
r_nbd_refined                0.208  0.200  ? 181  'X-RAY DIFFRACTION' ? 
r_nbd_other                  0.171  0.200  ? 881  'X-RAY DIFFRACTION' ? 
r_nbtor_refined              0.176  0.200  ? 509  'X-RAY DIFFRACTION' ? 
r_nbtor_other                0.083  0.200  ? 612  'X-RAY DIFFRACTION' ? 
r_xyhbond_nbd_refined        0.142  0.200  ? 118  'X-RAY DIFFRACTION' ? 
r_xyhbond_nbd_other          ?      ?      ? ?    'X-RAY DIFFRACTION' ? 
r_metal_ion_refined          0.062  0.200  ? 1    'X-RAY DIFFRACTION' ? 
r_metal_ion_other            ?      ?      ? ?    'X-RAY DIFFRACTION' ? 
r_symmetry_vdw_refined       0.360  0.200  ? 8    'X-RAY DIFFRACTION' ? 
r_symmetry_vdw_other         0.167  0.200  ? 51   'X-RAY DIFFRACTION' ? 
r_symmetry_hbond_refined     0.194  0.200  ? 16   'X-RAY DIFFRACTION' ? 
r_symmetry_hbond_other       ?      ?      ? ?    'X-RAY DIFFRACTION' ? 
r_symmetry_metal_ion_refined 0.066  0.200  ? 2    'X-RAY DIFFRACTION' ? 
r_symmetry_metal_ion_other   ?      ?      ? ?    'X-RAY DIFFRACTION' ? 
r_mcbond_it                  1.483  3.000  ? 643  'X-RAY DIFFRACTION' ? 
r_mcbond_other               0.452  3.000  ? 266  'X-RAY DIFFRACTION' ? 
r_mcangle_it                 2.361  5.000  ? 1053 'X-RAY DIFFRACTION' ? 
r_scbond_it                  3.291  8.000  ? 395  'X-RAY DIFFRACTION' ? 
r_scangle_it                 4.714  11.000 ? 345  'X-RAY DIFFRACTION' ? 
r_rigid_bond_restr           ?      ?      ? ?    'X-RAY DIFFRACTION' ? 
r_sphericity_free            ?      ?      ? ?    'X-RAY DIFFRACTION' ? 
r_sphericity_bonded          ?      ?      ? ?    'X-RAY DIFFRACTION' ? 
# 
_refine_ls_shell.pdbx_total_number_of_bins_used   20 
_refine_ls_shell.d_res_high                       1.310 
_refine_ls_shell.d_res_low                        1.344 
_refine_ls_shell.percent_reflns_obs               82.45 
_refine_ls_shell.number_reflns_R_work             1662 
_refine_ls_shell.R_factor_R_work                  0.289 
_refine_ls_shell.percent_reflns_R_free            5.14 
_refine_ls_shell.number_reflns_R_free             90 
_refine_ls_shell.R_factor_R_free                  0.342 
_refine_ls_shell.R_factor_R_free_error            ? 
_refine_ls_shell.redundancy_reflns_obs            ? 
_refine_ls_shell.number_reflns_all                ? 
_refine_ls_shell.number_reflns_obs                ? 
_refine_ls_shell.pdbx_refine_id                   'X-RAY DIFFRACTION' 
_refine_ls_shell.R_factor_all                     ? 
# 
_struct.entry_id                  1VMH 
_struct.title                     
;Crystal structure of an uncharacterized conserved protein yjbq/upf0047 family, ortholog yugu b.subtilis (ca_c0907) from clostridium acetobutylicum at 1.31 A resolution
;
_struct.pdbx_model_details        ? 
_struct.pdbx_CASP_flag            ? 
_struct.pdbx_model_type_details   ? 
# 
_struct_keywords.text            
;Yjbq-like fold, structural genomics, Joint Center for Structural Genomics, JCSG, Protein Structure Initiative, PSI, unknown function
;
_struct_keywords.pdbx_keywords   'UNKNOWN FUNCTION' 
_struct_keywords.entry_id        1VMH 
# 
loop_
_struct_asym.id 
_struct_asym.pdbx_blank_PDB_chainid_flag 
_struct_asym.pdbx_modified 
_struct_asym.entity_id 
_struct_asym.details 
A N N 1 ? 
B N N 2 ? 
C N N 3 ? 
# 
_struct_biol.id   1 
# 
loop_
_struct_conf.conf_type_id 
_struct_conf.id 
_struct_conf.pdbx_PDB_helix_id 
_struct_conf.beg_label_comp_id 
_struct_conf.beg_label_asym_id 
_struct_conf.beg_label_seq_id 
_struct_conf.pdbx_beg_PDB_ins_code 
_struct_conf.end_label_comp_id 
_struct_conf.end_label_asym_id 
_struct_conf.end_label_seq_id 
_struct_conf.pdbx_end_PDB_ins_code 
_struct_conf.beg_auth_comp_id 
_struct_conf.beg_auth_asym_id 
_struct_conf.beg_auth_seq_id 
_struct_conf.end_auth_comp_id 
_struct_conf.end_auth_asym_id 
_struct_conf.end_auth_seq_id 
_struct_conf.pdbx_PDB_helix_class 
_struct_conf.details 
_struct_conf.pdbx_PDB_helix_length 
HELX_P HELX_P1 1 ILE A 32 ? GLY A 44  ? ILE A 20 GLY A 32 1 ? 13 
HELX_P HELX_P2 2 ASP A 68 ? PHE A 83  ? ASP A 56 PHE A 71 1 ? 16 
HELX_P HELX_P3 3 ASN A 95 ? GLY A 106 ? ASN A 83 GLY A 94 1 ? 12 
# 
_struct_conf_type.id          HELX_P 
_struct_conf_type.criteria    ? 
_struct_conf_type.reference   ? 
# 
loop_
_struct_conn.id 
_struct_conn.conn_type_id 
_struct_conn.pdbx_leaving_atom_flag 
_struct_conn.pdbx_PDB_id 
_struct_conn.ptnr1_label_asym_id 
_struct_conn.ptnr1_label_comp_id 
_struct_conn.ptnr1_label_seq_id 
_struct_conn.ptnr1_label_atom_id 
_struct_conn.pdbx_ptnr1_label_alt_id 
_struct_conn.pdbx_ptnr1_PDB_ins_code 
_struct_conn.pdbx_ptnr1_standard_comp_id 
_struct_conn.ptnr1_symmetry 
_struct_conn.ptnr2_label_asym_id 
_struct_conn.ptnr2_label_comp_id 
_struct_conn.ptnr2_label_seq_id 
_struct_conn.ptnr2_label_atom_id 
_struct_conn.pdbx_ptnr2_label_alt_id 
_struct_conn.pdbx_ptnr2_PDB_ins_code 
_struct_conn.ptnr1_auth_asym_id 
_struct_conn.ptnr1_auth_comp_id 
_struct_conn.ptnr1_auth_seq_id 
_struct_conn.ptnr2_auth_asym_id 
_struct_conn.ptnr2_auth_comp_id 
_struct_conn.ptnr2_auth_seq_id 
_struct_conn.ptnr2_symmetry 
_struct_conn.pdbx_ptnr3_label_atom_id 
_struct_conn.pdbx_ptnr3_label_seq_id 
_struct_conn.pdbx_ptnr3_label_comp_id 
_struct_conn.pdbx_ptnr3_label_asym_id 
_struct_conn.pdbx_ptnr3_label_alt_id 
_struct_conn.pdbx_ptnr3_PDB_ins_code 
_struct_conn.details 
_struct_conn.pdbx_dist_value 
_struct_conn.pdbx_value_order 
_struct_conn.pdbx_role 
metalc1 metalc ? ? A LEU 104 O  ? ? ? 1_555 B NA  . NA ? ? A LEU 92  A NA  133 1_555 ? ? ? ? ? ? ? 2.507 ? ? 
metalc2 metalc ? ? A LEU 104 O  ? ? ? 2_555 B NA  . NA ? ? A LEU 92  A NA  133 1_555 ? ? ? ? ? ? ? 2.428 ? ? 
metalc3 metalc ? ? A LEU 104 O  ? ? ? 3_555 B NA  . NA ? ? A LEU 92  A NA  133 1_555 ? ? ? ? ? ? ? 2.474 ? ? 
metalc4 metalc ? ? B NA  .   NA ? ? ? 1_555 C HOH . O  ? ? A NA  133 A HOH 138 1_555 ? ? ? ? ? ? ? 2.348 ? ? 
metalc5 metalc ? ? B NA  .   NA ? ? ? 1_555 C HOH . O  ? ? A NA  133 A HOH 138 2_555 ? ? ? ? ? ? ? 2.320 ? ? 
metalc6 metalc ? ? B NA  .   NA ? ? ? 1_555 C HOH . O  ? ? A NA  133 A HOH 138 3_555 ? ? ? ? ? ? ? 2.387 ? ? 
# 
_struct_conn_type.id          metalc 
_struct_conn_type.criteria    ? 
_struct_conn_type.reference   ? 
# 
_struct_mon_prot_cis.pdbx_id                1 
_struct_mon_prot_cis.label_comp_id          GLY 
_struct_mon_prot_cis.label_seq_id           133 
_struct_mon_prot_cis.label_asym_id          A 
_struct_mon_prot_cis.label_alt_id           . 
_struct_mon_prot_cis.pdbx_PDB_ins_code      ? 
_struct_mon_prot_cis.auth_comp_id           GLY 
_struct_mon_prot_cis.auth_seq_id            121 
_struct_mon_prot_cis.auth_asym_id           A 
_struct_mon_prot_cis.pdbx_label_comp_id_2   PRO 
_struct_mon_prot_cis.pdbx_label_seq_id_2    134 
_struct_mon_prot_cis.pdbx_label_asym_id_2   A 
_struct_mon_prot_cis.pdbx_PDB_ins_code_2    ? 
_struct_mon_prot_cis.pdbx_auth_comp_id_2    PRO 
_struct_mon_prot_cis.pdbx_auth_seq_id_2     122 
_struct_mon_prot_cis.pdbx_auth_asym_id_2    A 
_struct_mon_prot_cis.pdbx_PDB_model_num     1 
_struct_mon_prot_cis.pdbx_omega_angle       -1.43 
# 
loop_
_struct_sheet.id 
_struct_sheet.type 
_struct_sheet.number_strands 
_struct_sheet.details 
A ? 5 ? 
B ? 3 ? 
# 
loop_
_struct_sheet_order.sheet_id 
_struct_sheet_order.range_id_1 
_struct_sheet_order.range_id_2 
_struct_sheet_order.offset 
_struct_sheet_order.sense 
A 1 2 ? anti-parallel 
A 2 3 ? anti-parallel 
A 3 4 ? anti-parallel 
A 4 5 ? anti-parallel 
B 1 2 ? anti-parallel 
B 2 3 ? anti-parallel 
# 
loop_
_struct_sheet_range.sheet_id 
_struct_sheet_range.id 
_struct_sheet_range.beg_label_comp_id 
_struct_sheet_range.beg_label_asym_id 
_struct_sheet_range.beg_label_seq_id 
_struct_sheet_range.pdbx_beg_PDB_ins_code 
_struct_sheet_range.end_label_comp_id 
_struct_sheet_range.end_label_asym_id 
_struct_sheet_range.end_label_seq_id 
_struct_sheet_range.pdbx_end_PDB_ins_code 
_struct_sheet_range.beg_auth_comp_id 
_struct_sheet_range.beg_auth_asym_id 
_struct_sheet_range.beg_auth_seq_id 
_struct_sheet_range.end_auth_comp_id 
_struct_sheet_range.end_auth_asym_id 
_struct_sheet_range.end_auth_seq_id 
A 1 ILE A 17  ? LYS A 22  ? ILE A 5   LYS A 10  
A 2 ASP A 136 ? ILE A 144 ? ASP A 124 ILE A 132 
A 3 GLY A 48  ? PHE A 53  ? GLY A 36  PHE A 41  
A 4 SER A 108 ? GLU A 114 ? SER A 96  GLU A 102 
A 5 LYS A 117 ? LEU A 118 ? LYS A 105 LEU A 106 
B 1 GLN A 28  ? ASP A 31  ? GLN A 16  ASP A 19  
B 2 GLN A 124 ? GLU A 130 ? GLN A 112 GLU A 118 
B 3 ALA A 59  ? GLU A 65  ? ALA A 47  GLU A 53  
# 
loop_
_pdbx_struct_sheet_hbond.sheet_id 
_pdbx_struct_sheet_hbond.range_id_1 
_pdbx_struct_sheet_hbond.range_id_2 
_pdbx_struct_sheet_hbond.range_1_label_atom_id 
_pdbx_struct_sheet_hbond.range_1_label_comp_id 
_pdbx_struct_sheet_hbond.range_1_label_asym_id 
_pdbx_struct_sheet_hbond.range_1_label_seq_id 
_pdbx_struct_sheet_hbond.range_1_PDB_ins_code 
_pdbx_struct_sheet_hbond.range_1_auth_atom_id 
_pdbx_struct_sheet_hbond.range_1_auth_comp_id 
_pdbx_struct_sheet_hbond.range_1_auth_asym_id 
_pdbx_struct_sheet_hbond.range_1_auth_seq_id 
_pdbx_struct_sheet_hbond.range_2_label_atom_id 
_pdbx_struct_sheet_hbond.range_2_label_comp_id 
_pdbx_struct_sheet_hbond.range_2_label_asym_id 
_pdbx_struct_sheet_hbond.range_2_label_seq_id 
_pdbx_struct_sheet_hbond.range_2_PDB_ins_code 
_pdbx_struct_sheet_hbond.range_2_auth_atom_id 
_pdbx_struct_sheet_hbond.range_2_auth_comp_id 
_pdbx_struct_sheet_hbond.range_2_auth_asym_id 
_pdbx_struct_sheet_hbond.range_2_auth_seq_id 
A 1 2 N LEU A 21  ? N LEU A 9   O ARG A 137 ? O ARG A 125 
A 2 3 O LYS A 142 ? O LYS A 130 N VAL A 51  ? N VAL A 39  
A 3 4 N VAL A 52  ? N VAL A 40  O GLN A 109 ? O GLN A 97  
A 4 5 N GLU A 114 ? N GLU A 102 O LYS A 117 ? O LYS A 105 
B 1 2 N GLN A 28  ? N GLN A 16  O GLU A 130 ? O GLU A 118 
B 2 3 O TYR A 127 ? O TYR A 115 N THR A 62  ? N THR A 50  
# 
_struct_site.id                   AC1 
_struct_site.pdbx_evidence_code   Software 
_struct_site.pdbx_auth_asym_id    A 
_struct_site.pdbx_auth_comp_id    NA 
_struct_site.pdbx_auth_seq_id     133 
_struct_site.pdbx_auth_ins_code   ? 
_struct_site.pdbx_num_residues    6 
_struct_site.details              'BINDING SITE FOR RESIDUE NA A 133' 
# 
loop_
_struct_site_gen.id 
_struct_site_gen.site_id 
_struct_site_gen.pdbx_num_res 
_struct_site_gen.label_comp_id 
_struct_site_gen.label_asym_id 
_struct_site_gen.label_seq_id 
_struct_site_gen.pdbx_auth_ins_code 
_struct_site_gen.auth_comp_id 
_struct_site_gen.auth_asym_id 
_struct_site_gen.auth_seq_id 
_struct_site_gen.label_atom_id 
_struct_site_gen.label_alt_id 
_struct_site_gen.symmetry 
_struct_site_gen.details 
1 AC1 6 LEU A 104 ? LEU A 92  . ? 2_555 ? 
2 AC1 6 LEU A 104 ? LEU A 92  . ? 3_555 ? 
3 AC1 6 LEU A 104 ? LEU A 92  . ? 1_555 ? 
4 AC1 6 HOH C .   ? HOH A 138 . ? 3_555 ? 
5 AC1 6 HOH C .   ? HOH A 138 . ? 1_555 ? 
6 AC1 6 HOH C .   ? HOH A 138 . ? 2_555 ? 
# 
_atom_sites.entry_id                    1VMH 
_atom_sites.fract_transf_matrix[1][1]   0.01061923 
_atom_sites.fract_transf_matrix[1][2]   -0.00904701 
_atom_sites.fract_transf_matrix[1][3]   0.00410607 
_atom_sites.fract_transf_matrix[2][1]   0.00018135 
_atom_sites.fract_transf_matrix[2][2]   -0.01369389 
_atom_sites.fract_transf_matrix[2][3]   -0.00489023 
_atom_sites.fract_transf_matrix[3][1]   0.01082316 
_atom_sites.fract_transf_matrix[3][2]   0.00567443 
_atom_sites.fract_transf_matrix[3][3]   -0.01548849 
_atom_sites.fract_transf_vector[1]      0.167479 
_atom_sites.fract_transf_vector[2]      0.084820 
_atom_sites.fract_transf_vector[3]      0.684710 
# 
loop_
_atom_type.symbol 
C  
N  
NA 
O  
S  
# 
loop_
_atom_site.group_PDB 
_atom_site.id 
_atom_site.type_symbol 
_atom_site.label_atom_id 
_atom_site.label_alt_id 
_atom_site.label_comp_id 
_atom_site.label_asym_id 
_atom_site.label_entity_id 
_atom_site.label_seq_id 
_atom_site.pdbx_PDB_ins_code 
_atom_site.Cartn_x 
_atom_site.Cartn_y 
_atom_site.Cartn_z 
_atom_site.occupancy 
_atom_site.B_iso_or_equiv 
_atom_site.pdbx_formal_charge 
_atom_site.auth_seq_id 
_atom_site.auth_comp_id 
_atom_site.auth_asym_id 
_atom_site.auth_atom_id 
_atom_site.pdbx_PDB_model_num 
ATOM   1    C  CA  . VAL A 1 16  ? 7.042   -0.371  -15.197 1.00 19.62 ? 4   VAL A CA  1 
ATOM   2    C  C   . VAL A 1 16  ? 8.015   -1.258  -14.438 1.00 20.31 ? 4   VAL A C   1 
ATOM   3    O  O   . VAL A 1 16  ? 8.578   -2.197  -14.999 1.00 20.32 ? 4   VAL A O   1 
ATOM   4    C  CB  . VAL A 1 16  ? 5.650   -1.020  -15.176 1.00 22.00 ? 4   VAL A CB  1 
ATOM   5    C  CG1 . VAL A 1 16  ? 5.128   -1.145  -13.762 1.00 28.98 ? 4   VAL A CG1 1 
ATOM   6    C  CG2 . VAL A 1 16  ? 4.684   -0.199  -16.000 1.00 29.49 ? 4   VAL A CG2 1 
ATOM   7    N  N   . ILE A 1 17  ? 8.225   -0.950  -13.165 1.00 16.47 ? 5   ILE A N   1 
ATOM   8    C  CA  . ILE A 1 17  ? 9.003   -1.811  -12.272 1.00 18.48 ? 5   ILE A CA  1 
ATOM   9    C  C   . ILE A 1 17  ? 8.039   -2.613  -11.409 1.00 18.95 ? 5   ILE A C   1 
ATOM   10   O  O   . ILE A 1 17  ? 7.148   -2.055  -10.737 1.00 19.35 ? 5   ILE A O   1 
ATOM   11   C  CB  . ILE A 1 17  ? 9.979   -1.003  -11.402 1.00 20.97 ? 5   ILE A CB  1 
ATOM   12   C  CG1 . ILE A 1 17  ? 10.974  -0.268  -12.306 1.00 28.42 ? 5   ILE A CG1 1 
ATOM   13   C  CG2 . ILE A 1 17  ? 10.763  -1.933  -10.435 1.00 21.02 ? 5   ILE A CG2 1 
ATOM   14   C  CD1 . ILE A 1 17  ? 11.948  0.587   -11.555 1.00 31.90 ? 5   ILE A CD1 1 
ATOM   15   N  N   . GLU A 1 18  ? 8.169   -3.921  -11.465 1.00 16.27 ? 6   GLU A N   1 
ATOM   16   C  CA  . GLU A 1 18  ? 7.392   -4.802  -10.621 1.00 16.47 ? 6   GLU A CA  1 
ATOM   17   C  C   . GLU A 1 18  ? 8.254   -5.283  -9.470  1.00 17.30 ? 6   GLU A C   1 
ATOM   18   O  O   . GLU A 1 18  ? 9.364   -5.788  -9.677  1.00 18.90 ? 6   GLU A O   1 
ATOM   19   C  CB  A GLU A 1 18  ? 6.863   -5.991  -11.410 0.65 18.05 ? 6   GLU A CB  1 
ATOM   20   C  CB  B GLU A 1 18  ? 6.833   -5.975  -11.425 0.35 16.81 ? 6   GLU A CB  1 
ATOM   21   C  CG  A GLU A 1 18  ? 6.119   -7.001  -10.562 0.65 21.05 ? 6   GLU A CG  1 
ATOM   22   C  CG  B GLU A 1 18  ? 5.926   -5.550  -12.593 0.35 14.59 ? 6   GLU A CG  1 
ATOM   23   C  CD  A GLU A 1 18  ? 5.641   -8.185  -11.351 0.65 21.84 ? 6   GLU A CD  1 
ATOM   24   C  CD  B GLU A 1 18  ? 5.286   -6.711  -13.307 0.35 14.94 ? 6   GLU A CD  1 
ATOM   25   O  OE1 A GLU A 1 18  ? 4.613   -8.044  -12.045 0.65 27.26 ? 6   GLU A OE1 1 
ATOM   26   O  OE1 B GLU A 1 18  ? 5.034   -6.598  -14.531 0.35 13.49 ? 6   GLU A OE1 1 
ATOM   27   O  OE2 A GLU A 1 18  ? 6.278   -9.260  -11.273 0.65 22.18 ? 6   GLU A OE2 1 
ATOM   28   O  OE2 B GLU A 1 18  ? 5.044   -7.743  -12.653 0.35 20.05 ? 6   GLU A OE2 1 
ATOM   29   N  N   . TYR A 1 19  ? 7.745   -5.114  -8.260  1.00 13.42 ? 7   TYR A N   1 
ATOM   30   C  CA  . TYR A 1 19  ? 8.410   -5.608  -7.075  1.00 14.88 ? 7   TYR A CA  1 
ATOM   31   C  C   . TYR A 1 19  ? 7.604   -6.723  -6.459  1.00 14.55 ? 7   TYR A C   1 
ATOM   32   O  O   . TYR A 1 19  ? 6.389   -6.662  -6.387  1.00 16.28 ? 7   TYR A O   1 
ATOM   33   C  CB  . TYR A 1 19  ? 8.607   -4.509  -6.040  1.00 14.78 ? 7   TYR A CB  1 
ATOM   34   C  CG  . TYR A 1 19  ? 9.565   -3.414  -6.414  1.00 16.01 ? 7   TYR A CG  1 
ATOM   35   C  CD1 . TYR A 1 19  ? 10.935  -3.610  -6.324  1.00 13.22 ? 7   TYR A CD1 1 
ATOM   36   C  CD2 . TYR A 1 19  ? 9.095   -2.187  -6.835  1.00 15.18 ? 7   TYR A CD2 1 
ATOM   37   C  CE1 . TYR A 1 19  ? 11.809  -2.591  -6.611  1.00 15.32 ? 7   TYR A CE1 1 
ATOM   38   C  CE2 . TYR A 1 19  ? 9.958   -1.162  -7.133  1.00 15.31 ? 7   TYR A CE2 1 
ATOM   39   C  CZ  . TYR A 1 19  ? 11.318  -1.366  -7.011  1.00 16.15 ? 7   TYR A CZ  1 
ATOM   40   O  OH  . TYR A 1 19  ? 12.203  -0.334  -7.289  1.00 17.21 ? 7   TYR A OH  1 
ATOM   41   N  N   . SER A 1 20  ? 8.298   -7.767  -6.031  1.00 15.39 ? 8   SER A N   1 
ATOM   42   C  CA  . SER A 1 20  ? 7.665   -8.867  -5.306  1.00 16.06 ? 8   SER A CA  1 
ATOM   43   C  C   . SER A 1 20  ? 7.729   -8.590  -3.812  1.00 19.26 ? 8   SER A C   1 
ATOM   44   O  O   . SER A 1 20  ? 8.766   -8.152  -3.311  1.00 24.08 ? 8   SER A O   1 
ATOM   45   C  CB  . SER A 1 20  ? 8.391   -10.175 -5.648  1.00 18.78 ? 8   SER A CB  1 
ATOM   46   O  OG  . SER A 1 20  ? 8.085   -10.519 -6.988  1.00 23.65 ? 8   SER A OG  1 
ATOM   47   N  N   . LEU A 1 21  ? 6.642   -8.854  -3.105  1.00 17.75 ? 9   LEU A N   1 
ATOM   48   C  CA  . LEU A 1 21  ? 6.570   -8.708  -1.649  1.00 19.94 ? 9   LEU A CA  1 
ATOM   49   C  C   . LEU A 1 21  ? 5.970   -9.952  -1.079  1.00 20.89 ? 9   LEU A C   1 
ATOM   50   O  O   . LEU A 1 21  ? 4.969   -10.429 -1.607  1.00 24.92 ? 9   LEU A O   1 
ATOM   51   C  CB  . LEU A 1 21  ? 5.629   -7.556  -1.273  1.00 21.16 ? 9   LEU A CB  1 
ATOM   52   C  CG  . LEU A 1 21  ? 5.846   -6.205  -1.928  1.00 23.05 ? 9   LEU A CG  1 
ATOM   53   C  CD1 . LEU A 1 21  ? 4.808   -5.200  -1.441  1.00 20.13 ? 9   LEU A CD1 1 
ATOM   54   C  CD2 . LEU A 1 21  ? 7.275   -5.706  -1.631  1.00 25.09 ? 9   LEU A CD2 1 
ATOM   55   N  N   . LYS A 1 22  ? 6.551   -10.468 0.008   1.00 20.36 ? 10  LYS A N   1 
ATOM   56   C  CA  . LYS A 1 22  ? 5.986   -11.564 0.756   1.00 22.01 ? 10  LYS A CA  1 
ATOM   57   C  C   . LYS A 1 22  ? 5.391   -10.968 2.019   1.00 23.41 ? 10  LYS A C   1 
ATOM   58   O  O   . LYS A 1 22  ? 6.107   -10.355 2.812   1.00 27.92 ? 10  LYS A O   1 
ATOM   59   C  CB  . LYS A 1 22  ? 7.088   -12.574 1.123   1.00 19.55 ? 10  LYS A CB  1 
ATOM   60   N  N   . THR A 1 23  ? 4.070   -11.046 2.162   1.00 18.90 ? 11  THR A N   1 
ATOM   61   C  CA  . THR A 1 23  ? 3.400   -10.542 3.355   1.00 18.31 ? 11  THR A CA  1 
ATOM   62   C  C   . THR A 1 23  ? 3.334   -11.671 4.377   1.00 19.55 ? 11  THR A C   1 
ATOM   63   O  O   . THR A 1 23  ? 3.325   -12.851 4.009   1.00 20.35 ? 11  THR A O   1 
ATOM   64   C  CB  . THR A 1 23  ? 2.000   -9.949  3.030   1.00 16.74 ? 11  THR A CB  1 
ATOM   65   O  OG1 . THR A 1 23  ? 1.104   -10.966 2.572   1.00 16.80 ? 11  THR A OG1 1 
ATOM   66   C  CG2 . THR A 1 23  ? 2.166   -8.868  1.942   1.00 21.58 ? 11  THR A CG2 1 
ATOM   67   N  N   . SER A 1 24  ? 3.271   -11.303 5.651   1.00 21.52 ? 12  SER A N   1 
ATOM   68   C  CA  . SER A 1 24  ? 3.448   -12.282 6.730   1.00 20.91 ? 12  SER A CA  1 
ATOM   69   C  C   . SER A 1 24  ? 2.322   -12.373 7.783   1.00 22.56 ? 12  SER A C   1 
ATOM   70   O  O   . SER A 1 24  ? 2.316   -13.285 8.602   1.00 23.80 ? 12  SER A O   1 
ATOM   71   C  CB  . SER A 1 24  ? 4.814   -12.072 7.408   1.00 22.66 ? 12  SER A CB  1 
ATOM   72   O  OG  . SER A 1 24  ? 4.943   -10.763 7.901   1.00 26.68 ? 12  SER A OG  1 
ATOM   73   N  N   . ASN A 1 25  ? 1.367   -11.451 7.755   1.00 22.65 ? 13  ASN A N   1 
ATOM   74   C  CA  . ASN A 1 25  ? 0.193   -11.491 8.644   1.00 22.51 ? 13  ASN A CA  1 
ATOM   75   C  C   . ASN A 1 25  ? -1.077  -11.331 7.817   1.00 20.86 ? 13  ASN A C   1 
ATOM   76   O  O   . ASN A 1 25  ? -1.003  -10.895 6.663   1.00 23.26 ? 13  ASN A O   1 
ATOM   77   C  CB  . ASN A 1 25  ? 0.273   -10.351 9.659   1.00 22.13 ? 13  ASN A CB  1 
ATOM   78   C  CG  . ASN A 1 25  ? 1.555   -10.398 10.491  1.00 29.41 ? 13  ASN A CG  1 
ATOM   79   O  OD1 . ASN A 1 25  ? 2.031   -11.486 10.836  1.00 33.67 ? 13  ASN A OD1 1 
ATOM   80   N  ND2 . ASN A 1 25  ? 2.116   -9.226  10.812  1.00 35.73 ? 13  ASN A ND2 1 
ATOM   81   N  N   . ASP A 1 26  ? -2.250  -11.625 8.399   1.00 19.64 ? 14  ASP A N   1 
ATOM   82   C  CA  . ASP A 1 26  ? -3.487  -11.450 7.642   1.00 18.12 ? 14  ASP A CA  1 
ATOM   83   C  C   . ASP A 1 26  ? -3.675  -9.996  7.244   1.00 16.24 ? 14  ASP A C   1 
ATOM   84   O  O   . ASP A 1 26  ? -4.053  -9.739  6.114   1.00 17.37 ? 14  ASP A O   1 
ATOM   85   C  CB  . ASP A 1 26  ? -4.749  -11.986 8.325   1.00 21.86 ? 14  ASP A CB  1 
ATOM   86   C  CG  . ASP A 1 26  ? -4.999  -11.388 9.681   1.00 26.58 ? 14  ASP A CG  1 
ATOM   87   O  OD1 . ASP A 1 26  ? -4.029  -11.149 10.431  1.00 29.84 ? 14  ASP A OD1 1 
ATOM   88   O  OD2 . ASP A 1 26  ? -6.194  -11.182 10.000  1.00 39.37 ? 14  ASP A OD2 1 
ATOM   89   N  N   . ASP A 1 27  ? -3.392  -9.068  8.152   1.00 15.93 ? 15  ASP A N   1 
ATOM   90   C  CA  . ASP A 1 27  ? -3.304  -7.659  7.775   1.00 17.49 ? 15  ASP A CA  1 
ATOM   91   C  C   . ASP A 1 27  ? -1.951  -7.068  8.140   1.00 15.31 ? 15  ASP A C   1 
ATOM   92   O  O   . ASP A 1 27  ? -1.356  -7.429  9.161   1.00 16.87 ? 15  ASP A O   1 
ATOM   93   C  CB  . ASP A 1 27  ? -4.492  -6.817  8.266   1.00 18.77 ? 15  ASP A CB  1 
ATOM   94   C  CG  . ASP A 1 27  ? -4.666  -6.808  9.759   1.00 22.31 ? 15  ASP A CG  1 
ATOM   95   O  OD1 . ASP A 1 27  ? -3.854  -7.406  10.499  1.00 24.51 ? 15  ASP A OD1 1 
ATOM   96   O  OD2 . ASP A 1 27  ? -5.653  -6.182  10.216  1.00 22.44 ? 15  ASP A OD2 1 
ATOM   97   N  N   . GLN A 1 28  ? -1.465  -6.155  7.295   1.00 15.07 ? 16  GLN A N   1 
ATOM   98   C  CA  . GLN A 1 28  ? -0.112  -5.661  7.445   1.00 15.36 ? 16  GLN A CA  1 
ATOM   99   C  C   . GLN A 1 28  ? 0.106   -4.405  6.612   1.00 15.13 ? 16  GLN A C   1 
ATOM   100  O  O   . GLN A 1 28  ? -0.392  -4.332  5.490   1.00 15.79 ? 16  GLN A O   1 
ATOM   101  C  CB  . GLN A 1 28  ? 0.866   -6.745  6.973   1.00 16.81 ? 16  GLN A CB  1 
ATOM   102  C  CG  . GLN A 1 28  ? 2.324   -6.522  7.325   1.00 17.25 ? 16  GLN A CG  1 
ATOM   103  C  CD  . GLN A 1 28  ? 3.225   -7.606  6.825   1.00 17.66 ? 16  GLN A CD  1 
ATOM   104  O  OE1 . GLN A 1 28  ? 2.762   -8.602  6.315   1.00 20.13 ? 16  GLN A OE1 1 
ATOM   105  N  NE2 . GLN A 1 28  ? 4.534   -7.424  6.979   1.00 22.46 ? 16  GLN A NE2 1 
ATOM   106  N  N   . PHE A 1 29  ? 0.809   -3.425  7.164   1.00 14.60 ? 17  PHE A N   1 
ATOM   107  C  CA  . PHE A 1 29  ? 1.284   -2.270  6.404   1.00 15.22 ? 17  PHE A CA  1 
ATOM   108  C  C   . PHE A 1 29  ? 2.763   -2.526  6.129   1.00 15.10 ? 17  PHE A C   1 
ATOM   109  O  O   . PHE A 1 29  ? 3.552   -2.748  7.071   1.00 17.59 ? 17  PHE A O   1 
ATOM   110  C  CB  . PHE A 1 29  ? 1.164   -0.956  7.171   1.00 16.56 ? 17  PHE A CB  1 
ATOM   111  C  CG  . PHE A 1 29  ? -0.142  -0.246  7.007   1.00 18.69 ? 17  PHE A CG  1 
ATOM   112  C  CD1 . PHE A 1 29  ? -1.357  -0.929  6.951   1.00 22.32 ? 17  PHE A CD1 1 
ATOM   113  C  CD2 . PHE A 1 29  ? -0.159  1.149   6.932   1.00 16.61 ? 17  PHE A CD2 1 
ATOM   114  C  CE1 . PHE A 1 29  ? -2.571  -0.206  6.794   1.00 22.22 ? 17  PHE A CE1 1 
ATOM   115  C  CE2 . PHE A 1 29  ? -1.337  1.836   6.828   1.00 18.98 ? 17  PHE A CE2 1 
ATOM   116  C  CZ  . PHE A 1 29  ? -2.527  1.181   6.755   1.00 21.44 ? 17  PHE A CZ  1 
ATOM   117  N  N   . ILE A 1 30  ? 3.157   -2.486  4.879   1.00 14.39 ? 18  ILE A N   1 
ATOM   118  C  CA  . ILE A 1 30  ? 4.558   -2.658  4.473   1.00 14.34 ? 18  ILE A CA  1 
ATOM   119  C  C   . ILE A 1 30  ? 5.037   -1.342  3.834   1.00 13.21 ? 18  ILE A C   1 
ATOM   120  O  O   . ILE A 1 30  ? 4.456   -0.854  2.852   1.00 13.01 ? 18  ILE A O   1 
ATOM   121  C  CB  . ILE A 1 30  ? 4.729   -3.832  3.481   1.00 13.92 ? 18  ILE A CB  1 
ATOM   122  C  CG1 . ILE A 1 30  ? 4.257   -5.144  4.143   1.00 16.68 ? 18  ILE A CG1 1 
ATOM   123  C  CG2 . ILE A 1 30  ? 6.188   -3.907  3.045   1.00 16.16 ? 18  ILE A CG2 1 
ATOM   124  C  CD1 . ILE A 1 30  ? 2.834   -5.517  3.834   1.00 30.33 ? 18  ILE A CD1 1 
ATOM   125  N  N   . ASP A 1 31  ? 6.097   -0.749  4.399   1.00 13.42 ? 19  ASP A N   1 
ATOM   126  C  CA  . ASP A 1 31  ? 6.614   0.528   3.917   1.00 12.71 ? 19  ASP A CA  1 
ATOM   127  C  C   . ASP A 1 31  ? 7.454   0.288   2.668   1.00 13.78 ? 19  ASP A C   1 
ATOM   128  O  O   . ASP A 1 31  ? 8.538   -0.284  2.748   1.00 14.38 ? 19  ASP A O   1 
ATOM   129  C  CB  . ASP A 1 31  ? 7.486   1.175   4.997   1.00 14.49 ? 19  ASP A CB  1 
ATOM   130  C  CG  . ASP A 1 31  ? 7.929   2.571   4.629   1.00 18.51 ? 19  ASP A CG  1 
ATOM   131  O  OD1 . ASP A 1 31  ? 7.985   2.910   3.445   1.00 16.87 ? 19  ASP A OD1 1 
ATOM   132  O  OD2 . ASP A 1 31  ? 8.308   3.322   5.550   1.00 18.89 ? 19  ASP A OD2 1 
ATOM   133  N  N   . ILE A 1 32  ? 6.921   0.698   1.524   1.00 12.80 ? 20  ILE A N   1 
ATOM   134  C  CA  . ILE A 1 32  ? 7.561   0.510   0.236   1.00 12.77 ? 20  ILE A CA  1 
ATOM   135  C  C   . ILE A 1 32  ? 8.159   1.785   -0.322  1.00 12.51 ? 20  ILE A C   1 
ATOM   136  O  O   . ILE A 1 32  ? 8.536   1.854   -1.502  1.00 13.13 ? 20  ILE A O   1 
ATOM   137  C  CB  . ILE A 1 32  ? 6.601   -0.133  -0.791  1.00 13.62 ? 20  ILE A CB  1 
ATOM   138  C  CG1 . ILE A 1 32  ? 5.310   0.688   -0.978  1.00 11.74 ? 20  ILE A CG1 1 
ATOM   139  C  CG2 . ILE A 1 32  ? 6.258   -1.535  -0.304  1.00 14.02 ? 20  ILE A CG2 1 
ATOM   140  C  CD1 . ILE A 1 32  ? 4.456   0.250   -2.163  1.00 14.06 ? 20  ILE A CD1 1 
ATOM   141  N  N   . THR A 1 33  ? 8.337   2.795   0.522   1.00 13.00 ? 21  THR A N   1 
ATOM   142  C  CA  . THR A 1 33  ? 8.860   4.088   0.073   1.00 11.75 ? 21  THR A CA  1 
ATOM   143  C  C   . THR A 1 33  ? 10.194  3.930   -0.656  1.00 12.88 ? 21  THR A C   1 
ATOM   144  O  O   . THR A 1 33  ? 10.395  4.514   -1.723  1.00 12.58 ? 21  THR A O   1 
ATOM   145  C  CB  . THR A 1 33  ? 9.032   5.077   1.250   1.00 14.23 ? 21  THR A CB  1 
ATOM   146  O  OG1 . THR A 1 33  ? 7.827   5.128   2.037   1.00 13.63 ? 21  THR A OG1 1 
ATOM   147  C  CG2 . THR A 1 33  ? 9.371   6.445   0.774   1.00 13.77 ? 21  THR A CG2 1 
ATOM   148  N  N   . ASN A 1 34  ? 11.111  3.109   -0.123  1.00 14.07 ? 22  ASN A N   1 
ATOM   149  C  CA  . ASN A 1 34  ? 12.417  2.985   -0.771  1.00 13.93 ? 22  ASN A CA  1 
ATOM   150  C  C   . ASN A 1 34  ? 12.361  2.249   -2.107  1.00 13.80 ? 22  ASN A C   1 
ATOM   151  O  O   . ASN A 1 34  ? 13.178  2.508   -2.980  1.00 13.77 ? 22  ASN A O   1 
ATOM   152  C  CB  . ASN A 1 34  ? 13.458  2.310   0.124   1.00 15.17 ? 22  ASN A CB  1 
ATOM   153  C  CG  . ASN A 1 34  ? 14.861  2.452   -0.433  1.00 14.84 ? 22  ASN A CG  1 
ATOM   154  O  OD1 . ASN A 1 34  ? 15.353  3.588   -0.617  1.00 18.33 ? 22  ASN A OD1 1 
ATOM   155  N  ND2 . ASN A 1 34  ? 15.494  1.316   -0.785  1.00 17.75 ? 22  ASN A ND2 1 
ATOM   156  N  N   . LEU A 1 35  ? 11.389  1.350   -2.277  1.00 13.19 ? 23  LEU A N   1 
ATOM   157  C  CA  . LEU A 1 35  ? 11.174  0.682   -3.557  1.00 13.60 ? 23  LEU A CA  1 
ATOM   158  C  C   . LEU A 1 35  ? 10.742  1.718   -4.568  1.00 16.56 ? 23  LEU A C   1 
ATOM   159  O  O   . LEU A 1 35  ? 11.162  1.694   -5.734  1.00 13.80 ? 23  LEU A O   1 
ATOM   160  C  CB  . LEU A 1 35  ? 10.144  -0.441  -3.448  1.00 14.97 ? 23  LEU A CB  1 
ATOM   161  C  CG  . LEU A 1 35  ? 10.429  -1.533  -2.411  1.00 15.41 ? 23  LEU A CG  1 
ATOM   162  C  CD1 . LEU A 1 35  ? 9.289   -2.565  -2.432  1.00 16.25 ? 23  LEU A CD1 1 
ATOM   163  C  CD2 . LEU A 1 35  ? 11.767  -2.193  -2.576  1.00 17.02 ? 23  LEU A CD2 1 
ATOM   164  N  N   . VAL A 1 36  ? 9.911   2.665   -4.143  1.00 12.90 ? 24  VAL A N   1 
ATOM   165  C  CA  . VAL A 1 36  ? 9.516   3.751   -5.040  1.00 14.31 ? 24  VAL A CA  1 
ATOM   166  C  C   . VAL A 1 36  ? 10.694  4.702   -5.323  1.00 13.61 ? 24  VAL A C   1 
ATOM   167  O  O   . VAL A 1 36  ? 10.930  5.074   -6.482  1.00 14.84 ? 24  VAL A O   1 
ATOM   168  C  CB  . VAL A 1 36  ? 8.263   4.478   -4.486  1.00 14.07 ? 24  VAL A CB  1 
ATOM   169  C  CG1 . VAL A 1 36  ? 7.728   5.549   -5.414  1.00 14.67 ? 24  VAL A CG1 1 
ATOM   170  C  CG2 . VAL A 1 36  ? 7.188   3.425   -4.199  1.00 14.11 ? 24  VAL A CG2 1 
ATOM   171  N  N   . LYS A 1 37  ? 11.484  5.032   -4.304  1.00 12.88 ? 25  LYS A N   1 
ATOM   172  C  CA  . LYS A 1 37  ? 12.657  5.893   -4.543  1.00 12.75 ? 25  LYS A CA  1 
ATOM   173  C  C   . LYS A 1 37  ? 13.600  5.237   -5.534  1.00 13.05 ? 25  LYS A C   1 
ATOM   174  O  O   . LYS A 1 37  ? 14.173  5.898   -6.396  1.00 13.47 ? 25  LYS A O   1 
ATOM   175  C  CB  . LYS A 1 37  ? 13.383  6.156   -3.233  1.00 13.82 ? 25  LYS A CB  1 
ATOM   176  C  CG  . LYS A 1 37  ? 14.699  6.865   -3.391  1.00 15.61 ? 25  LYS A CG  1 
ATOM   177  C  CD  . LYS A 1 37  ? 15.344  7.080   -2.056  1.00 16.46 ? 25  LYS A CD  1 
ATOM   178  C  CE  . LYS A 1 37  ? 16.576  7.957   -2.157  1.00 25.08 ? 25  LYS A CE  1 
ATOM   179  N  NZ  . LYS A 1 37  ? 17.662  7.198   -2.758  1.00 20.82 ? 25  LYS A NZ  1 
ATOM   180  N  N   . LYS A 1 38  ? 13.816  3.934   -5.389  1.00 12.49 ? 26  LYS A N   1 
ATOM   181  C  CA  . LYS A 1 38  ? 14.718  3.231   -6.334  1.00 13.93 ? 26  LYS A CA  1 
ATOM   182  C  C   . LYS A 1 38  ? 14.211  3.337   -7.767  1.00 13.08 ? 26  LYS A C   1 
ATOM   183  O  O   . LYS A 1 38  ? 15.016  3.543   -8.682  1.00 14.26 ? 26  LYS A O   1 
ATOM   184  C  CB  . LYS A 1 38  ? 14.918  1.761   -5.941  1.00 15.01 ? 26  LYS A CB  1 
ATOM   185  C  CG  . LYS A 1 38  ? 15.835  1.604   -4.752  1.00 13.57 ? 26  LYS A CG  1 
ATOM   186  C  CD  . LYS A 1 38  ? 15.849  0.183   -4.234  1.00 16.19 ? 26  LYS A CD  1 
ATOM   187  C  CE  . LYS A 1 38  ? 16.445  -0.761  -5.238  1.00 19.80 ? 26  LYS A CE  1 
ATOM   188  N  NZ  . LYS A 1 38  ? 16.705  -2.154  -4.686  1.00 14.33 ? 26  LYS A NZ  1 
ATOM   189  N  N   . ALA A 1 39  ? 12.910  3.196   -7.981  1.00 14.48 ? 27  ALA A N   1 
ATOM   190  C  CA  . ALA A 1 39  ? 12.356  3.353   -9.307  1.00 14.24 ? 27  ALA A CA  1 
ATOM   191  C  C   . ALA A 1 39  ? 12.566  4.774   -9.857  1.00 16.01 ? 27  ALA A C   1 
ATOM   192  O  O   . ALA A 1 39  ? 12.941  4.941   -11.002 1.00 16.12 ? 27  ALA A O   1 
ATOM   193  C  CB  . ALA A 1 39  ? 10.902  3.022   -9.298  1.00 15.56 ? 27  ALA A CB  1 
ATOM   194  N  N   . VAL A 1 40  ? 12.381  5.788   -9.018  1.00 14.12 ? 28  VAL A N   1 
ATOM   195  C  CA  . VAL A 1 40  ? 12.683  7.163   -9.413  1.00 14.86 ? 28  VAL A CA  1 
ATOM   196  C  C   . VAL A 1 40  ? 14.144  7.301   -9.827  1.00 13.97 ? 28  VAL A C   1 
ATOM   197  O  O   . VAL A 1 40  ? 14.489  7.817   -10.916 1.00 16.77 ? 28  VAL A O   1 
ATOM   198  C  CB  . VAL A 1 40  ? 12.351  8.158   -8.259  1.00 15.42 ? 28  VAL A CB  1 
ATOM   199  C  CG1 . VAL A 1 40  ? 12.820  9.588   -8.612  1.00 15.30 ? 28  VAL A CG1 1 
ATOM   200  C  CG2 . VAL A 1 40  ? 10.835  8.158   -7.943  1.00 17.26 ? 28  VAL A CG2 1 
ATOM   201  N  N   . ASP A 1 41  ? 15.026  6.826   -8.961  1.00 14.76 ? 29  ASP A N   1 
ATOM   202  C  CA  . ASP A 1 41  ? 16.461  6.917   -9.232  1.00 15.76 ? 29  ASP A CA  1 
ATOM   203  C  C   . ASP A 1 41  ? 16.839  6.189   -10.549 1.00 16.56 ? 29  ASP A C   1 
ATOM   204  O  O   . ASP A 1 41  ? 17.562  6.720   -11.380 1.00 20.22 ? 29  ASP A O   1 
ATOM   205  C  CB  . ASP A 1 41  ? 17.276  6.368   -8.043  1.00 15.49 ? 29  ASP A CB  1 
ATOM   206  C  CG  . ASP A 1 41  ? 17.128  7.216   -6.764  1.00 20.73 ? 29  ASP A CG  1 
ATOM   207  O  OD1 . ASP A 1 41  ? 16.686  8.380   -6.855  1.00 21.17 ? 29  ASP A OD1 1 
ATOM   208  O  OD2 . ASP A 1 41  ? 17.458  6.742   -5.652  1.00 21.99 ? 29  ASP A OD2 1 
ATOM   209  N  N   . GLU A 1 42  ? 16.304  5.001   -10.762 1.00 17.30 ? 30  GLU A N   1 
ATOM   210  C  CA  . GLU A 1 42  ? 16.534  4.274   -12.026 1.00 19.74 ? 30  GLU A CA  1 
ATOM   211  C  C   . GLU A 1 42  ? 16.064  5.059   -13.260 1.00 21.55 ? 30  GLU A C   1 
ATOM   212  O  O   . GLU A 1 42  ? 16.712  5.024   -14.321 1.00 19.66 ? 30  GLU A O   1 
ATOM   213  C  CB  . GLU A 1 42  ? 15.810  2.926   -11.998 1.00 22.48 ? 30  GLU A CB  1 
ATOM   214  C  CG  . GLU A 1 42  ? 16.674  1.711   -11.902 1.00 31.08 ? 30  GLU A CG  1 
ATOM   215  C  CD  . GLU A 1 42  ? 15.928  0.478   -12.385 1.00 38.45 ? 30  GLU A CD  1 
ATOM   216  O  OE1 . GLU A 1 42  ? 14.918  0.119   -11.746 1.00 42.29 ? 30  GLU A OE1 1 
ATOM   217  O  OE2 . GLU A 1 42  ? 16.334  -0.116  -13.413 1.00 51.18 ? 30  GLU A OE2 1 
ATOM   218  N  N   . SER A 1 43  ? 14.950  5.766   -13.132 1.00 20.17 ? 31  SER A N   1 
ATOM   219  C  CA  . SER A 1 43  ? 14.328  6.416   -14.274 1.00 19.37 ? 31  SER A CA  1 
ATOM   220  C  C   . SER A 1 43  ? 15.158  7.594   -14.772 1.00 19.81 ? 31  SER A C   1 
ATOM   221  O  O   . SER A 1 43  ? 15.040  7.964   -15.921 1.00 21.51 ? 31  SER A O   1 
ATOM   222  C  CB  . SER A 1 43  ? 12.942  6.922   -13.900 1.00 19.97 ? 31  SER A CB  1 
ATOM   223  O  OG  . SER A 1 43  ? 13.041  8.122   -13.154 1.00 17.36 ? 31  SER A OG  1 
ATOM   224  N  N   . GLY A 1 44  ? 15.939  8.219   -13.890 1.00 20.08 ? 32  GLY A N   1 
ATOM   225  C  CA  . GLY A 1 44  ? 16.631  9.467   -14.238 1.00 21.93 ? 32  GLY A CA  1 
ATOM   226  C  C   . GLY A 1 44  ? 15.744  10.718  -14.276 1.00 23.82 ? 32  GLY A C   1 
ATOM   227  O  O   . GLY A 1 44  ? 16.248  11.828  -14.446 1.00 24.24 ? 32  GLY A O   1 
ATOM   228  N  N   . VAL A 1 45  ? 14.439  10.543  -14.072 1.00 21.04 ? 33  VAL A N   1 
ATOM   229  C  CA  . VAL A 1 45  ? 13.454  11.646  -14.088 1.00 22.23 ? 33  VAL A CA  1 
ATOM   230  C  C   . VAL A 1 45  ? 13.703  12.552  -12.895 1.00 20.55 ? 33  VAL A C   1 
ATOM   231  O  O   . VAL A 1 45  ? 13.783  12.066  -11.769 1.00 24.85 ? 33  VAL A O   1 
ATOM   232  C  CB  . VAL A 1 45  ? 12.018  11.102  -14.021 1.00 18.35 ? 33  VAL A CB  1 
ATOM   233  C  CG1 . VAL A 1 45  ? 10.996  12.236  -13.891 1.00 23.64 ? 33  VAL A CG1 1 
ATOM   234  C  CG2 . VAL A 1 45  ? 11.696  10.286  -15.264 1.00 24.66 ? 33  VAL A CG2 1 
ATOM   235  N  N   . SER A 1 46  ? 13.847  13.858  -13.155 1.00 17.78 ? 34  SER A N   1 
ATOM   236  C  CA  . SER A 1 46  ? 14.033  14.855  -12.110 1.00 18.49 ? 34  SER A CA  1 
ATOM   237  C  C   . SER A 1 46  ? 12.714  15.443  -11.607 1.00 16.99 ? 34  SER A C   1 
ATOM   238  O  O   . SER A 1 46  ? 12.619  15.871  -10.461 1.00 18.08 ? 34  SER A O   1 
ATOM   239  C  CB  A SER A 1 46  ? 14.897  15.997  -12.628 0.65 18.08 ? 34  SER A CB  1 
ATOM   240  C  CB  B SER A 1 46  ? 14.927  15.993  -12.610 0.35 17.90 ? 34  SER A CB  1 
ATOM   241  O  OG  A SER A 1 46  ? 14.205  16.720  -13.632 0.65 23.43 ? 34  SER A OG  1 
ATOM   242  O  OG  B SER A 1 46  ? 14.920  17.088  -11.705 0.35 18.49 ? 34  SER A OG  1 
ATOM   243  N  N   . ASP A 1 47  ? 11.744  15.547  -12.498 1.00 17.07 ? 35  ASP A N   1 
ATOM   244  C  CA  . ASP A 1 47  ? 10.478  16.194  -12.208 1.00 18.57 ? 35  ASP A CA  1 
ATOM   245  C  C   . ASP A 1 47  ? 9.409   15.419  -12.957 1.00 19.42 ? 35  ASP A C   1 
ATOM   246  O  O   . ASP A 1 47  ? 9.524   15.190  -14.165 1.00 20.33 ? 35  ASP A O   1 
ATOM   247  C  CB  A ASP A 1 47  ? 10.474  17.680  -12.561 0.65 19.07 ? 35  ASP A CB  1 
ATOM   248  C  CB  B ASP A 1 47  ? 10.562  17.644  -12.705 0.35 19.24 ? 35  ASP A CB  1 
ATOM   249  C  CG  A ASP A 1 47  ? 11.552  18.451  -11.811 0.65 23.08 ? 35  ASP A CG  1 
ATOM   250  C  CG  B ASP A 1 47  ? 9.410   18.502  -12.252 0.35 21.51 ? 35  ASP A CG  1 
ATOM   251  O  OD1 A ASP A 1 47  ? 12.679  18.528  -12.335 0.65 20.98 ? 35  ASP A OD1 1 
ATOM   252  O  OD1 B ASP A 1 47  ? 8.352   18.459  -12.910 0.35 21.20 ? 35  ASP A OD1 1 
ATOM   253  O  OD2 A ASP A 1 47  ? 11.300  18.963  -10.692 0.65 26.80 ? 35  ASP A OD2 1 
ATOM   254  O  OD2 B ASP A 1 47  ? 9.581   19.261  -11.273 0.35 26.63 ? 35  ASP A OD2 1 
ATOM   255  N  N   . GLY A 1 48  ? 8.409   14.959  -12.220 1.00 15.31 ? 36  GLY A N   1 
ATOM   256  C  CA  . GLY A 1 48  ? 7.378   14.088  -12.771 1.00 15.27 ? 36  GLY A CA  1 
ATOM   257  C  C   . GLY A 1 48  ? 6.496   13.527  -11.666 1.00 15.13 ? 36  GLY A C   1 
ATOM   258  O  O   . GLY A 1 48  ? 6.346   14.151  -10.625 1.00 15.34 ? 36  GLY A O   1 
ATOM   259  N  N   . MET A 1 49  ? 5.984   12.325  -11.884 1.00 13.97 ? 37  MET A N   1 
ATOM   260  C  CA  . MET A 1 49  ? 5.117   11.646  -10.956 1.00 15.21 ? 37  MET A CA  1 
ATOM   261  C  C   . MET A 1 49  ? 5.525   10.191  -10.817 1.00 14.49 ? 37  MET A C   1 
ATOM   262  O  O   . MET A 1 49  ? 5.924   9.545   -11.788 1.00 15.59 ? 37  MET A O   1 
ATOM   263  C  CB  . MET A 1 49  ? 3.672   11.677  -11.510 1.00 14.68 ? 37  MET A CB  1 
ATOM   264  C  CG  . MET A 1 49  ? 3.001   13.023  -11.534 1.00 19.17 ? 37  MET A CG  1 
ATOM   265  S  SD  . MET A 1 49  ? 2.850   13.850  -9.939  1.00 17.33 ? 37  MET A SD  1 
ATOM   266  C  CE  . MET A 1 49  ? 1.980   12.631  -9.011  1.00 15.29 ? 37  MET A CE  1 
ATOM   267  N  N   . ALA A 1 50  ? 5.389   9.671   -9.606  1.00 13.89 ? 38  ALA A N   1 
ATOM   268  C  CA  . ALA A 1 50  ? 5.515   8.230   -9.368  1.00 13.93 ? 38  ALA A CA  1 
ATOM   269  C  C   . ALA A 1 50  ? 4.136   7.690   -9.088  1.00 15.18 ? 38  ALA A C   1 
ATOM   270  O  O   . ALA A 1 50  ? 3.430   8.205   -8.207  1.00 16.27 ? 38  ALA A O   1 
ATOM   271  C  CB  . ALA A 1 50  ? 6.383   8.000   -8.166  1.00 15.30 ? 38  ALA A CB  1 
ATOM   272  N  N   . VAL A 1 51  ? 3.736   6.657   -9.827  1.00 14.53 ? 39  VAL A N   1 
ATOM   273  C  CA  . VAL A 1 51  ? 2.449   6.002   -9.627  1.00 15.02 ? 39  VAL A CA  1 
ATOM   274  C  C   . VAL A 1 51  ? 2.704   4.615   -9.092  1.00 12.95 ? 39  VAL A C   1 
ATOM   275  O  O   . VAL A 1 51  ? 3.566   3.913   -9.648  1.00 15.10 ? 39  VAL A O   1 
ATOM   276  C  CB  . VAL A 1 51  ? 1.669   5.913   -10.977 1.00 16.54 ? 39  VAL A CB  1 
ATOM   277  C  CG1 . VAL A 1 51  ? 0.351   5.175   -10.765 1.00 17.27 ? 39  VAL A CG1 1 
ATOM   278  C  CG2 . VAL A 1 51  ? 1.409   7.305   -11.540 1.00 17.58 ? 39  VAL A CG2 1 
ATOM   279  N  N   . VAL A 1 52  ? 2.041   4.255   -7.981  1.00 12.83 ? 40  VAL A N   1 
ATOM   280  C  CA  . VAL A 1 52  ? 2.229   3.023   -7.287  1.00 13.74 ? 40  VAL A CA  1 
ATOM   281  C  C   . VAL A 1 52  ? 0.897   2.278   -7.299  1.00 12.25 ? 40  VAL A C   1 
ATOM   282  O  O   . VAL A 1 52  ? -0.063  2.797   -6.766  1.00 13.98 ? 40  VAL A O   1 
ATOM   283  C  CB  . VAL A 1 52  ? 2.658   3.274   -5.823  1.00 13.40 ? 40  VAL A CB  1 
ATOM   284  C  CG1 . VAL A 1 52  ? 2.917   1.987   -5.087  1.00 15.48 ? 40  VAL A CG1 1 
ATOM   285  C  CG2 . VAL A 1 52  ? 3.903   4.166   -5.783  1.00 15.78 ? 40  VAL A CG2 1 
ATOM   286  N  N   . PHE A 1 53  ? 0.825   1.129   -7.936  1.00 12.33 ? 41  PHE A N   1 
ATOM   287  C  CA  . PHE A 1 53  ? -0.446  0.419   -8.200  1.00 13.43 ? 41  PHE A CA  1 
ATOM   288  C  C   . PHE A 1 53  ? -0.425  -1.009  -7.610  1.00 12.51 ? 41  PHE A C   1 
ATOM   289  O  O   . PHE A 1 53  ? 0.570   -1.757  -7.796  1.00 13.14 ? 41  PHE A O   1 
ATOM   290  C  CB  . PHE A 1 53  ? -0.697  0.332   -9.715  1.00 13.39 ? 41  PHE A CB  1 
ATOM   291  C  CG  . PHE A 1 53  ? -2.052  -0.230  -10.100 1.00 13.40 ? 41  PHE A CG  1 
ATOM   292  C  CD1 . PHE A 1 53  ? -2.237  -1.605  -10.237 1.00 14.34 ? 41  PHE A CD1 1 
ATOM   293  C  CD2 . PHE A 1 53  ? -3.128  0.608   -10.331 1.00 13.22 ? 41  PHE A CD2 1 
ATOM   294  C  CE1 . PHE A 1 53  ? -3.476  -2.096  -10.589 1.00 14.11 ? 41  PHE A CE1 1 
ATOM   295  C  CE2 . PHE A 1 53  ? -4.353  0.097   -10.658 1.00 14.52 ? 41  PHE A CE2 1 
ATOM   296  C  CZ  . PHE A 1 53  ? -4.532  -1.230  -10.760 1.00 15.05 ? 41  PHE A CZ  1 
ATOM   297  N  N   . CYS A 1 54  ? -1.523  -1.388  -6.938  1.00 13.80 ? 42  CYS A N   1 
ATOM   298  C  CA  . CYS A 1 54  ? -1.663  -2.709  -6.386  1.00 12.92 ? 42  CYS A CA  1 
ATOM   299  C  C   . CYS A 1 54  ? -2.592  -3.547  -7.245  1.00 13.64 ? 42  CYS A C   1 
ATOM   300  O  O   . CYS A 1 54  ? -3.801  -3.243  -7.324  1.00 13.68 ? 42  CYS A O   1 
ATOM   301  C  CB  . CYS A 1 54  ? -2.202  -2.616  -4.970  1.00 14.97 ? 42  CYS A CB  1 
ATOM   302  S  SG  . CYS A 1 54  ? -2.527  -4.182  -4.240  1.00 15.49 ? 42  CYS A SG  1 
ATOM   303  N  N   . PRO A 1 55  ? -2.088  -4.607  -7.873  1.00 12.81 ? 43  PRO A N   1 
ATOM   304  C  CA  . PRO A 1 55  ? -2.947  -5.446  -8.738  1.00 13.30 ? 43  PRO A CA  1 
ATOM   305  C  C   . PRO A 1 55  ? -3.815  -6.462  -7.999  1.00 13.56 ? 43  PRO A C   1 
ATOM   306  O  O   . PRO A 1 55  ? -4.486  -7.293  -8.671  1.00 16.90 ? 43  PRO A O   1 
ATOM   307  C  CB  . PRO A 1 55  ? -1.927  -6.165  -9.620  1.00 14.98 ? 43  PRO A CB  1 
ATOM   308  C  CG  . PRO A 1 55  ? -0.751  -6.343  -8.706  1.00 13.02 ? 43  PRO A CG  1 
ATOM   309  C  CD  . PRO A 1 55  ? -0.695  -5.091  -7.856  1.00 11.79 ? 43  PRO A CD  1 
ATOM   310  N  N   . HIS A 1 56  ? -3.850  -6.429  -6.674  1.00 12.31 ? 44  HIS A N   1 
ATOM   311  C  CA  . HIS A 1 56  ? -4.580  -7.375  -5.856  1.00 12.97 ? 44  HIS A CA  1 
ATOM   312  C  C   . HIS A 1 56  ? -5.838  -6.735  -5.295  1.00 12.91 ? 44  HIS A C   1 
ATOM   313  O  O   . HIS A 1 56  ? -5.772  -5.667  -4.722  1.00 15.03 ? 44  HIS A O   1 
ATOM   314  C  CB  . HIS A 1 56  ? -3.679  -7.801  -4.708  1.00 14.43 ? 44  HIS A CB  1 
ATOM   315  C  CG  . HIS A 1 56  ? -2.372  -8.350  -5.178  1.00 15.70 ? 44  HIS A CG  1 
ATOM   316  N  ND1 . HIS A 1 56  ? -2.278  -9.561  -5.832  1.00 13.81 ? 44  HIS A ND1 1 
ATOM   317  C  CD2 . HIS A 1 56  ? -1.107  -7.873  -5.076  1.00 14.78 ? 44  HIS A CD2 1 
ATOM   318  C  CE1 . HIS A 1 56  ? -1.004  -9.784  -6.138  1.00 14.22 ? 44  HIS A CE1 1 
ATOM   319  N  NE2 . HIS A 1 56  ? -0.277  -8.787  -5.673  1.00 15.87 ? 44  HIS A NE2 1 
ATOM   320  N  N   . THR A 1 57  ? -6.963  -7.414  -5.395  1.00 13.12 ? 45  THR A N   1 
ATOM   321  C  CA  . THR A 1 57  ? -8.238  -6.877  -4.949  1.00 12.80 ? 45  THR A CA  1 
ATOM   322  C  C   . THR A 1 57  ? -8.472  -6.969  -3.439  1.00 12.89 ? 45  THR A C   1 
ATOM   323  O  O   . THR A 1 57  ? -9.459  -6.441  -2.964  1.00 13.64 ? 45  THR A O   1 
ATOM   324  C  CB  . THR A 1 57  ? -9.371  -7.505  -5.706  1.00 14.41 ? 45  THR A CB  1 
ATOM   325  O  OG1 . THR A 1 57  ? -9.344  -8.907  -5.485  1.00 15.75 ? 45  THR A OG1 1 
ATOM   326  C  CG2 . THR A 1 57  ? -9.259  -7.199  -7.187  1.00 16.99 ? 45  THR A CG2 1 
ATOM   327  N  N   . THR A 1 58  ? -7.546  -7.607  -2.718  1.00 13.89 ? 46  THR A N   1 
ATOM   328  C  CA  . THR A 1 58  ? -7.603  -7.728  -1.255  1.00 14.65 ? 46  THR A CA  1 
ATOM   329  C  C   . THR A 1 58  ? -6.411  -7.048  -0.587  1.00 13.77 ? 46  THR A C   1 
ATOM   330  O  O   . THR A 1 58  ? -6.089  -7.311  0.569   1.00 14.56 ? 46  THR A O   1 
ATOM   331  C  CB  . THR A 1 58  ? -7.710  -9.160  -0.837  1.00 14.43 ? 46  THR A CB  1 
ATOM   332  O  OG1 . THR A 1 58  ? -6.666  -9.889  -1.487  1.00 14.64 ? 46  THR A OG1 1 
ATOM   333  C  CG2 . THR A 1 58  ? -9.061  -9.727  -1.225  1.00 13.50 ? 46  THR A CG2 1 
ATOM   334  N  N   . ALA A 1 59  ? -5.802  -6.098  -1.308  1.00 12.84 ? 47  ALA A N   1 
ATOM   335  C  CA  . ALA A 1 59  ? -4.769  -5.240  -0.771  1.00 13.73 ? 47  ALA A CA  1 
ATOM   336  C  C   . ALA A 1 59  ? -4.890  -3.871  -1.478  1.00 14.49 ? 47  ALA A C   1 
ATOM   337  O  O   . ALA A 1 59  ? -5.630  -3.713  -2.443  1.00 14.40 ? 47  ALA A O   1 
ATOM   338  C  CB  . ALA A 1 59  ? -3.417  -5.846  -0.949  1.00 14.63 ? 47  ALA A CB  1 
ATOM   339  N  N   . GLY A 1 60  ? -4.163  -2.892  -0.974  1.00 14.43 ? 48  GLY A N   1 
ATOM   340  C  CA  . GLY A 1 60  ? -4.211  -1.568  -1.545  1.00 13.17 ? 48  GLY A CA  1 
ATOM   341  C  C   . GLY A 1 60  ? -2.931  -0.810  -1.252  1.00 13.21 ? 48  GLY A C   1 
ATOM   342  O  O   . GLY A 1 60  ? -1.908  -1.397  -0.846  1.00 13.34 ? 48  GLY A O   1 
ATOM   343  N  N   . ILE A 1 61  ? -2.977  0.487   -1.552  1.00 11.36 ? 49  ILE A N   1 
ATOM   344  C  CA  . ILE A 1 61  ? -1.841  1.394   -1.331  1.00 11.43 ? 49  ILE A CA  1 
ATOM   345  C  C   . ILE A 1 61  ? -2.346  2.599   -0.559  1.00 12.44 ? 49  ILE A C   1 
ATOM   346  O  O   . ILE A 1 61  ? -3.406  3.133   -0.873  1.00 12.99 ? 49  ILE A O   1 
ATOM   347  C  CB  . ILE A 1 61  ? -1.222  1.901   -2.655  1.00 12.52 ? 49  ILE A CB  1 
ATOM   348  C  CG1 . ILE A 1 61  ? -0.899  0.735   -3.612  1.00 14.60 ? 49  ILE A CG1 1 
ATOM   349  C  CG2 . ILE A 1 61  ? -0.008  2.774   -2.387  1.00 13.96 ? 49  ILE A CG2 1 
ATOM   350  C  CD1 . ILE A 1 61  ? 0.208   -0.209  -3.234  1.00 15.00 ? 49  ILE A CD1 1 
ATOM   351  N  N   . THR A 1 62  ? -1.626  3.031   0.459   1.00 12.34 ? 50  THR A N   1 
ATOM   352  C  CA  . THR A 1 62  ? -1.945  4.284   1.118   1.00 13.30 ? 50  THR A CA  1 
ATOM   353  C  C   . THR A 1 62  ? -0.683  5.042   1.464   1.00 12.14 ? 50  THR A C   1 
ATOM   354  O  O   . THR A 1 62  ? 0.407   4.509   1.328   1.00 13.79 ? 50  THR A O   1 
ATOM   355  C  CB  . THR A 1 62  ? -2.775  4.084   2.410   1.00 13.89 ? 50  THR A CB  1 
ATOM   356  O  OG1 . THR A 1 62  ? -3.397  5.346   2.766   1.00 13.49 ? 50  THR A OG1 1 
ATOM   357  C  CG2 . THR A 1 62  ? -1.942  3.560   3.540   1.00 14.49 ? 50  THR A CG2 1 
ATOM   358  N  N   . ILE A 1 63  ? -0.812  6.288   1.881   1.00 13.08 ? 51  ILE A N   1 
ATOM   359  C  CA  . ILE A 1 63  ? 0.364   7.111   2.313   1.00 12.33 ? 51  ILE A CA  1 
ATOM   360  C  C   . ILE A 1 63  ? 0.030   7.583   3.702   1.00 13.07 ? 51  ILE A C   1 
ATOM   361  O  O   . ILE A 1 63  ? -1.047  8.151   3.898   1.00 14.22 ? 51  ILE A O   1 
ATOM   362  C  CB  . ILE A 1 63  ? 0.605   8.264   1.330   1.00 14.14 ? 51  ILE A CB  1 
ATOM   363  C  CG1 . ILE A 1 63  ? 0.968   7.696   -0.061  1.00 14.32 ? 51  ILE A CG1 1 
ATOM   364  C  CG2 . ILE A 1 63  ? 1.677   9.215   1.817   1.00 14.84 ? 51  ILE A CG2 1 
ATOM   365  C  CD1 . ILE A 1 63  ? 1.281   8.689   -1.174  1.00 16.48 ? 51  ILE A CD1 1 
ATOM   366  N  N   . ASN A 1 64  ? 0.912   7.367   4.666   1.00 12.17 ? 52  ASN A N   1 
ATOM   367  C  CA  . ASN A 1 64  ? 0.574   7.745   6.024   1.00 13.58 ? 52  ASN A CA  1 
ATOM   368  C  C   . ASN A 1 64  ? 1.850   7.783   6.852   1.00 13.91 ? 52  ASN A C   1 
ATOM   369  O  O   . ASN A 1 64  ? 2.955   7.680   6.320   1.00 13.51 ? 52  ASN A O   1 
ATOM   370  C  CB  . ASN A 1 64  ? -0.544  6.859   6.611   1.00 16.13 ? 52  ASN A CB  1 
ATOM   371  C  CG  . ASN A 1 64  ? -1.470  7.622   7.552   1.00 13.74 ? 52  ASN A CG  1 
ATOM   372  O  OD1 . ASN A 1 64  ? -1.007  8.170   8.552   1.00 13.86 ? 52  ASN A OD1 1 
ATOM   373  N  ND2 . ASN A 1 64  ? -2.771  7.686   7.221   1.00 16.19 ? 52  ASN A ND2 1 
ATOM   374  N  N   . GLU A 1 65  ? 1.690   7.970   8.159   1.00 12.84 ? 53  GLU A N   1 
ATOM   375  C  CA  . GLU A 1 65  ? 2.799   8.036   9.120   1.00 14.75 ? 53  GLU A CA  1 
ATOM   376  C  C   . GLU A 1 65  ? 3.717   6.831   8.997   1.00 15.43 ? 53  GLU A C   1 
ATOM   377  O  O   . GLU A 1 65  ? 3.240   5.689   9.060   1.00 15.39 ? 53  GLU A O   1 
ATOM   378  C  CB  . GLU A 1 65  ? 2.205   8.065   10.525  1.00 16.24 ? 53  GLU A CB  1 
ATOM   379  C  CG  . GLU A 1 65  ? 3.168   7.780   11.668  1.00 19.00 ? 53  GLU A CG  1 
ATOM   380  C  CD  . GLU A 1 65  ? 4.130   8.907   11.902  1.00 17.87 ? 53  GLU A CD  1 
ATOM   381  O  OE1 . GLU A 1 65  ? 3.702   10.081  11.883  1.00 18.31 ? 53  GLU A OE1 1 
ATOM   382  O  OE2 . GLU A 1 65  ? 5.328   8.634   12.081  1.00 17.54 ? 53  GLU A OE2 1 
ATOM   383  N  N   . ASN A 1 66  ? 5.023   7.092   8.913   1.00 14.31 ? 54  ASN A N   1 
ATOM   384  C  CA  . ASN A 1 66  ? 5.983   6.020   8.698   1.00 13.21 ? 54  ASN A CA  1 
ATOM   385  C  C   . ASN A 1 66  ? 7.021   5.850   9.775   1.00 13.79 ? 54  ASN A C   1 
ATOM   386  O  O   . ASN A 1 66  ? 7.992   5.117   9.562   1.00 14.22 ? 54  ASN A O   1 
ATOM   387  C  CB  . ASN A 1 66  ? 6.696   6.251   7.335   1.00 15.13 ? 54  ASN A CB  1 
ATOM   388  C  CG  . ASN A 1 66  ? 7.603   7.457   7.363   1.00 14.80 ? 54  ASN A CG  1 
ATOM   389  O  OD1 . ASN A 1 66  ? 7.644   8.171   8.361   1.00 20.05 ? 54  ASN A OD1 1 
ATOM   390  N  ND2 . ASN A 1 66  ? 8.406   7.660   6.288   1.00 23.58 ? 54  ASN A ND2 1 
ATOM   391  N  N   . ALA A 1 67  ? 6.847   6.494   10.921  1.00 13.53 ? 55  ALA A N   1 
ATOM   392  C  CA  . ALA A 1 67  ? 7.815   6.373   12.002  1.00 14.94 ? 55  ALA A CA  1 
ATOM   393  C  C   . ALA A 1 67  ? 7.178   6.094   13.372  1.00 13.19 ? 55  ALA A C   1 
ATOM   394  O  O   . ALA A 1 67  ? 7.815   6.324   14.392  1.00 16.80 ? 55  ALA A O   1 
ATOM   395  C  CB  . ALA A 1 67  ? 8.662   7.613   12.054  1.00 17.69 ? 55  ALA A CB  1 
ATOM   396  N  N   . ASP A 1 68  ? 5.951   5.593   13.396  1.00 13.82 ? 56  ASP A N   1 
ATOM   397  C  CA  . ASP A 1 68  ? 5.319   5.165   14.656  1.00 15.59 ? 56  ASP A CA  1 
ATOM   398  C  C   . ASP A 1 68  ? 4.455   3.953   14.407  1.00 15.42 ? 56  ASP A C   1 
ATOM   399  O  O   . ASP A 1 68  ? 3.342   4.058   13.857  1.00 14.83 ? 56  ASP A O   1 
ATOM   400  C  CB  . ASP A 1 68  ? 4.466   6.257   15.302  1.00 18.39 ? 56  ASP A CB  1 
ATOM   401  C  CG  . ASP A 1 68  ? 3.908   5.816   16.677  1.00 22.65 ? 56  ASP A CG  1 
ATOM   402  O  OD1 . ASP A 1 68  ? 4.237   4.703   17.159  1.00 26.94 ? 56  ASP A OD1 1 
ATOM   403  O  OD2 . ASP A 1 68  ? 3.153   6.596   17.281  1.00 28.47 ? 56  ASP A OD2 1 
ATOM   404  N  N   . PRO A 1 69  ? 4.939   2.793   14.831  1.00 16.08 ? 57  PRO A N   1 
ATOM   405  C  CA  . PRO A 1 69  ? 4.185   1.568   14.672  1.00 16.39 ? 57  PRO A CA  1 
ATOM   406  C  C   . PRO A 1 69  ? 2.797   1.606   15.287  1.00 16.35 ? 57  PRO A C   1 
ATOM   407  O  O   . PRO A 1 69  ? 1.921   0.872   14.823  1.00 17.21 ? 57  PRO A O   1 
ATOM   408  C  CB  . PRO A 1 69  ? 5.042   0.540   15.400  1.00 18.75 ? 57  PRO A CB  1 
ATOM   409  C  CG  . PRO A 1 69  ? 6.369   1.087   15.402  1.00 21.34 ? 57  PRO A CG  1 
ATOM   410  C  CD  . PRO A 1 69  ? 6.212   2.539   15.524  1.00 17.57 ? 57  PRO A CD  1 
ATOM   411  N  N   . ASP A 1 70  ? 2.578   2.451   16.284  1.00 15.66 ? 58  ASP A N   1 
ATOM   412  C  CA  . ASP A 1 70  ? 1.271   2.514   16.942  1.00 15.32 ? 58  ASP A CA  1 
ATOM   413  C  C   . ASP A 1 70  ? 0.199   3.074   15.983  1.00 15.13 ? 58  ASP A C   1 
ATOM   414  O  O   . ASP A 1 70  ? -0.954  2.693   16.064  1.00 14.90 ? 58  ASP A O   1 
ATOM   415  C  CB  . ASP A 1 70  ? 1.306   3.380   18.203  1.00 14.75 ? 58  ASP A CB  1 
ATOM   416  C  CG  . ASP A 1 70  ? 2.019   2.713   19.409  1.00 15.75 ? 58  ASP A CG  1 
ATOM   417  O  OD1 . ASP A 1 70  ? 2.080   1.471   19.528  1.00 17.74 ? 58  ASP A OD1 1 
ATOM   418  O  OD2 . ASP A 1 70  ? 2.491   3.455   20.280  1.00 17.54 ? 58  ASP A OD2 1 
ATOM   419  N  N   . VAL A 1 71  ? 0.581   3.971   15.071  1.00 16.56 ? 59  VAL A N   1 
ATOM   420  C  CA  . VAL A 1 71  ? -0.370  4.530   14.114  1.00 14.60 ? 59  VAL A CA  1 
ATOM   421  C  C   . VAL A 1 71  ? -0.811  3.462   13.150  1.00 16.14 ? 59  VAL A C   1 
ATOM   422  O  O   . VAL A 1 71  ? -2.000  3.343   12.883  1.00 15.63 ? 59  VAL A O   1 
ATOM   423  C  CB  . VAL A 1 71  ? 0.196   5.728   13.361  1.00 16.51 ? 59  VAL A CB  1 
ATOM   424  C  CG1 . VAL A 1 71  ? -0.745  6.150   12.194  1.00 15.25 ? 59  VAL A CG1 1 
ATOM   425  C  CG2 . VAL A 1 71  ? 0.401   6.875   14.318  1.00 17.63 ? 59  VAL A CG2 1 
ATOM   426  N  N   . THR A 1 72  ? 0.102   2.653   12.627  1.00 15.67 ? 60  THR A N   1 
ATOM   427  C  CA  . THR A 1 72  ? -0.307  1.649   11.660  1.00 17.39 ? 60  THR A CA  1 
ATOM   428  C  C   . THR A 1 72  ? -1.130  0.567   12.363  1.00 15.80 ? 60  THR A C   1 
ATOM   429  O  O   . THR A 1 72  ? -2.135  0.106   11.816  1.00 16.73 ? 60  THR A O   1 
ATOM   430  C  CB  . THR A 1 72  ? 0.886   1.033   10.887  1.00 22.44 ? 60  THR A CB  1 
ATOM   431  O  OG1 . THR A 1 72  ? 1.801   0.459   11.819  1.00 30.78 ? 60  THR A OG1 1 
ATOM   432  C  CG2 . THR A 1 72  ? 1.593   2.088   10.064  1.00 26.06 ? 60  THR A CG2 1 
ATOM   433  N  N   . ARG A 1 73  ? -0.776  0.246   13.612  1.00 15.30 ? 61  ARG A N   1 
ATOM   434  C  CA  . ARG A 1 73  ? -1.597  -0.656  14.387  1.00 13.97 ? 61  ARG A CA  1 
ATOM   435  C  C   . ARG A 1 73  ? -3.013  -0.107  14.618  1.00 15.01 ? 61  ARG A C   1 
ATOM   436  O  O   . ARG A 1 73  ? -4.010  -0.801  14.413  1.00 14.27 ? 61  ARG A O   1 
ATOM   437  C  CB  . ARG A 1 73  ? -0.927  -1.005  15.717  1.00 16.12 ? 61  ARG A CB  1 
ATOM   438  C  CG  . ARG A 1 73  ? -1.808  -1.792  16.682  1.00 14.15 ? 61  ARG A CG  1 
ATOM   439  C  CD  . ARG A 1 73  ? -2.566  -0.883  17.651  1.00 14.45 ? 61  ARG A CD  1 
ATOM   440  N  NE  . ARG A 1 73  ? -3.389  -1.676  18.587  1.00 16.35 ? 61  ARG A NE  1 
ATOM   441  C  CZ  . ARG A 1 73  ? -4.546  -1.288  19.112  1.00 13.59 ? 61  ARG A CZ  1 
ATOM   442  N  NH1 . ARG A 1 73  ? -5.078  -0.106  18.839  1.00 14.78 ? 61  ARG A NH1 1 
ATOM   443  N  NH2 . ARG A 1 73  ? -5.187  -2.100  19.945  1.00 18.27 ? 61  ARG A NH2 1 
ATOM   444  N  N   . ASP A 1 74  ? -3.101  1.167   14.999  1.00 13.99 ? 62  ASP A N   1 
ATOM   445  C  CA  . ASP A 1 74  ? -4.402  1.800   15.190  1.00 13.41 ? 62  ASP A CA  1 
ATOM   446  C  C   . ASP A 1 74  ? -5.263  1.765   13.937  1.00 14.84 ? 62  ASP A C   1 
ATOM   447  O  O   . ASP A 1 74  ? -6.464  1.541   14.009  1.00 14.66 ? 62  ASP A O   1 
ATOM   448  C  CB  . ASP A 1 74  ? -4.224  3.240   15.687  1.00 14.45 ? 62  ASP A CB  1 
ATOM   449  C  CG  . ASP A 1 74  ? -3.764  3.308   17.145  1.00 17.14 ? 62  ASP A CG  1 
ATOM   450  O  OD1 . ASP A 1 74  ? -3.747  2.249   17.842  1.00 13.81 ? 62  ASP A OD1 1 
ATOM   451  O  OD2 . ASP A 1 74  ? -3.424  4.426   17.591  1.00 13.89 ? 62  ASP A OD2 1 
ATOM   452  N  N   . ILE A 1 75  ? -4.660  1.975   12.780  1.00 14.37 ? 63  ILE A N   1 
ATOM   453  C  CA  . ILE A 1 75  ? -5.427  1.951   11.540  1.00 13.41 ? 63  ILE A CA  1 
ATOM   454  C  C   . ILE A 1 75  ? -5.947  0.549   11.247  1.00 14.63 ? 63  ILE A C   1 
ATOM   455  O  O   . ILE A 1 75  ? -7.128  0.359   10.994  1.00 14.33 ? 63  ILE A O   1 
ATOM   456  C  CB  . ILE A 1 75  ? -4.596  2.446   10.347  1.00 14.44 ? 63  ILE A CB  1 
ATOM   457  C  CG1 . ILE A 1 75  ? -4.210  3.925   10.527  1.00 14.65 ? 63  ILE A CG1 1 
ATOM   458  C  CG2 . ILE A 1 75  ? -5.374  2.314   9.028   1.00 16.17 ? 63  ILE A CG2 1 
ATOM   459  C  CD1 . ILE A 1 75  ? -3.189  4.457   9.523   1.00 17.45 ? 63  ILE A CD1 1 
ATOM   460  N  N   . LEU A 1 76  ? -5.061  -0.436  11.298  1.00 14.32 ? 64  LEU A N   1 
ATOM   461  C  CA  . LEU A 1 76  ? -5.462  -1.812  11.026  1.00 14.71 ? 64  LEU A CA  1 
ATOM   462  C  C   . LEU A 1 76  ? -6.527  -2.287  12.004  1.00 14.55 ? 64  LEU A C   1 
ATOM   463  O  O   . LEU A 1 76  ? -7.535  -2.857  11.608  1.00 16.45 ? 64  LEU A O   1 
ATOM   464  C  CB  . LEU A 1 76  ? -4.241  -2.750  11.063  1.00 16.06 ? 64  LEU A CB  1 
ATOM   465  C  CG  . LEU A 1 76  ? -3.285  -2.580  9.895   1.00 15.00 ? 64  LEU A CG  1 
ATOM   466  C  CD1 . LEU A 1 76  ? -2.016  -3.406  10.061  1.00 18.04 ? 64  LEU A CD1 1 
ATOM   467  C  CD2 . LEU A 1 76  ? -3.968  -2.953  8.612   1.00 16.38 ? 64  LEU A CD2 1 
ATOM   468  N  N   . VAL A 1 77  ? -6.298  -2.044  13.274  1.00 16.05 ? 65  VAL A N   1 
ATOM   469  C  CA  . VAL A 1 77  ? -7.198  -2.505  14.299  1.00 14.00 ? 65  VAL A CA  1 
ATOM   470  C  C   . VAL A 1 77  ? -8.562  -1.865  14.155  1.00 13.75 ? 65  VAL A C   1 
ATOM   471  O  O   . VAL A 1 77  ? -9.587  -2.514  14.297  1.00 17.22 ? 65  VAL A O   1 
ATOM   472  C  CB  . VAL A 1 77  ? -6.614  -2.227  15.724  1.00 16.08 ? 65  VAL A CB  1 
ATOM   473  C  CG1 . VAL A 1 77  ? -7.692  -2.293  16.835  1.00 16.67 ? 65  VAL A CG1 1 
ATOM   474  C  CG2 . VAL A 1 77  ? -5.473  -3.187  16.044  1.00 16.40 ? 65  VAL A CG2 1 
ATOM   475  N  N   . ASN A 1 78  ? -8.590  -0.575  13.847  1.00 12.75 ? 66  ASN A N   1 
ATOM   476  C  CA  . ASN A 1 78  ? -9.863  0.125   13.773  1.00 14.16 ? 66  ASN A CA  1 
ATOM   477  C  C   . ASN A 1 78  ? -10.603 -0.119  12.454  1.00 16.55 ? 66  ASN A C   1 
ATOM   478  O  O   . ASN A 1 78  ? -11.834 -0.186  12.447  1.00 16.12 ? 66  ASN A O   1 
ATOM   479  C  CB  . ASN A 1 78  ? -9.714  1.591   14.164  1.00 15.82 ? 66  ASN A CB  1 
ATOM   480  C  CG  . ASN A 1 78  ? -9.554  1.751   15.668  1.00 18.21 ? 66  ASN A CG  1 
ATOM   481  O  OD1 . ASN A 1 78  ? -10.553 1.736   16.419  1.00 17.90 ? 66  ASN A OD1 1 
ATOM   482  N  ND2 . ASN A 1 78  ? -8.309  1.805   16.127  1.00 16.39 ? 66  ASN A ND2 1 
ATOM   483  N  N   . LEU A 1 79  ? -9.876  -0.288  11.350  1.00 15.54 ? 67  LEU A N   1 
ATOM   484  C  CA  . LEU A 1 79  ? -10.533 -0.780  10.126  1.00 15.45 ? 67  LEU A CA  1 
ATOM   485  C  C   . LEU A 1 79  ? -11.164 -2.163  10.342  1.00 16.21 ? 67  LEU A C   1 
ATOM   486  O  O   . LEU A 1 79  ? -12.282 -2.427  9.883   1.00 17.31 ? 67  LEU A O   1 
ATOM   487  C  CB  . LEU A 1 79  ? -9.546  -0.839  8.968   1.00 15.42 ? 67  LEU A CB  1 
ATOM   488  C  CG  . LEU A 1 79  ? -9.066  0.493   8.393   1.00 16.78 ? 67  LEU A CG  1 
ATOM   489  C  CD1 . LEU A 1 79  ? -8.058  0.268   7.299   1.00 16.80 ? 67  LEU A CD1 1 
ATOM   490  C  CD2 . LEU A 1 79  ? -10.235 1.380   7.902   1.00 19.65 ? 67  LEU A CD2 1 
ATOM   491  N  N   . ASP A 1 80  ? -10.464 -3.049  11.051  1.00 17.78 ? 68  ASP A N   1 
ATOM   492  C  CA  . ASP A 1 80  ? -11.018 -4.351  11.437  1.00 17.11 ? 68  ASP A CA  1 
ATOM   493  C  C   . ASP A 1 80  ? -12.239 -4.259  12.328  1.00 16.82 ? 68  ASP A C   1 
ATOM   494  O  O   . ASP A 1 80  ? -13.190 -5.041  12.199  1.00 18.18 ? 68  ASP A O   1 
ATOM   495  C  CB  . ASP A 1 80  ? -9.941  -5.183  12.119  1.00 17.87 ? 68  ASP A CB  1 
ATOM   496  C  CG  . ASP A 1 80  ? -10.451 -6.526  12.593  1.00 20.62 ? 68  ASP A CG  1 
ATOM   497  O  OD1 . ASP A 1 80  ? -10.818 -7.376  11.763  1.00 23.85 ? 68  ASP A OD1 1 
ATOM   498  O  OD2 . ASP A 1 80  ? -10.466 -6.737  13.816  1.00 21.23 ? 68  ASP A OD2 1 
ATOM   499  N  N   . LYS A 1 81  ? -12.231 -3.303  13.237  1.00 16.56 ? 69  LYS A N   1 
ATOM   500  C  CA  . LYS A 1 81  ? -13.345 -3.144  14.150  1.00 16.24 ? 69  LYS A CA  1 
ATOM   501  C  C   . LYS A 1 81  ? -14.615 -2.777  13.380  1.00 19.14 ? 69  LYS A C   1 
ATOM   502  O  O   . LYS A 1 81  ? -15.695 -3.271  13.664  1.00 19.88 ? 69  LYS A O   1 
ATOM   503  C  CB  . LYS A 1 81  ? -12.991 -2.075  15.184  1.00 19.56 ? 69  LYS A CB  1 
ATOM   504  C  CG  . LYS A 1 81  ? -13.934 -1.994  16.362  1.00 24.46 ? 69  LYS A CG  1 
ATOM   505  C  CD  . LYS A 1 81  ? -13.499 -0.910  17.360  1.00 35.06 ? 69  LYS A CD  1 
ATOM   506  C  CE  . LYS A 1 81  ? -12.048 -1.063  17.867  1.00 38.22 ? 69  LYS A CE  1 
ATOM   507  N  NZ  . LYS A 1 81  ? -11.856 -2.256  18.764  1.00 42.55 ? 69  LYS A NZ  1 
ATOM   508  N  N   . VAL A 1 82  ? -14.470 -1.923  12.371  1.00 19.81 ? 70  VAL A N   1 
ATOM   509  C  CA  . VAL A 1 82  ? -15.601 -1.420  11.612  1.00 20.38 ? 70  VAL A CA  1 
ATOM   510  C  C   . VAL A 1 82  ? -16.084 -2.409  10.537  1.00 18.10 ? 70  VAL A C   1 
ATOM   511  O  O   . VAL A 1 82  ? -17.301 -2.540  10.305  1.00 20.07 ? 70  VAL A O   1 
ATOM   512  C  CB  . VAL A 1 82  ? -15.241 -0.063  10.980  1.00 19.37 ? 70  VAL A CB  1 
ATOM   513  C  CG1 . VAL A 1 82  ? -16.392 0.448   10.063  1.00 21.16 ? 70  VAL A CG1 1 
ATOM   514  C  CG2 . VAL A 1 82  ? -14.943 0.913   12.067  1.00 21.30 ? 70  VAL A CG2 1 
ATOM   515  N  N   . PHE A 1 83  ? -15.144 -3.127  9.930   1.00 18.28 ? 71  PHE A N   1 
ATOM   516  C  CA  . PHE A 1 83  ? -15.425 -4.131  8.916   1.00 18.48 ? 71  PHE A CA  1 
ATOM   517  C  C   . PHE A 1 83  ? -14.762 -5.437  9.313   1.00 18.07 ? 71  PHE A C   1 
ATOM   518  O  O   . PHE A 1 83  ? -13.699 -5.785  8.799   1.00 18.02 ? 71  PHE A O   1 
ATOM   519  C  CB  . PHE A 1 83  ? -14.892 -3.663  7.554   1.00 18.54 ? 71  PHE A CB  1 
ATOM   520  C  CG  . PHE A 1 83  ? -15.503 -2.393  7.096   1.00 20.50 ? 71  PHE A CG  1 
ATOM   521  C  CD1 . PHE A 1 83  ? -16.814 -2.363  6.649   1.00 19.66 ? 71  PHE A CD1 1 
ATOM   522  C  CD2 . PHE A 1 83  ? -14.785 -1.205  7.127   1.00 24.51 ? 71  PHE A CD2 1 
ATOM   523  C  CE1 . PHE A 1 83  ? -17.382 -1.173  6.250   1.00 21.20 ? 71  PHE A CE1 1 
ATOM   524  C  CE2 . PHE A 1 83  ? -15.376 0.003   6.709   1.00 21.90 ? 71  PHE A CE2 1 
ATOM   525  C  CZ  . PHE A 1 83  ? -16.660 0.002   6.277   1.00 21.76 ? 71  PHE A CZ  1 
ATOM   526  N  N   . PRO A 1 84  ? -15.377 -6.165  10.254  1.00 18.41 ? 72  PRO A N   1 
ATOM   527  C  CA  . PRO A 1 84  ? -14.769 -7.377  10.796  1.00 20.08 ? 72  PRO A CA  1 
ATOM   528  C  C   . PRO A 1 84  ? -14.723 -8.550  9.815   1.00 19.26 ? 72  PRO A C   1 
ATOM   529  O  O   . PRO A 1 84  ? -15.416 -8.552  8.802   1.00 18.59 ? 72  PRO A O   1 
ATOM   530  C  CB  . PRO A 1 84  ? -15.633 -7.693  12.020  1.00 21.78 ? 72  PRO A CB  1 
ATOM   531  C  CG  . PRO A 1 84  ? -16.873 -6.955  11.827  1.00 23.82 ? 72  PRO A CG  1 
ATOM   532  C  CD  . PRO A 1 84  ? -16.661 -5.836  10.892  1.00 20.61 ? 72  PRO A CD  1 
ATOM   533  N  N   . LYS A 1 85  ? -13.879 -9.528  10.107  1.00 21.16 ? 73  LYS A N   1 
ATOM   534  C  CA  . LYS A 1 85  ? -13.761 -10.708 9.250   1.00 22.05 ? 73  LYS A CA  1 
ATOM   535  C  C   . LYS A 1 85  ? -15.076 -11.486 9.173   1.00 23.20 ? 73  LYS A C   1 
ATOM   536  O  O   . LYS A 1 85  ? -15.421 -12.025 8.129   1.00 22.29 ? 73  LYS A O   1 
ATOM   537  C  CB  . LYS A 1 85  ? -12.655 -11.641 9.784   1.00 23.86 ? 73  LYS A CB  1 
ATOM   538  C  CG  . LYS A 1 85  ? -11.234 -11.104 9.689   1.00 26.17 ? 73  LYS A CG  1 
ATOM   539  C  CD  . LYS A 1 85  ? -10.187 -12.209 9.812   1.00 29.10 ? 73  LYS A CD  1 
ATOM   540  N  N   . VAL A 1 86  ? -15.787 -11.570 10.302  1.00 21.32 ? 74  VAL A N   1 
ATOM   541  C  CA  . VAL A 1 86  ? -17.088 -12.254 10.369  1.00 22.69 ? 74  VAL A CA  1 
ATOM   542  C  C   . VAL A 1 86  ? -18.210 -11.233 10.349  1.00 20.65 ? 74  VAL A C   1 
ATOM   543  O  O   . VAL A 1 86  ? -18.172 -10.217 11.072  1.00 21.19 ? 74  VAL A O   1 
ATOM   544  C  CB  . VAL A 1 86  ? -17.214 -13.175 11.625  1.00 25.33 ? 74  VAL A CB  1 
ATOM   545  C  CG1 . VAL A 1 86  ? -18.507 -13.955 11.578  1.00 27.30 ? 74  VAL A CG1 1 
ATOM   546  C  CG2 . VAL A 1 86  ? -16.028 -14.124 11.713  1.00 26.55 ? 74  VAL A CG2 1 
ATOM   547  N  N   . GLY A 1 87  ? -19.195 -11.457 9.494   1.00 18.58 ? 75  GLY A N   1 
ATOM   548  C  CA  . GLY A 1 87  ? -20.334 -10.549 9.423   1.00 18.35 ? 75  GLY A CA  1 
ATOM   549  C  C   . GLY A 1 87  ? -21.289 -10.911 8.306   1.00 18.69 ? 75  GLY A C   1 
ATOM   550  O  O   . GLY A 1 87  ? -21.407 -12.087 7.918   1.00 17.72 ? 75  GLY A O   1 
ATOM   551  N  N   . ASP A 1 88  ? -21.969 -9.888  7.790   1.00 17.66 ? 76  ASP A N   1 
ATOM   552  C  CA  . ASP A 1 88  ? -22.982 -10.023 6.778   1.00 16.72 ? 76  ASP A CA  1 
ATOM   553  C  C   . ASP A 1 88  ? -22.297 -10.067 5.437   1.00 16.62 ? 76  ASP A C   1 
ATOM   554  O  O   . ASP A 1 88  ? -22.243 -9.066  4.705   1.00 17.42 ? 76  ASP A O   1 
ATOM   555  C  CB  . ASP A 1 88  ? -23.946 -8.830  6.846   1.00 19.00 ? 76  ASP A CB  1 
ATOM   556  C  CG  . ASP A 1 88  ? -25.106 -8.953  5.887   1.00 24.61 ? 76  ASP A CG  1 
ATOM   557  O  OD1 . ASP A 1 88  ? -25.176 -9.957  5.143   1.00 24.40 ? 76  ASP A OD1 1 
ATOM   558  O  OD2 . ASP A 1 88  ? -25.953 -8.030  5.870   1.00 30.62 ? 76  ASP A OD2 1 
ATOM   559  N  N   . TYR A 1 89  ? -21.716 -11.222 5.153   1.00 15.15 ? 77  TYR A N   1 
ATOM   560  C  CA  . TYR A 1 89  ? -20.931 -11.451 3.947   1.00 15.33 ? 77  TYR A CA  1 
ATOM   561  C  C   . TYR A 1 89  ? -21.373 -12.740 3.272   1.00 15.72 ? 77  TYR A C   1 
ATOM   562  O  O   . TYR A 1 89  ? -21.324 -13.798 3.885   1.00 17.69 ? 77  TYR A O   1 
ATOM   563  C  CB  . TYR A 1 89  ? -19.443 -11.556 4.261   1.00 15.81 ? 77  TYR A CB  1 
ATOM   564  C  CG  . TYR A 1 89  ? -18.826 -10.436 5.056   1.00 13.96 ? 77  TYR A CG  1 
ATOM   565  C  CD1 . TYR A 1 89  ? -18.737 -9.172  4.537   1.00 15.50 ? 77  TYR A CD1 1 
ATOM   566  C  CD2 . TYR A 1 89  ? -18.280 -10.665 6.311   1.00 17.70 ? 77  TYR A CD2 1 
ATOM   567  C  CE1 . TYR A 1 89  ? -18.123 -8.140  5.240   1.00 15.28 ? 77  TYR A CE1 1 
ATOM   568  C  CE2 . TYR A 1 89  ? -17.695 -9.663  7.030   1.00 18.00 ? 77  TYR A CE2 1 
ATOM   569  C  CZ  . TYR A 1 89  ? -17.600 -8.382  6.483   1.00 15.01 ? 77  TYR A CZ  1 
ATOM   570  O  OH  . TYR A 1 89  ? -17.023 -7.331  7.176   1.00 17.69 ? 77  TYR A OH  1 
ATOM   571  N  N   . LYS A 1 90  ? -21.762 -12.648 2.012   1.00 14.71 ? 78  LYS A N   1 
ATOM   572  C  CA  . LYS A 1 90  ? -22.106 -13.803 1.195   1.00 16.46 ? 78  LYS A CA  1 
ATOM   573  C  C   . LYS A 1 90  ? -20.907 -14.493 0.572   1.00 16.25 ? 78  LYS A C   1 
ATOM   574  O  O   . LYS A 1 90  ? -20.979 -15.687 0.281   1.00 18.64 ? 78  LYS A O   1 
ATOM   575  C  CB  A LYS A 1 90  ? -23.052 -13.382 0.070   0.65 17.63 ? 78  LYS A CB  1 
ATOM   576  C  CB  B LYS A 1 90  ? -23.069 -13.377 0.077   0.35 16.06 ? 78  LYS A CB  1 
ATOM   577  C  CG  A LYS A 1 90  ? -24.423 -12.966 0.541   0.65 21.73 ? 78  LYS A CG  1 
ATOM   578  C  CG  B LYS A 1 90  ? -24.399 -12.848 0.579   0.35 14.24 ? 78  LYS A CG  1 
ATOM   579  C  CD  A LYS A 1 90  ? -25.359 -12.808 -0.633  0.65 27.62 ? 78  LYS A CD  1 
ATOM   580  C  CD  B LYS A 1 90  ? -25.074 -13.866 1.473   0.35 13.83 ? 78  LYS A CD  1 
ATOM   581  N  N   . HIS A 1 91  ? -19.820 -13.744 0.368   1.00 14.95 ? 79  HIS A N   1 
ATOM   582  C  CA  . HIS A 1 91  ? -18.713 -14.238 -0.438  1.00 15.66 ? 79  HIS A CA  1 
ATOM   583  C  C   . HIS A 1 91  ? -18.080 -15.470 0.164   1.00 15.12 ? 79  HIS A C   1 
ATOM   584  O  O   . HIS A 1 91  ? -17.646 -15.458 1.309   1.00 15.90 ? 79  HIS A O   1 
ATOM   585  C  CB  . HIS A 1 91  ? -17.675 -13.162 -0.627  1.00 15.08 ? 79  HIS A CB  1 
ATOM   586  C  CG  . HIS A 1 91  ? -16.506 -13.589 -1.460  1.00 16.67 ? 79  HIS A CG  1 
ATOM   587  N  ND1 . HIS A 1 91  ? -16.653 -14.233 -2.669  1.00 23.62 ? 79  HIS A ND1 1 
ATOM   588  C  CD2 . HIS A 1 91  ? -15.179 -13.410 -1.286  1.00 21.37 ? 79  HIS A CD2 1 
ATOM   589  C  CE1 . HIS A 1 91  ? -15.460 -14.444 -3.197  1.00 22.57 ? 79  HIS A CE1 1 
ATOM   590  N  NE2 . HIS A 1 91  ? -14.553 -13.961 -2.376  1.00 20.70 ? 79  HIS A NE2 1 
ATOM   591  N  N   . VAL A 1 92  ? -18.040 -16.552 -0.615  1.00 15.55 ? 80  VAL A N   1 
ATOM   592  C  CA  . VAL A 1 92  ? -17.714 -17.857 -0.049  1.00 15.93 ? 80  VAL A CA  1 
ATOM   593  C  C   . VAL A 1 92  ? -16.255 -17.980 0.412   1.00 14.73 ? 80  VAL A C   1 
ATOM   594  O  O   . VAL A 1 92  ? -15.961 -18.811 1.281   1.00 16.12 ? 80  VAL A O   1 
ATOM   595  C  CB  . VAL A 1 92  ? -18.096 -19.059 -0.963  1.00 17.99 ? 80  VAL A CB  1 
ATOM   596  C  CG1 . VAL A 1 92  ? -19.606 -19.035 -1.235  1.00 19.76 ? 80  VAL A CG1 1 
ATOM   597  C  CG2 . VAL A 1 92  ? -17.290 -19.056 -2.255  1.00 20.39 ? 80  VAL A CG2 1 
ATOM   598  N  N   . GLU A 1 93  ? -15.342 -17.162 -0.109  1.00 15.04 ? 81  GLU A N   1 
ATOM   599  C  CA  . GLU A 1 93  ? -13.935 -17.287 0.294   1.00 13.81 ? 81  GLU A CA  1 
ATOM   600  C  C   . GLU A 1 93  ? -13.712 -16.734 1.682   1.00 16.88 ? 81  GLU A C   1 
ATOM   601  O  O   . GLU A 1 93  ? -12.727 -17.096 2.363   1.00 19.33 ? 81  GLU A O   1 
ATOM   602  C  CB  . GLU A 1 93  ? -13.031 -16.572 -0.673  1.00 16.48 ? 81  GLU A CB  1 
ATOM   603  C  CG  . GLU A 1 93  ? -12.921 -17.222 -2.005  1.00 20.12 ? 81  GLU A CG  1 
ATOM   604  C  CD  . GLU A 1 93  ? -11.893 -16.532 -2.863  1.00 22.08 ? 81  GLU A CD  1 
ATOM   605  O  OE1 . GLU A 1 93  ? -10.912 -16.011 -2.288  1.00 29.29 ? 81  GLU A OE1 1 
ATOM   606  O  OE2 . GLU A 1 93  ? -12.090 -16.479 -4.082  1.00 27.38 ? 81  GLU A OE2 1 
ATOM   607  N  N   . GLY A 1 94  ? -14.612 -15.855 2.101   1.00 13.73 ? 82  GLY A N   1 
ATOM   608  C  CA  . GLY A 1 94  ? -14.561 -15.332 3.461   1.00 16.34 ? 82  GLY A CA  1 
ATOM   609  C  C   . GLY A 1 94  ? -13.608 -14.167 3.634   1.00 18.77 ? 82  GLY A C   1 
ATOM   610  O  O   . GLY A 1 94  ? -13.131 -13.887 4.740   1.00 20.23 ? 82  GLY A O   1 
ATOM   611  N  N   . ASN A 1 95  ? -13.313 -13.487 2.540   1.00 16.12 ? 83  ASN A N   1 
ATOM   612  C  CA  . ASN A 1 95  ? -12.404 -12.327 2.593   1.00 16.69 ? 83  ASN A CA  1 
ATOM   613  C  C   . ASN A 1 95  ? -13.004 -11.033 2.088   1.00 17.16 ? 83  ASN A C   1 
ATOM   614  O  O   . ASN A 1 95  ? -12.274 -10.081 1.760   1.00 16.06 ? 83  ASN A O   1 
ATOM   615  C  CB  . ASN A 1 95  ? -11.079 -12.658 1.893   1.00 19.60 ? 83  ASN A CB  1 
ATOM   616  C  CG  . ASN A 1 95  ? -11.269 -13.045 0.468   1.00 23.49 ? 83  ASN A CG  1 
ATOM   617  O  OD1 . ASN A 1 95  ? -12.389 -13.000 -0.037  1.00 18.48 ? 83  ASN A OD1 1 
ATOM   618  N  ND2 . ASN A 1 95  ? -10.186 -13.442 -0.207  1.00 29.42 ? 83  ASN A ND2 1 
ATOM   619  N  N   . SER A 1 96  ? -14.331 -10.930 2.127   1.00 15.19 ? 84  SER A N   1 
ATOM   620  C  CA  . SER A 1 96  ? -14.949 -9.675  1.746   1.00 13.63 ? 84  SER A CA  1 
ATOM   621  C  C   . SER A 1 96  ? -14.456 -8.489  2.596   1.00 15.44 ? 84  SER A C   1 
ATOM   622  O  O   . SER A 1 96  ? -14.375 -7.351  2.108   1.00 15.65 ? 84  SER A O   1 
ATOM   623  C  CB  . SER A 1 96  ? -16.478 -9.751  1.779   1.00 19.66 ? 84  SER A CB  1 
ATOM   624  O  OG  . SER A 1 96  ? -16.947 -10.409 0.624   1.00 23.07 ? 84  SER A OG  1 
ATOM   625  N  N   . HIS A 1 97  ? -14.183 -8.726  3.874   1.00 15.03 ? 85  HIS A N   1 
ATOM   626  C  CA  . HIS A 1 97  ? -13.636 -7.637  4.720   1.00 15.24 ? 85  HIS A CA  1 
ATOM   627  C  C   . HIS A 1 97  ? -12.417 -7.010  4.052   1.00 13.53 ? 85  HIS A C   1 
ATOM   628  O  O   . HIS A 1 97  ? -12.211 -5.778  4.062   1.00 15.34 ? 85  HIS A O   1 
ATOM   629  C  CB  . HIS A 1 97  ? -13.268 -8.165  6.107   1.00 15.71 ? 85  HIS A CB  1 
ATOM   630  C  CG  . HIS A 1 97  ? -12.173 -9.183  6.105   1.00 16.65 ? 85  HIS A CG  1 
ATOM   631  N  ND1 . HIS A 1 97  ? -12.377 -10.476 5.685   1.00 25.80 ? 85  HIS A ND1 1 
ATOM   632  C  CD2 . HIS A 1 97  ? -10.869 -9.106  6.463   1.00 23.60 ? 85  HIS A CD2 1 
ATOM   633  C  CE1 . HIS A 1 97  ? -11.247 -11.155 5.780   1.00 24.48 ? 85  HIS A CE1 1 
ATOM   634  N  NE2 . HIS A 1 97  ? -10.317 -10.350 6.254   1.00 21.89 ? 85  HIS A NE2 1 
ATOM   635  N  N   . ALA A 1 98  ? -11.591 -7.857  3.475   1.00 12.77 ? 86  ALA A N   1 
ATOM   636  C  CA  . ALA A 1 98  ? -10.357 -7.423  2.802   1.00 13.33 ? 86  ALA A CA  1 
ATOM   637  C  C   . ALA A 1 98  ? -10.680 -6.654  1.526   1.00 13.90 ? 86  ALA A C   1 
ATOM   638  O  O   . ALA A 1 98  ? -10.027 -5.652  1.221   1.00 13.67 ? 86  ALA A O   1 
ATOM   639  C  CB  . ALA A 1 98  ? -9.479  -8.586  2.495   1.00 13.04 ? 86  ALA A CB  1 
ATOM   640  N  N   . HIS A 1 99  ? -11.654 -7.138  0.755   1.00 12.88 ? 87  HIS A N   1 
ATOM   641  C  CA  . HIS A 1 99  ? -12.072 -6.430  -0.451  1.00 12.72 ? 87  HIS A CA  1 
ATOM   642  C  C   . HIS A 1 99  ? -12.558 -4.998  -0.114  1.00 14.05 ? 87  HIS A C   1 
ATOM   643  O  O   . HIS A 1 99  ? -12.265 -4.030  -0.851  1.00 14.25 ? 87  HIS A O   1 
ATOM   644  C  CB  . HIS A 1 99  ? -13.181 -7.185  -1.189  1.00 14.26 ? 87  HIS A CB  1 
ATOM   645  C  CG  . HIS A 1 99  ? -12.720 -8.418  -1.892  1.00 13.11 ? 87  HIS A CG  1 
ATOM   646  N  ND1 . HIS A 1 99  ? -11.988 -8.367  -3.062  1.00 15.72 ? 87  HIS A ND1 1 
ATOM   647  C  CD2 . HIS A 1 99  ? -12.882 -9.731  -1.609  1.00 14.21 ? 87  HIS A CD2 1 
ATOM   648  C  CE1 . HIS A 1 99  ? -11.724 -9.603  -3.458  1.00 15.36 ? 87  HIS A CE1 1 
ATOM   649  N  NE2 . HIS A 1 99  ? -12.256 -10.451 -2.603  1.00 15.33 ? 87  HIS A NE2 1 
ATOM   650  N  N   . ILE A 1 100 ? -13.288 -4.873  1.010   1.00 12.21 ? 88  ILE A N   1 
ATOM   651  C  CA  . ILE A 1 100 ? -13.822 -3.573  1.412   1.00 13.86 ? 88  ILE A CA  1 
ATOM   652  C  C   . ILE A 1 100 ? -12.679 -2.650  1.793   1.00 13.87 ? 88  ILE A C   1 
ATOM   653  O  O   . ILE A 1 100 ? -12.602 -1.510  1.344   1.00 14.17 ? 88  ILE A O   1 
ATOM   654  C  CB  . ILE A 1 100 ? -14.785 -3.706  2.591   1.00 14.46 ? 88  ILE A CB  1 
ATOM   655  C  CG1 . ILE A 1 100 ? -16.064 -4.428  2.155   1.00 15.43 ? 88  ILE A CG1 1 
ATOM   656  C  CG2 . ILE A 1 100 ? -15.125 -2.356  3.174   1.00 17.26 ? 88  ILE A CG2 1 
ATOM   657  C  CD1 . ILE A 1 100 ? -16.819 -5.000  3.304   1.00 17.90 ? 88  ILE A CD1 1 
ATOM   658  N  N   . LYS A 1 101 ? -11.803 -3.137  2.649   1.00 13.26 ? 89  LYS A N   1 
ATOM   659  C  CA  . LYS A 1 101 ? -10.717 -2.304  3.107   1.00 13.60 ? 89  LYS A CA  1 
ATOM   660  C  C   . LYS A 1 101 ? -9.774  -1.901  1.977   1.00 12.67 ? 89  LYS A C   1 
ATOM   661  O  O   . LYS A 1 101 ? -9.249  -0.788  1.957   1.00 14.08 ? 89  LYS A O   1 
ATOM   662  C  CB  . LYS A 1 101 ? -9.970  -2.978  4.257   1.00 14.00 ? 89  LYS A CB  1 
ATOM   663  C  CG  . LYS A 1 101 ? -10.856 -3.118  5.481   1.00 14.87 ? 89  LYS A CG  1 
ATOM   664  C  CD  . LYS A 1 101 ? -10.187 -3.743  6.709   1.00 20.10 ? 89  LYS A CD  1 
ATOM   665  C  CE  . LYS A 1 101 ? -9.841  -5.166  6.543   1.00 19.83 ? 89  LYS A CE  1 
ATOM   666  N  NZ  . LYS A 1 101 ? -9.323  -5.811  7.863   1.00 15.64 ? 89  LYS A NZ  1 
ATOM   667  N  N   . ALA A 1 102 ? -9.550  -2.816  1.048   1.00 13.06 ? 90  ALA A N   1 
ATOM   668  C  CA  . ALA A 1 102 ? -8.763  -2.508  -0.129  1.00 14.52 ? 90  ALA A CA  1 
ATOM   669  C  C   . ALA A 1 102 ? -9.353  -1.311  -0.894  1.00 13.34 ? 90  ALA A C   1 
ATOM   670  O  O   . ALA A 1 102 ? -8.604  -0.379  -1.301  1.00 14.73 ? 90  ALA A O   1 
ATOM   671  C  CB  . ALA A 1 102 ? -8.675  -3.752  -1.030  1.00 15.32 ? 90  ALA A CB  1 
ATOM   672  N  N   . SER A 1 103 ? -10.661 -1.290  -1.109  1.00 14.48 ? 91  SER A N   1 
ATOM   673  C  CA  . SER A 1 103 ? -11.295 -0.181  -1.854  1.00 14.38 ? 91  SER A CA  1 
ATOM   674  C  C   . SER A 1 103 ? -11.197 1.100   -1.056  1.00 14.67 ? 91  SER A C   1 
ATOM   675  O  O   . SER A 1 103 ? -11.053 2.201   -1.624  1.00 15.08 ? 91  SER A O   1 
ATOM   676  C  CB  . SER A 1 103 ? -12.758 -0.472  -2.201  1.00 14.71 ? 91  SER A CB  1 
ATOM   677  O  OG  . SER A 1 103 ? -12.869 -1.111  -3.465  1.00 15.95 ? 91  SER A OG  1 
ATOM   678  N  N   . LEU A 1 104 ? -11.275 0.985   0.272   1.00 13.46 ? 92  LEU A N   1 
ATOM   679  C  CA  . LEU A 1 104 ? -11.175 2.169   1.124   1.00 15.24 ? 92  LEU A CA  1 
ATOM   680  C  C   . LEU A 1 104 ? -9.808  2.806   1.119   1.00 13.73 ? 92  LEU A C   1 
ATOM   681  O  O   . LEU A 1 104 ? -9.683  4.053   1.157   1.00 13.89 ? 92  LEU A O   1 
ATOM   682  C  CB  . LEU A 1 104 ? -11.572 1.860   2.566   1.00 13.48 ? 92  LEU A CB  1 
ATOM   683  C  CG  . LEU A 1 104 ? -13.030 1.494   2.842   1.00 15.35 ? 92  LEU A CG  1 
ATOM   684  C  CD1 . LEU A 1 104 ? -13.276 0.992   4.263   1.00 16.54 ? 92  LEU A CD1 1 
ATOM   685  C  CD2 . LEU A 1 104 ? -13.969 2.625   2.554   1.00 17.41 ? 92  LEU A CD2 1 
ATOM   686  N  N   . MET A 1 105 ? -8.763  2.004   1.104   1.00 13.50 ? 93  MET A N   1 
ATOM   687  C  CA  . MET A 1 105 ? -7.397  2.552   0.995   1.00 13.00 ? 93  MET A CA  1 
ATOM   688  C  C   . MET A 1 105 ? -7.131  3.071   -0.406  1.00 13.93 ? 93  MET A C   1 
ATOM   689  O  O   . MET A 1 105 ? -6.528  4.144   -0.593  1.00 15.36 ? 93  MET A O   1 
ATOM   690  C  CB  . MET A 1 105 ? -6.348  1.489   1.366   1.00 13.06 ? 93  MET A CB  1 
ATOM   691  C  CG  . MET A 1 105 ? -6.418  1.035   2.813   1.00 13.78 ? 93  MET A CG  1 
ATOM   692  S  SD  . MET A 1 105 ? -6.083  2.327   4.030   1.00 15.15 ? 93  MET A SD  1 
ATOM   693  C  CE  . MET A 1 105 ? -7.752  2.880   4.410   1.00 15.72 ? 93  MET A CE  1 
ATOM   694  N  N   . GLY A 1 106 ? -7.542  2.314   -1.414  1.00 14.02 ? 94  GLY A N   1 
ATOM   695  C  CA  . GLY A 1 106 ? -7.277  2.614   -2.789  1.00 15.07 ? 94  GLY A CA  1 
ATOM   696  C  C   . GLY A 1 106 ? -6.365  1.624   -3.482  1.00 13.99 ? 94  GLY A C   1 
ATOM   697  O  O   . GLY A 1 106 ? -5.522  0.972   -2.871  1.00 14.03 ? 94  GLY A O   1 
ATOM   698  N  N   . SER A 1 107 ? -6.555  1.534   -4.801  1.00 12.09 ? 95  SER A N   1 
ATOM   699  C  CA  . SER A 1 107 ? -5.778  0.649   -5.664  1.00 12.54 ? 95  SER A CA  1 
ATOM   700  C  C   . SER A 1 107 ? -4.447  1.256   -6.093  1.00 13.32 ? 95  SER A C   1 
ATOM   701  O  O   . SER A 1 107 ? -3.547  0.507   -6.469  1.00 13.09 ? 95  SER A O   1 
ATOM   702  C  CB  . SER A 1 107 ? -6.609  0.278   -6.904  1.00 13.27 ? 95  SER A CB  1 
ATOM   703  O  OG  . SER A 1 107 ? -7.056  1.459   -7.591  1.00 14.14 ? 95  SER A OG  1 
ATOM   704  N  N   . SER A 1 108 ? -4.276  2.562   -5.950  1.00 13.52 ? 96  SER A N   1 
ATOM   705  C  CA  . SER A 1 108 ? -3.020  3.226   -6.287  1.00 13.86 ? 96  SER A CA  1 
ATOM   706  C  C   . SER A 1 108 ? -2.892  4.513   -5.522  1.00 15.40 ? 96  SER A C   1 
ATOM   707  O  O   . SER A 1 108 ? -3.870  5.071   -5.001  1.00 14.99 ? 96  SER A O   1 
ATOM   708  C  CB  . SER A 1 108 ? -2.944  3.517   -7.788  1.00 15.10 ? 96  SER A CB  1 
ATOM   709  O  OG  . SER A 1 108 ? -3.833  4.568   -8.155  1.00 16.83 ? 96  SER A OG  1 
ATOM   710  N  N   . GLN A 1 109 ? -1.659  4.970   -5.420  1.00 13.79 ? 97  GLN A N   1 
ATOM   711  C  CA  . GLN A 1 109 ? -1.396  6.318   -5.003  1.00 12.06 ? 97  GLN A CA  1 
ATOM   712  C  C   . GLN A 1 109 ? -0.313  6.898   -5.921  1.00 11.97 ? 97  GLN A C   1 
ATOM   713  O  O   . GLN A 1 109 ? 0.457   6.184   -6.598  1.00 15.09 ? 97  GLN A O   1 
ATOM   714  C  CB  . GLN A 1 109 ? -0.991  6.405   -3.538  1.00 14.18 ? 97  GLN A CB  1 
ATOM   715  C  CG  . GLN A 1 109 ? -1.996  5.796   -2.568  1.00 14.08 ? 97  GLN A CG  1 
ATOM   716  C  CD  . GLN A 1 109 ? -3.311  6.505   -2.520  1.00 14.28 ? 97  GLN A CD  1 
ATOM   717  O  OE1 . GLN A 1 109 ? -3.438  7.652   -2.957  1.00 16.90 ? 97  GLN A OE1 1 
ATOM   718  N  NE2 . GLN A 1 109 ? -4.320  5.839   -1.935  1.00 15.63 ? 97  GLN A NE2 1 
ATOM   719  N  N   . GLN A 1 110 ? -0.183  8.217   -5.870  1.00 14.26 ? 98  GLN A N   1 
ATOM   720  C  CA  . GLN A 1 110 ? 0.819   8.906   -6.679  1.00 14.41 ? 98  GLN A CA  1 
ATOM   721  C  C   . GLN A 1 110 ? 1.505   9.985   -5.869  1.00 14.11 ? 98  GLN A C   1 
ATOM   722  O  O   . GLN A 1 110 ? 0.927   10.554  -4.929  1.00 15.65 ? 98  GLN A O   1 
ATOM   723  C  CB  . GLN A 1 110 ? 0.289   9.370   -8.026  1.00 18.62 ? 98  GLN A CB  1 
ATOM   724  C  CG  . GLN A 1 110 ? -0.764  10.389  -7.998  1.00 20.09 ? 98  GLN A CG  1 
ATOM   725  C  CD  . GLN A 1 110 ? -1.166  10.805  -9.424  1.00 19.16 ? 98  GLN A CD  1 
ATOM   726  O  OE1 . GLN A 1 110 ? -0.431  10.578  -10.443 1.00 22.75 ? 98  GLN A OE1 1 
ATOM   727  N  NE2 . GLN A 1 110 ? -2.339  11.361  -9.508  1.00 21.71 ? 98  GLN A NE2 1 
ATOM   728  N  N   . ILE A 1 111 ? 2.785   10.197  -6.195  1.00 13.50 ? 99  ILE A N   1 
ATOM   729  C  CA  . ILE A 1 111 ? 3.646   11.091  -5.452  1.00 13.57 ? 99  ILE A CA  1 
ATOM   730  C  C   . ILE A 1 111 ? 4.394   11.954  -6.473  1.00 12.89 ? 99  ILE A C   1 
ATOM   731  O  O   . ILE A 1 111 ? 4.880   11.473  -7.497  1.00 12.80 ? 99  ILE A O   1 
ATOM   732  C  CB  . ILE A 1 111 ? 4.638   10.288  -4.581  1.00 12.85 ? 99  ILE A CB  1 
ATOM   733  C  CG1 . ILE A 1 111 ? 3.901   9.256   -3.711  1.00 16.35 ? 99  ILE A CG1 1 
ATOM   734  C  CG2 . ILE A 1 111 ? 5.501   11.224  -3.717  1.00 14.48 ? 99  ILE A CG2 1 
ATOM   735  C  CD1 . ILE A 1 111 ? 3.750   7.892   -4.351  1.00 18.74 ? 99  ILE A CD1 1 
ATOM   736  N  N   . ILE A 1 112 ? 4.513   13.232  -6.172  1.00 12.89 ? 100 ILE A N   1 
ATOM   737  C  CA  . ILE A 1 112 ? 5.238   14.152  -7.008  1.00 14.22 ? 100 ILE A CA  1 
ATOM   738  C  C   . ILE A 1 112 ? 6.717   13.867  -6.872  1.00 13.12 ? 100 ILE A C   1 
ATOM   739  O  O   . ILE A 1 112 ? 7.225   13.581  -5.756  1.00 12.83 ? 100 ILE A O   1 
ATOM   740  C  CB  . ILE A 1 112 ? 4.945   15.579  -6.589  1.00 13.76 ? 100 ILE A CB  1 
ATOM   741  C  CG1 . ILE A 1 112 ? 3.469   15.915  -6.869  1.00 15.27 ? 100 ILE A CG1 1 
ATOM   742  C  CG2 . ILE A 1 112 ? 5.839   16.577  -7.341  1.00 15.30 ? 100 ILE A CG2 1 
ATOM   743  C  CD1 . ILE A 1 112 ? 2.907   17.114  -6.015  1.00 15.68 ? 100 ILE A CD1 1 
ATOM   744  N  N   . ILE A 1 113 ? 7.414   13.936  -7.998  1.00 13.84 ? 101 ILE A N   1 
ATOM   745  C  CA  . ILE A 1 113 ? 8.861   13.889  -8.040  1.00 13.53 ? 101 ILE A CA  1 
ATOM   746  C  C   . ILE A 1 113 ? 9.349   15.298  -8.354  1.00 14.60 ? 101 ILE A C   1 
ATOM   747  O  O   . ILE A 1 113 ? 8.924   15.891  -9.357  1.00 14.76 ? 101 ILE A O   1 
ATOM   748  C  CB  . ILE A 1 113 ? 9.371   12.907  -9.110  1.00 14.75 ? 101 ILE A CB  1 
ATOM   749  C  CG1 . ILE A 1 113 ? 8.863   11.489  -8.838  1.00 13.36 ? 101 ILE A CG1 1 
ATOM   750  C  CG2 . ILE A 1 113 ? 10.885  12.919  -9.168  1.00 14.12 ? 101 ILE A CG2 1 
ATOM   751  C  CD1 . ILE A 1 113 ? 8.979   10.578  -10.058 1.00 13.88 ? 101 ILE A CD1 1 
ATOM   752  N  N   . GLU A 1 114 ? 10.183  15.834  -7.477  1.00 13.22 ? 102 GLU A N   1 
ATOM   753  C  CA  . GLU A 1 114 ? 10.722  17.189  -7.638  1.00 14.90 ? 102 GLU A CA  1 
ATOM   754  C  C   . GLU A 1 114 ? 12.200  17.144  -7.296  1.00 15.39 ? 102 GLU A C   1 
ATOM   755  O  O   . GLU A 1 114 ? 12.563  16.607  -6.240  1.00 13.41 ? 102 GLU A O   1 
ATOM   756  C  CB  . GLU A 1 114 ? 9.996   18.129  -6.676  1.00 14.81 ? 102 GLU A CB  1 
ATOM   757  C  CG  . GLU A 1 114 ? 10.404  19.597  -6.806  1.00 17.63 ? 102 GLU A CG  1 
ATOM   758  C  CD  . GLU A 1 114 ? 9.706   20.441  -5.762  1.00 19.48 ? 102 GLU A CD  1 
ATOM   759  O  OE1 . GLU A 1 114 ? 9.943   20.244  -4.545  1.00 23.71 ? 102 GLU A OE1 1 
ATOM   760  O  OE2 . GLU A 1 114 ? 8.891   21.295  -6.157  1.00 24.62 ? 102 GLU A OE2 1 
ATOM   761  N  N   . ASN A 1 115 ? 13.047  17.697  -8.156  1.00 17.85 ? 103 ASN A N   1 
ATOM   762  C  CA  . ASN A 1 115 ? 14.479  17.636  -7.930  1.00 16.88 ? 103 ASN A CA  1 
ATOM   763  C  C   . ASN A 1 115 ? 15.000  16.226  -7.735  1.00 16.02 ? 103 ASN A C   1 
ATOM   764  O  O   . ASN A 1 115 ? 15.913  15.992  -6.937  1.00 17.28 ? 103 ASN A O   1 
ATOM   765  C  CB  . ASN A 1 115 ? 14.891  18.527  -6.763  1.00 15.15 ? 103 ASN A CB  1 
ATOM   766  C  CG  . ASN A 1 115 ? 14.570  19.973  -7.014  1.00 24.59 ? 103 ASN A CG  1 
ATOM   767  O  OD1 . ASN A 1 115 ? 14.820  20.488  -8.108  1.00 33.71 ? 103 ASN A OD1 1 
ATOM   768  N  ND2 . ASN A 1 115 ? 13.989  20.634  -6.028  1.00 26.44 ? 103 ASN A ND2 1 
ATOM   769  N  N   . GLY A 1 116 ? 14.393  15.291  -8.463  1.00 15.06 ? 104 GLY A N   1 
ATOM   770  C  CA  . GLY A 1 116 ? 14.802  13.901  -8.427  1.00 14.82 ? 104 GLY A CA  1 
ATOM   771  C  C   . GLY A 1 116 ? 14.471  13.165  -7.137  1.00 16.27 ? 104 GLY A C   1 
ATOM   772  O  O   . GLY A 1 116 ? 15.003  12.076  -6.929  1.00 17.08 ? 104 GLY A O   1 
ATOM   773  N  N   . LYS A 1 117 ? 13.599  13.751  -6.301  1.00 15.72 ? 105 LYS A N   1 
ATOM   774  C  CA  . LYS A 1 117 ? 13.212  13.210  -5.005  1.00 15.21 ? 105 LYS A CA  1 
ATOM   775  C  C   . LYS A 1 117 ? 11.692  13.131  -4.885  1.00 14.58 ? 105 LYS A C   1 
ATOM   776  O  O   . LYS A 1 117 ? 10.965  13.992  -5.387  1.00 14.21 ? 105 LYS A O   1 
ATOM   777  C  CB  . LYS A 1 117 ? 13.742  14.093  -3.861  1.00 18.39 ? 105 LYS A CB  1 
ATOM   778  C  CG  . LYS A 1 117 ? 15.275  14.145  -3.756  1.00 23.24 ? 105 LYS A CG  1 
ATOM   779  C  CD  . LYS A 1 117 ? 15.731  15.286  -2.841  1.00 27.37 ? 105 LYS A CD  1 
ATOM   780  C  CE  . LYS A 1 117 ? 16.049  16.560  -3.643  1.00 31.55 ? 105 LYS A CE  1 
ATOM   781  N  NZ  . LYS A 1 117 ? 16.132  17.817  -2.804  1.00 29.67 ? 105 LYS A NZ  1 
ATOM   782  N  N   . LEU A 1 118 ? 11.214  12.113  -4.195  1.00 14.65 ? 106 LEU A N   1 
ATOM   783  C  CA  . LEU A 1 118 ? 9.774   12.029  -3.871  1.00 13.79 ? 106 LEU A CA  1 
ATOM   784  C  C   . LEU A 1 118 ? 9.416   13.159  -2.936  1.00 14.77 ? 106 LEU A C   1 
ATOM   785  O  O   . LEU A 1 118 ? 10.027  13.318  -1.878  1.00 14.92 ? 106 LEU A O   1 
ATOM   786  C  CB  . LEU A 1 118 ? 9.459   10.699  -3.194  1.00 13.91 ? 106 LEU A CB  1 
ATOM   787  C  CG  . LEU A 1 118 ? 9.658   9.459   -4.063  1.00 14.26 ? 106 LEU A CG  1 
ATOM   788  C  CD1 . LEU A 1 118 ? 9.641   8.205   -3.173  1.00 15.01 ? 106 LEU A CD1 1 
ATOM   789  C  CD2 . LEU A 1 118 ? 8.551   9.405   -5.127  1.00 17.47 ? 106 LEU A CD2 1 
ATOM   790  N  N   . LYS A 1 119 ? 8.418   13.949  -3.325  1.00 15.30 ? 107 LYS A N   1 
ATOM   791  C  CA  . LYS A 1 119 ? 8.019   15.114  -2.545  1.00 14.29 ? 107 LYS A CA  1 
ATOM   792  C  C   . LYS A 1 119 ? 7.020   14.713  -1.470  1.00 14.58 ? 107 LYS A C   1 
ATOM   793  O  O   . LYS A 1 119 ? 5.794   14.876  -1.600  1.00 16.03 ? 107 LYS A O   1 
ATOM   794  C  CB  . LYS A 1 119 ? 7.402   16.163  -3.431  1.00 14.71 ? 107 LYS A CB  1 
ATOM   795  C  CG  . LYS A 1 119 ? 7.501   17.580  -2.853  1.00 16.36 ? 107 LYS A CG  1 
ATOM   796  C  CD  . LYS A 1 119 ? 6.830   18.570  -3.817  1.00 16.92 ? 107 LYS A CD  1 
ATOM   797  C  CE  . LYS A 1 119 ? 6.653   19.947  -3.185  1.00 19.43 ? 107 LYS A CE  1 
ATOM   798  N  NZ  . LYS A 1 119 ? 7.950   20.461  -2.673  1.00 18.33 ? 107 LYS A NZ  1 
ATOM   799  N  N   . LEU A 1 120 ? 7.544   14.182  -0.389  1.00 14.22 ? 108 LEU A N   1 
ATOM   800  C  CA  . LEU A 1 120 ? 6.748   13.669  0.722   1.00 14.85 ? 108 LEU A CA  1 
ATOM   801  C  C   . LEU A 1 120 ? 6.915   14.587  1.922   1.00 15.54 ? 108 LEU A C   1 
ATOM   802  O  O   . LEU A 1 120 ? 7.968   15.226  2.085   1.00 16.32 ? 108 LEU A O   1 
ATOM   803  C  CB  . LEU A 1 120 ? 7.194   12.241  1.104   1.00 13.39 ? 108 LEU A CB  1 
ATOM   804  C  CG  . LEU A 1 120 ? 6.867   11.186  0.036   1.00 14.89 ? 108 LEU A CG  1 
ATOM   805  C  CD1 . LEU A 1 120 ? 7.716   9.952   0.153   1.00 16.07 ? 108 LEU A CD1 1 
ATOM   806  C  CD2 . LEU A 1 120 ? 5.389   10.812  0.115   1.00 16.79 ? 108 LEU A CD2 1 
ATOM   807  N  N   . GLY A 1 121 ? 5.891   14.603  2.769   1.00 13.61 ? 109 GLY A N   1 
ATOM   808  C  CA  . GLY A 1 121 ? 5.935   15.384  3.989   1.00 14.41 ? 109 GLY A CA  1 
ATOM   809  C  C   . GLY A 1 121 ? 6.705   14.699  5.107   1.00 15.42 ? 109 GLY A C   1 
ATOM   810  O  O   . GLY A 1 121 ? 7.290   13.640  4.922   1.00 16.07 ? 109 GLY A O   1 
ATOM   811  N  N   . THR A 1 122 ? 6.695   15.343  6.276   1.00 18.80 ? 110 THR A N   1 
ATOM   812  C  CA  . THR A 1 122 ? 7.416   14.862  7.424   1.00 18.59 ? 110 THR A CA  1 
ATOM   813  C  C   . THR A 1 122 ? 6.813   13.541  7.899   1.00 15.19 ? 110 THR A C   1 
ATOM   814  O  O   . THR A 1 122 ? 5.604   13.443  8.181   1.00 17.95 ? 110 THR A O   1 
ATOM   815  C  CB  . THR A 1 122 ? 7.355   15.884  8.567   1.00 20.86 ? 110 THR A CB  1 
ATOM   816  O  OG1 . THR A 1 122 ? 7.849   17.156  8.109   1.00 25.39 ? 110 THR A OG1 1 
ATOM   817  C  CG2 . THR A 1 122 ? 8.226   15.428  9.716   1.00 26.59 ? 110 THR A CG2 1 
ATOM   818  N  N   . TRP A 1 123 ? 7.682   12.531  7.950   1.00 14.84 ? 111 TRP A N   1 
ATOM   819  C  CA  . TRP A 1 123 ? 7.290   11.187  8.341   1.00 13.72 ? 111 TRP A CA  1 
ATOM   820  C  C   . TRP A 1 123 ? 6.087   10.652  7.537   1.00 13.31 ? 111 TRP A C   1 
ATOM   821  O  O   . TRP A 1 123 ? 5.208   10.008  8.099   1.00 14.34 ? 111 TRP A O   1 
ATOM   822  C  CB  . TRP A 1 123 ? 7.041   11.143  9.881   1.00 14.72 ? 111 TRP A CB  1 
ATOM   823  C  CG  . TRP A 1 123 ? 8.266   11.535  10.718  1.00 15.75 ? 111 TRP A CG  1 
ATOM   824  C  CD1 . TRP A 1 123 ? 8.370   12.557  11.614  1.00 21.86 ? 111 TRP A CD1 1 
ATOM   825  C  CD2 . TRP A 1 123 ? 9.566   10.954  10.626  1.00 15.93 ? 111 TRP A CD2 1 
ATOM   826  N  NE1 . TRP A 1 123 ? 9.650   12.611  12.128  1.00 19.11 ? 111 TRP A NE1 1 
ATOM   827  C  CE2 . TRP A 1 123 ? 10.403  11.635  11.543  1.00 16.10 ? 111 TRP A CE2 1 
ATOM   828  C  CE3 . TRP A 1 123 ? 10.101  9.879   9.882   1.00 16.83 ? 111 TRP A CE3 1 
ATOM   829  C  CZ2 . TRP A 1 123 ? 11.747  11.297  11.719  1.00 21.81 ? 111 TRP A CZ2 1 
ATOM   830  C  CZ3 . TRP A 1 123 ? 11.451  9.543   10.070  1.00 22.72 ? 111 TRP A CZ3 1 
ATOM   831  C  CH2 . TRP A 1 123 ? 12.247  10.252  10.978  1.00 19.69 ? 111 TRP A CH2 1 
ATOM   832  N  N   . GLN A 1 124 ? 6.065   10.977  6.242   1.00 13.71 ? 112 GLN A N   1 
ATOM   833  C  CA  . GLN A 1 124 ? 5.073   10.509  5.350   1.00 11.72 ? 112 GLN A CA  1 
ATOM   834  C  C   . GLN A 1 124 ? 5.693   9.452   4.439   1.00 12.66 ? 112 GLN A C   1 
ATOM   835  O  O   . GLN A 1 124 ? 6.603   9.703   3.695   1.00 14.82 ? 112 GLN A O   1 
ATOM   836  C  CB  . GLN A 1 124 ? 4.513   11.689  4.559   1.00 14.67 ? 112 GLN A CB  1 
ATOM   837  C  CG  . GLN A 1 124 ? 3.336   11.327  3.742   1.00 15.06 ? 112 GLN A CG  1 
ATOM   838  C  CD  . GLN A 1 124 ? 2.780   12.497  2.957   1.00 13.86 ? 112 GLN A CD  1 
ATOM   839  O  OE1 . GLN A 1 124 ? 3.522   13.261  2.303   1.00 13.72 ? 112 GLN A OE1 1 
ATOM   840  N  NE2 . GLN A 1 124 ? 1.453   12.589  2.924   1.00 13.98 ? 112 GLN A NE2 1 
ATOM   841  N  N   . GLY A 1 125 ? 5.153   8.234   4.490   1.00 12.41 ? 113 GLY A N   1 
ATOM   842  C  CA  . GLY A 1 125 ? 5.635   7.086   3.698   1.00 13.01 ? 113 GLY A CA  1 
ATOM   843  C  C   . GLY A 1 125 ? 4.546   6.419   2.918   1.00 12.30 ? 113 GLY A C   1 
ATOM   844  O  O   . GLY A 1 125 ? 3.378   6.631   3.179   1.00 13.44 ? 113 GLY A O   1 
ATOM   845  N  N   . ILE A 1 126 ? 4.975   5.619   1.947   1.00 12.86 ? 114 ILE A N   1 
ATOM   846  C  CA  . ILE A 1 126 ? 4.097   4.924   1.007   1.00 12.91 ? 114 ILE A CA  1 
ATOM   847  C  C   . ILE A 1 126 ? 4.009   3.486   1.454   1.00 13.95 ? 114 ILE A C   1 
ATOM   848  O  O   . ILE A 1 126 ? 5.054   2.844   1.679   1.00 13.36 ? 114 ILE A O   1 
ATOM   849  C  CB  . ILE A 1 126 ? 4.639   4.965   -0.407  1.00 14.59 ? 114 ILE A CB  1 
ATOM   850  C  CG1 . ILE A 1 126 ? 4.898   6.396   -0.892  1.00 15.89 ? 114 ILE A CG1 1 
ATOM   851  C  CG2 . ILE A 1 126 ? 3.648   4.252   -1.330  1.00 14.71 ? 114 ILE A CG2 1 
ATOM   852  C  CD1 . ILE A 1 126 ? 5.931   6.476   -2.012  1.00 18.55 ? 114 ILE A CD1 1 
ATOM   853  N  N   . TYR A 1 127 ? 2.787   2.973   1.652   1.00 13.97 ? 115 TYR A N   1 
ATOM   854  C  CA  . TYR A 1 127 ? 2.533   1.648   2.169   1.00 12.81 ? 115 TYR A CA  1 
ATOM   855  C  C   . TYR A 1 127 ? 1.718   0.775   1.258   1.00 11.95 ? 115 TYR A C   1 
ATOM   856  O  O   . TYR A 1 127 ? 0.721   1.202   0.692   1.00 13.45 ? 115 TYR A O   1 
ATOM   857  C  CB  . TYR A 1 127 ? 1.747   1.760   3.455   1.00 14.04 ? 115 TYR A CB  1 
ATOM   858  C  CG  . TYR A 1 127 ? 2.524   2.176   4.648   1.00 13.21 ? 115 TYR A CG  1 
ATOM   859  C  CD1 . TYR A 1 127 ? 3.313   1.256   5.312   1.00 14.40 ? 115 TYR A CD1 1 
ATOM   860  C  CD2 . TYR A 1 127 ? 2.441   3.450   5.150   1.00 15.61 ? 115 TYR A CD2 1 
ATOM   861  C  CE1 . TYR A 1 127 ? 4.016   1.602   6.441   1.00 14.16 ? 115 TYR A CE1 1 
ATOM   862  C  CE2 . TYR A 1 127 ? 3.116   3.794   6.296   1.00 19.58 ? 115 TYR A CE2 1 
ATOM   863  C  CZ  . TYR A 1 127 ? 3.905   2.862   6.924   1.00 16.97 ? 115 TYR A CZ  1 
ATOM   864  O  OH  . TYR A 1 127 ? 4.592   3.187   8.097   1.00 19.40 ? 115 TYR A OH  1 
ATOM   865  N  N   . PHE A 1 128 ? 2.165   -0.461  1.090   1.00 12.27 ? 116 PHE A N   1 
ATOM   866  C  CA  . PHE A 1 128 ? 1.306   -1.550  0.632   1.00 12.20 ? 116 PHE A CA  1 
ATOM   867  C  C   . PHE A 1 128 ? 0.479   -2.033  1.834   1.00 13.82 ? 116 PHE A C   1 
ATOM   868  O  O   . PHE A 1 128 ? 1.055   -2.355  2.884   1.00 13.78 ? 116 PHE A O   1 
ATOM   869  C  CB  . PHE A 1 128 ? 2.190   -2.691  0.148   1.00 13.61 ? 116 PHE A CB  1 
ATOM   870  C  CG  . PHE A 1 128 ? 1.460   -3.829  -0.474  1.00 13.89 ? 116 PHE A CG  1 
ATOM   871  C  CD1 . PHE A 1 128 ? 0.928   -4.821  0.282   1.00 12.52 ? 116 PHE A CD1 1 
ATOM   872  C  CD2 . PHE A 1 128 ? 1.314   -3.917  -1.853  1.00 14.13 ? 116 PHE A CD2 1 
ATOM   873  C  CE1 . PHE A 1 128 ? 0.244   -5.892  -0.306  1.00 14.10 ? 116 PHE A CE1 1 
ATOM   874  C  CE2 . PHE A 1 128 ? 0.668   -4.991  -2.422  1.00 15.67 ? 116 PHE A CE2 1 
ATOM   875  C  CZ  . PHE A 1 128 ? 0.123   -5.950  -1.661  1.00 15.10 ? 116 PHE A CZ  1 
ATOM   876  N  N   . THR A 1 129 ? -0.861  -2.041  1.716   1.00 13.31 ? 117 THR A N   1 
ATOM   877  C  CA  . THR A 1 129 ? -1.758  -2.411  2.797   1.00 13.18 ? 117 THR A CA  1 
ATOM   878  C  C   . THR A 1 129 ? -2.344  -3.806  2.493   1.00 13.32 ? 117 THR A C   1 
ATOM   879  O  O   . THR A 1 129 ? -3.272  -3.958  1.679   1.00 13.80 ? 117 THR A O   1 
ATOM   880  C  CB  . THR A 1 129 ? -2.897  -1.371  3.040   1.00 14.04 ? 117 THR A CB  1 
ATOM   881  O  OG1 . THR A 1 129 ? -3.722  -1.271  1.872   1.00 14.30 ? 117 THR A OG1 1 
ATOM   882  C  CG2 . THR A 1 129 ? -2.273  0.030   3.199   1.00 14.85 ? 117 THR A CG2 1 
ATOM   883  N  N   . GLU A 1 130 ? -1.798  -4.828  3.153   1.00 13.31 ? 118 GLU A N   1 
ATOM   884  C  CA  . GLU A 1 130 ? -2.272  -6.184  3.006   1.00 13.57 ? 118 GLU A CA  1 
ATOM   885  C  C   . GLU A 1 130 ? -3.470  -6.384  3.892   1.00 13.91 ? 118 GLU A C   1 
ATOM   886  O  O   . GLU A 1 130 ? -3.372  -6.140  5.096   1.00 16.08 ? 118 GLU A O   1 
ATOM   887  C  CB  . GLU A 1 130 ? -1.155  -7.156  3.393   1.00 14.79 ? 118 GLU A CB  1 
ATOM   888  C  CG  . GLU A 1 130 ? -1.584  -8.630  3.464   1.00 12.30 ? 118 GLU A CG  1 
ATOM   889  C  CD  . GLU A 1 130 ? -1.924  -9.153  2.094   1.00 14.63 ? 118 GLU A CD  1 
ATOM   890  O  OE1 . GLU A 1 130 ? -3.044  -8.908  1.620   1.00 15.32 ? 118 GLU A OE1 1 
ATOM   891  O  OE2 . GLU A 1 130 ? -1.073  -9.834  1.480   1.00 17.21 ? 118 GLU A OE2 1 
ATOM   892  N  N   . PHE A 1 131 ? -4.560  -6.917  3.330   1.00 14.09 ? 119 PHE A N   1 
ATOM   893  C  CA  . PHE A 1 131 ? -5.710  -7.340  4.125   1.00 13.05 ? 119 PHE A CA  1 
ATOM   894  C  C   . PHE A 1 131 ? -6.084  -8.838  4.085   1.00 12.62 ? 119 PHE A C   1 
ATOM   895  O  O   . PHE A 1 131 ? -7.032  -9.249  4.776   1.00 14.23 ? 119 PHE A O   1 
ATOM   896  C  CB  . PHE A 1 131 ? -6.919  -6.479  3.794   1.00 12.72 ? 119 PHE A CB  1 
ATOM   897  C  CG  . PHE A 1 131 ? -6.682  -5.011  4.067   1.00 14.56 ? 119 PHE A CG  1 
ATOM   898  C  CD1 . PHE A 1 131 ? -6.471  -4.559  5.367   1.00 13.69 ? 119 PHE A CD1 1 
ATOM   899  C  CD2 . PHE A 1 131 ? -6.644  -4.096  3.022   1.00 15.58 ? 119 PHE A CD2 1 
ATOM   900  C  CE1 . PHE A 1 131 ? -6.262  -3.207  5.630   1.00 15.45 ? 119 PHE A CE1 1 
ATOM   901  C  CE2 . PHE A 1 131 ? -6.425  -2.738  3.273   1.00 15.35 ? 119 PHE A CE2 1 
ATOM   902  C  CZ  . PHE A 1 131 ? -6.224  -2.306  4.553   1.00 14.69 ? 119 PHE A CZ  1 
ATOM   903  N  N   . ASP A 1 132 ? -5.358  -9.624  3.299   1.00 14.88 ? 120 ASP A N   1 
ATOM   904  C  CA  . ASP A 1 132 ? -5.571  -11.088 3.195   1.00 14.81 ? 120 ASP A CA  1 
ATOM   905  C  C   . ASP A 1 132 ? -4.272  -11.855 3.049   1.00 18.15 ? 120 ASP A C   1 
ATOM   906  O  O   . ASP A 1 132 ? -4.123  -12.681 2.149   1.00 17.07 ? 120 ASP A O   1 
ATOM   907  C  CB  . ASP A 1 132 ? -6.513  -11.418 2.038   1.00 14.08 ? 120 ASP A CB  1 
ATOM   908  C  CG  . ASP A 1 132 ? -7.003  -12.867 2.074   1.00 18.09 ? 120 ASP A CG  1 
ATOM   909  O  OD1 . ASP A 1 132 ? -7.155  -13.443 3.177   1.00 21.70 ? 120 ASP A OD1 1 
ATOM   910  O  OD2 . ASP A 1 132 ? -7.256  -13.402 0.979   1.00 19.12 ? 120 ASP A OD2 1 
ATOM   911  N  N   . GLY A 1 133 ? -3.316  -11.568 3.929   1.00 17.86 ? 121 GLY A N   1 
ATOM   912  C  CA  . GLY A 1 133 ? -2.042  -12.289 3.908   1.00 17.79 ? 121 GLY A CA  1 
ATOM   913  C  C   . GLY A 1 133 ? -2.125  -13.544 4.759   1.00 17.80 ? 121 GLY A C   1 
ATOM   914  O  O   . GLY A 1 133 ? -3.154  -13.813 5.363   1.00 18.39 ? 121 GLY A O   1 
ATOM   915  N  N   . PRO A 1 134 ? -1.027  -14.300 4.830   1.00 17.87 ? 122 PRO A N   1 
ATOM   916  C  CA  . PRO A 1 134 ? 0.264   -14.100 4.165   1.00 16.16 ? 122 PRO A CA  1 
ATOM   917  C  C   . PRO A 1 134 ? 0.220   -14.606 2.722   1.00 19.61 ? 122 PRO A C   1 
ATOM   918  O  O   . PRO A 1 134 ? -0.291  -15.701 2.439   1.00 19.15 ? 122 PRO A O   1 
ATOM   919  C  CB  . PRO A 1 134 ? 1.213   -14.943 5.021   1.00 17.86 ? 122 PRO A CB  1 
ATOM   920  C  CG  . PRO A 1 134 ? 0.374   -16.055 5.485   1.00 21.34 ? 122 PRO A CG  1 
ATOM   921  C  CD  . PRO A 1 134 ? -1.003  -15.495 5.694   1.00 20.79 ? 122 PRO A CD  1 
ATOM   922  N  N   . ARG A 1 135 ? 0.744   -13.804 1.810   1.00 16.03 ? 123 ARG A N   1 
ATOM   923  C  CA  . ARG A 1 135 ? 0.693   -14.111 0.397   1.00 17.31 ? 123 ARG A CA  1 
ATOM   924  C  C   . ARG A 1 135 ? 1.909   -13.543 -0.324  1.00 17.71 ? 123 ARG A C   1 
ATOM   925  O  O   . ARG A 1 135 ? 2.576   -12.621 0.148   1.00 17.35 ? 123 ARG A O   1 
ATOM   926  C  CB  . ARG A 1 135 ? -0.583  -13.547 -0.234  1.00 17.35 ? 123 ARG A CB  1 
ATOM   927  C  CG  . ARG A 1 135 ? -1.862  -14.285 0.132   1.00 17.92 ? 123 ARG A CG  1 
ATOM   928  C  CD  . ARG A 1 135 ? -3.057  -13.669 -0.564  1.00 20.96 ? 123 ARG A CD  1 
ATOM   929  N  NE  . ARG A 1 135 ? -4.319  -14.317 -0.217  1.00 18.93 ? 123 ARG A NE  1 
ATOM   930  C  CZ  . ARG A 1 135 ? -4.832  -15.385 -0.827  1.00 22.17 ? 123 ARG A CZ  1 
ATOM   931  N  NH1 . ARG A 1 135 ? -4.203  -15.968 -1.844  1.00 27.39 ? 123 ARG A NH1 1 
ATOM   932  N  NH2 . ARG A 1 135 ? -5.993  -15.874 -0.419  1.00 22.13 ? 123 ARG A NH2 1 
ATOM   933  N  N   . ASP A 1 136 ? 2.201   -14.141 -1.464  1.00 17.27 ? 124 ASP A N   1 
ATOM   934  C  CA  . ASP A 1 136 ? 3.172   -13.592 -2.401  1.00 18.18 ? 124 ASP A CA  1 
ATOM   935  C  C   . ASP A 1 136 ? 2.446   -12.544 -3.239  1.00 16.59 ? 124 ASP A C   1 
ATOM   936  O  O   . ASP A 1 136 ? 1.501   -12.863 -3.965  1.00 18.71 ? 124 ASP A O   1 
ATOM   937  C  CB  . ASP A 1 136 ? 3.766   -14.693 -3.270  1.00 19.30 ? 124 ASP A CB  1 
ATOM   938  C  CG  . ASP A 1 136 ? 4.595   -15.689 -2.456  1.00 24.76 ? 124 ASP A CG  1 
ATOM   939  O  OD1 . ASP A 1 136 ? 5.509   -15.251 -1.718  1.00 24.93 ? 124 ASP A OD1 1 
ATOM   940  O  OD2 . ASP A 1 136 ? 4.314   -16.897 -2.539  1.00 33.67 ? 124 ASP A OD2 1 
ATOM   941  N  N   . ARG A 1 137 ? 2.884   -11.297 -3.096  1.00 15.75 ? 125 ARG A N   1 
ATOM   942  C  CA  . ARG A 1 137 ? 2.246   -10.139 -3.702  1.00 14.47 ? 125 ARG A CA  1 
ATOM   943  C  C   . ARG A 1 137 ? 3.192   -9.410  -4.643  1.00 13.78 ? 125 ARG A C   1 
ATOM   944  O  O   . ARG A 1 137 ? 4.405   -9.604  -4.612  1.00 15.25 ? 125 ARG A O   1 
ATOM   945  C  CB  . ARG A 1 137 ? 1.773   -9.152  -2.616  1.00 13.72 ? 125 ARG A CB  1 
ATOM   946  C  CG  . ARG A 1 137 ? 0.809   -9.724  -1.597  1.00 15.04 ? 125 ARG A CG  1 
ATOM   947  C  CD  . ARG A 1 137 ? -0.469  -10.300 -2.197  1.00 15.65 ? 125 ARG A CD  1 
ATOM   948  N  NE  . ARG A 1 137 ? -1.620  -10.125 -1.323  1.00 16.29 ? 125 ARG A NE  1 
ATOM   949  C  CZ  . ARG A 1 137 ? -2.885  -10.315 -1.701  1.00 16.32 ? 125 ARG A CZ  1 
ATOM   950  N  NH1 . ARG A 1 137 ? -3.167  -10.801 -2.895  1.00 15.05 ? 125 ARG A NH1 1 
ATOM   951  N  NH2 . ARG A 1 137 ? -3.873  -10.026 -0.880  1.00 15.47 ? 125 ARG A NH2 1 
ATOM   952  N  N   . LYS A 1 138 ? 2.613   -8.586  -5.506  1.00 15.48 ? 126 LYS A N   1 
ATOM   953  C  CA  . LYS A 1 138 ? 3.329   -7.701  -6.393  1.00 14.49 ? 126 LYS A CA  1 
ATOM   954  C  C   . LYS A 1 138 ? 2.816   -6.285  -6.174  1.00 14.97 ? 126 LYS A C   1 
ATOM   955  O  O   . LYS A 1 138 ? 1.664   -6.068  -5.781  1.00 15.36 ? 126 LYS A O   1 
ATOM   956  C  CB  . LYS A 1 138 ? 3.069   -8.104  -7.833  1.00 18.58 ? 126 LYS A CB  1 
ATOM   957  C  CG  A LYS A 1 138 ? 3.624   -9.459  -8.208  0.65 22.36 ? 126 LYS A CG  1 
ATOM   958  C  CG  B LYS A 1 138 ? 3.601   -9.482  -8.200  0.35 19.77 ? 126 LYS A CG  1 
ATOM   959  C  CD  A LYS A 1 138 ? 3.065   -9.914  -9.540  0.65 25.84 ? 126 LYS A CD  1 
ATOM   960  C  CD  B LYS A 1 138 ? 5.080   -9.618  -7.886  0.35 20.27 ? 126 LYS A CD  1 
ATOM   961  N  N   . VAL A 1 139 ? 3.683   -5.333  -6.450  1.00 14.13 ? 127 VAL A N   1 
ATOM   962  C  CA  . VAL A 1 139 ? 3.327   -3.936  -6.587  1.00 13.60 ? 127 VAL A CA  1 
ATOM   963  C  C   . VAL A 1 139 ? 4.019   -3.373  -7.815  1.00 13.56 ? 127 VAL A C   1 
ATOM   964  O  O   . VAL A 1 139 ? 5.168   -3.752  -8.135  1.00 12.88 ? 127 VAL A O   1 
ATOM   965  C  CB  . VAL A 1 139 ? 3.659   -3.148  -5.316  1.00 14.08 ? 127 VAL A CB  1 
ATOM   966  C  CG1 . VAL A 1 139 ? 5.144   -3.135  -5.001  1.00 17.46 ? 127 VAL A CG1 1 
ATOM   967  C  CG2 . VAL A 1 139 ? 3.088   -1.716  -5.365  1.00 17.59 ? 127 VAL A CG2 1 
ATOM   968  N  N   . PHE A 1 140 ? 3.305   -2.509  -8.533  1.00 12.95 ? 128 PHE A N   1 
ATOM   969  C  CA  . PHE A 1 140 ? 3.837   -1.913  -9.753  1.00 12.35 ? 128 PHE A CA  1 
ATOM   970  C  C   . PHE A 1 140 ? 4.193   -0.464  -9.480  1.00 14.07 ? 128 PHE A C   1 
ATOM   971  O  O   . PHE A 1 140 ? 3.394   0.244   -8.888  1.00 13.96 ? 128 PHE A O   1 
ATOM   972  C  CB  . PHE A 1 140 ? 2.790   -1.900  -10.895 1.00 13.21 ? 128 PHE A CB  1 
ATOM   973  C  CG  . PHE A 1 140 ? 2.151   -3.243  -11.218 1.00 13.20 ? 128 PHE A CG  1 
ATOM   974  C  CD1 . PHE A 1 140 ? 2.840   -4.439  -11.088 1.00 15.15 ? 128 PHE A CD1 1 
ATOM   975  C  CD2 . PHE A 1 140 ? 0.871   -3.298  -11.742 1.00 13.68 ? 128 PHE A CD2 1 
ATOM   976  C  CE1 . PHE A 1 140 ? 2.238   -5.651  -11.411 1.00 18.03 ? 128 PHE A CE1 1 
ATOM   977  C  CE2 . PHE A 1 140 ? 0.276   -4.482  -12.068 1.00 15.34 ? 128 PHE A CE2 1 
ATOM   978  C  CZ  . PHE A 1 140 ? 0.963   -5.656  -11.909 1.00 15.94 ? 128 PHE A CZ  1 
ATOM   979  N  N   . VAL A 1 141 ? 5.335   0.003   -9.975  1.00 13.52 ? 129 VAL A N   1 
ATOM   980  C  CA  . VAL A 1 141 ? 5.733   1.396   -9.864  1.00 12.46 ? 129 VAL A CA  1 
ATOM   981  C  C   . VAL A 1 141 ? 6.031   1.912   -11.270 1.00 15.13 ? 129 VAL A C   1 
ATOM   982  O  O   . VAL A 1 141 ? 6.869   1.339   -11.975 1.00 17.05 ? 129 VAL A O   1 
ATOM   983  C  CB  . VAL A 1 141 ? 6.949   1.552   -8.937  1.00 14.89 ? 129 VAL A CB  1 
ATOM   984  C  CG1 . VAL A 1 141 ? 7.347   3.021   -8.853  1.00 17.60 ? 129 VAL A CG1 1 
ATOM   985  C  CG2 . VAL A 1 141 ? 6.649   0.945   -7.536  1.00 15.96 ? 129 VAL A CG2 1 
ATOM   986  N  N   . LYS A 1 142 ? 5.321   2.962   -11.677 1.00 15.70 ? 130 LYS A N   1 
ATOM   987  C  CA  . LYS A 1 142 ? 5.537   3.602   -12.963 1.00 15.41 ? 130 LYS A CA  1 
ATOM   988  C  C   . LYS A 1 142 ? 5.971   5.034   -12.738 1.00 13.49 ? 130 LYS A C   1 
ATOM   989  O  O   . LYS A 1 142 ? 5.327   5.738   -11.968 1.00 16.01 ? 130 LYS A O   1 
ATOM   990  C  CB  . LYS A 1 142 ? 4.287   3.568   -13.825 1.00 15.61 ? 130 LYS A CB  1 
ATOM   991  C  CG  . LYS A 1 142 ? 4.554   4.122   -15.204 1.00 18.63 ? 130 LYS A CG  1 
ATOM   992  C  CD  . LYS A 1 142 ? 3.429   3.750   -16.154 1.00 20.98 ? 130 LYS A CD  1 
ATOM   993  C  CE  . LYS A 1 142 ? 3.648   4.422   -17.501 1.00 21.07 ? 130 LYS A CE  1 
ATOM   994  N  NZ  . LYS A 1 142 ? 4.701   3.766   -18.244 1.00 22.42 ? 130 LYS A NZ  1 
ATOM   995  N  N   . ILE A 1 143 ? 7.066   5.450   -13.374 1.00 14.45 ? 131 ILE A N   1 
ATOM   996  C  CA  . ILE A 1 143 ? 7.561   6.815   -13.261 1.00 15.34 ? 131 ILE A CA  1 
ATOM   997  C  C   . ILE A 1 143 ? 7.253   7.492   -14.558 1.00 17.96 ? 131 ILE A C   1 
ATOM   998  O  O   . ILE A 1 143 ? 7.590   6.969   -15.621 1.00 21.64 ? 131 ILE A O   1 
ATOM   999  C  CB  . ILE A 1 143 ? 9.086   6.856   -13.030 1.00 17.93 ? 131 ILE A CB  1 
ATOM   1000 C  CG1 . ILE A 1 143 ? 9.495   5.988   -11.835 1.00 19.03 ? 131 ILE A CG1 1 
ATOM   1001 C  CG2 . ILE A 1 143 ? 9.550   8.300   -12.847 1.00 17.78 ? 131 ILE A CG2 1 
ATOM   1002 C  CD1 . ILE A 1 143 ? 8.792   6.312   -10.525 1.00 18.88 ? 131 ILE A CD1 1 
ATOM   1003 N  N   . ILE A 1 144 ? 6.620   8.652   -14.488 1.00 19.44 ? 132 ILE A N   1 
ATOM   1004 C  CA  . ILE A 1 144 ? 6.273   9.419   -15.677 1.00 24.20 ? 132 ILE A CA  1 
ATOM   1005 C  C   . ILE A 1 144 ? 6.908   10.807  -15.569 1.00 24.43 ? 132 ILE A C   1 
ATOM   1006 O  O   . ILE A 1 144 ? 6.608   11.528  -14.629 1.00 21.01 ? 132 ILE A O   1 
ATOM   1007 C  CB  . ILE A 1 144 ? 4.751   9.532   -15.812 1.00 24.90 ? 132 ILE A CB  1 
ATOM   1008 C  CG1 . ILE A 1 144 ? 4.101   8.143   -15.738 1.00 29.90 ? 132 ILE A CG1 1 
ATOM   1009 C  CG2 . ILE A 1 144 ? 4.378   10.185  -17.157 1.00 29.22 ? 132 ILE A CG2 1 
ATOM   1010 C  CD1 . ILE A 1 144 ? 2.827   8.118   -14.956 1.00 34.95 ? 132 ILE A CD1 1 
ATOM   1011 O  OXT . ILE A 1 144 ? 7.749   11.230  -16.375 1.00 26.59 ? 132 ILE A OXT 1 
HETATM 1012 NA NA  . NA  B 2 .   ? -10.688 6.050   0.023   0.33 12.35 ? 133 NA  A NA  1 
HETATM 1013 O  O   . HOH C 3 .   ? -5.368  5.943   1.117   1.00 10.53 ? 134 HOH A O   1 
HETATM 1014 O  O   . HOH C 3 .   ? -3.524  8.755   2.882   1.00 12.68 ? 135 HOH A O   1 
HETATM 1015 O  O   . HOH C 3 .   ? -0.573  10.989  4.304   1.00 13.40 ? 136 HOH A O   1 
HETATM 1016 O  O   . HOH C 3 .   ? -9.451  1.818   -6.047  1.00 13.57 ? 137 HOH A O   1 
HETATM 1017 O  O   . HOH C 3 .   ? -10.117 4.812   -1.890  1.00 14.97 ? 138 HOH A O   1 
HETATM 1018 O  O   . HOH C 3 .   ? -7.411  -1.500  -3.660  1.00 15.12 ? 139 HOH A O   1 
HETATM 1019 O  O   . HOH C 3 .   ? 3.929   14.519  -3.629  1.00 15.16 ? 140 HOH A O   1 
HETATM 1020 O  O   . HOH C 3 .   ? -5.798  -2.963  -5.363  1.00 15.21 ? 141 HOH A O   1 
HETATM 1021 O  O   . HOH C 3 .   ? -5.993  3.458   -9.145  1.00 15.52 ? 142 HOH A O   1 
HETATM 1022 O  O   . HOH C 3 .   ? -7.006  7.396   -2.106  1.00 16.25 ? 143 HOH A O   1 
HETATM 1023 O  O   . HOH C 3 .   ? 1.716   -3.928  9.965   1.00 16.45 ? 144 HOH A O   1 
HETATM 1024 O  O   . HOH C 3 .   ? -5.428  9.467   -2.595  1.00 16.45 ? 145 HOH A O   1 
HETATM 1025 O  O   . HOH C 3 .   ? -7.693  -7.888  7.036   1.00 18.51 ? 146 HOH A O   1 
HETATM 1026 O  O   . HOH C 3 .   ? -7.405  -4.276  9.198   1.00 18.92 ? 147 HOH A O   1 
HETATM 1027 O  O   . HOH C 3 .   ? 7.597   -2.066  6.430   1.00 19.20 ? 148 HOH A O   1 
HETATM 1028 O  O   . HOH C 3 .   ? 3.125   14.631  7.457   1.00 20.22 ? 149 HOH A O   1 
HETATM 1029 O  O   . HOH C 3 .   ? 2.631   6.183   19.859  1.00 20.38 ? 150 HOH A O   1 
HETATM 1030 O  O   . HOH C 3 .   ? 4.201   4.199   11.273  1.00 20.70 ? 151 HOH A O   1 
HETATM 1031 O  O   . HOH C 3 .   ? -4.546  -11.065 -6.784  1.00 21.11 ? 152 HOH A O   1 
HETATM 1032 O  O   . HOH C 3 .   ? -12.113 -13.020 -2.620  1.00 21.47 ? 153 HOH A O   1 
HETATM 1033 O  O   . HOH C 3 .   ? -14.955 -11.141 5.385   1.00 21.78 ? 154 HOH A O   1 
HETATM 1034 O  O   . HOH C 3 .   ? 3.521   11.812  9.966   1.00 21.86 ? 155 HOH A O   1 
HETATM 1035 O  O   . HOH C 3 .   ? 11.533  11.946  -0.185  1.00 22.67 ? 156 HOH A O   1 
HETATM 1036 O  O   . HOH C 3 .   ? -11.353 -6.963  9.222   1.00 23.12 ? 157 HOH A O   1 
HETATM 1037 O  O   . HOH C 3 .   ? 9.313   10.165  3.612   1.00 23.39 ? 158 HOH A O   1 
HETATM 1038 O  O   . HOH C 3 .   ? 6.488   1.260   9.014   1.00 24.12 ? 159 HOH A O   1 
HETATM 1039 O  O   . HOH C 3 .   ? -7.694  -11.457 6.423   1.00 24.44 ? 160 HOH A O   1 
HETATM 1040 O  O   . HOH C 3 .   ? 7.613   18.234  -9.968  1.00 24.93 ? 161 HOH A O   1 
HETATM 1041 O  O   . HOH C 3 .   ? 11.154  16.449  -3.505  1.00 25.05 ? 162 HOH A O   1 
HETATM 1042 O  O   . HOH C 3 .   ? -23.316 -19.426 -1.846  1.00 25.24 ? 163 HOH A O   1 
HETATM 1043 O  O   . HOH C 3 .   ? -9.664  -4.940  15.530  1.00 25.38 ? 164 HOH A O   1 
HETATM 1044 O  O   . HOH C 3 .   ? -21.238 -20.032 2.144   1.00 25.81 ? 165 HOH A O   1 
HETATM 1045 O  O   . HOH C 3 .   ? 5.415   -4.833  7.874   1.00 25.89 ? 166 HOH A O   1 
HETATM 1046 O  O   . HOH C 3 .   ? -1.350  -12.798 -4.358  1.00 26.18 ? 167 HOH A O   1 
HETATM 1047 O  O   . HOH C 3 .   ? -21.039 0.588   14.919  0.33 26.31 ? 168 HOH A O   1 
HETATM 1048 O  O   . HOH C 3 .   ? 8.717   19.565  -0.174  1.00 26.42 ? 169 HOH A O   1 
HETATM 1049 O  O   . HOH C 3 .   ? 15.982  10.698  -10.893 1.00 26.62 ? 170 HOH A O   1 
HETATM 1050 O  O   . HOH C 3 .   ? 10.718  0.515   1.092   1.00 26.68 ? 171 HOH A O   1 
HETATM 1051 O  O   . HOH C 3 .   ? 2.499   -1.623  13.964  1.00 26.72 ? 172 HOH A O   1 
HETATM 1052 O  O   . HOH C 3 .   ? 18.165  4.242   -5.140  1.00 26.78 ? 173 HOH A O   1 
HETATM 1053 O  O   . HOH C 3 .   ? -11.866 2.368   18.790  1.00 26.82 ? 174 HOH A O   1 
HETATM 1054 O  O   . HOH C 3 .   ? -7.164  -12.643 -1.535  1.00 27.05 ? 175 HOH A O   1 
HETATM 1055 O  O   . HOH C 3 .   ? 4.848   17.884  6.281   1.00 27.23 ? 176 HOH A O   1 
HETATM 1056 O  O   . HOH C 3 .   ? 8.489   2.773   8.068   1.00 27.49 ? 177 HOH A O   1 
HETATM 1057 O  O   . HOH C 3 .   ? 17.454  4.157   -2.209  1.00 27.76 ? 178 HOH A O   1 
HETATM 1058 O  O   . HOH C 3 .   ? 16.826  10.663  -8.497  1.00 27.88 ? 179 HOH A O   1 
HETATM 1059 O  O   . HOH C 3 .   ? 15.257  9.939   -5.164  1.00 28.12 ? 180 HOH A O   1 
HETATM 1060 O  O   . HOH C 3 .   ? 10.032  -5.209  -13.161 1.00 28.12 ? 181 HOH A O   1 
HETATM 1061 O  O   . HOH C 3 .   ? -16.435 -12.704 3.336   1.00 28.20 ? 182 HOH A O   1 
HETATM 1062 O  O   . HOH C 3 .   ? -1.660  -15.268 -3.477  1.00 28.50 ? 183 HOH A O   1 
HETATM 1063 O  O   . HOH C 3 .   ? 11.223  -8.021  -6.412  1.00 28.67 ? 184 HOH A O   1 
HETATM 1064 O  O   . HOH C 3 .   ? 2.358   -2.453  16.583  1.00 28.70 ? 185 HOH A O   1 
HETATM 1065 O  O   . HOH C 3 .   ? 0.552   -16.359 -2.369  1.00 29.00 ? 186 HOH A O   1 
HETATM 1066 O  O   . HOH C 3 .   ? -14.218 -14.299 7.223   1.00 29.22 ? 187 HOH A O   1 
HETATM 1067 O  O   . HOH C 3 .   ? -5.731  -5.702  12.988  1.00 29.39 ? 188 HOH A O   1 
HETATM 1068 O  O   . HOH C 3 .   ? 10.654  5.619   9.031   1.00 29.49 ? 189 HOH A O   1 
HETATM 1069 O  O   . HOH C 3 .   ? -0.765  -4.085  13.920  1.00 29.69 ? 190 HOH A O   1 
HETATM 1070 O  O   . HOH C 3 .   ? 4.556   13.331  -14.935 1.00 29.75 ? 191 HOH A O   1 
HETATM 1071 O  O   . HOH C 3 .   ? 15.777  -3.709  -6.779  1.00 29.88 ? 192 HOH A O   1 
HETATM 1072 O  O   . HOH C 3 .   ? -3.111  7.111   -8.103  1.00 29.98 ? 193 HOH A O   1 
HETATM 1073 O  O   . HOH C 3 .   ? 10.383  12.786  7.310   1.00 29.99 ? 194 HOH A O   1 
HETATM 1074 O  O   . HOH C 3 .   ? -3.787  8.634   -5.724  1.00 30.13 ? 195 HOH A O   1 
HETATM 1075 O  O   . HOH C 3 .   ? 10.316  10.338  6.165   1.00 30.15 ? 196 HOH A O   1 
HETATM 1076 O  O   . HOH C 3 .   ? 8.622   2.618   12.341  1.00 30.27 ? 197 HOH A O   1 
HETATM 1077 O  O   . HOH C 3 .   ? -5.797  -13.580 5.499   1.00 30.45 ? 198 HOH A O   1 
HETATM 1078 O  O   . HOH C 3 .   ? 1.138   -0.818  18.595  1.00 30.53 ? 199 HOH A O   1 
HETATM 1079 O  O   . HOH C 3 .   ? 14.026  5.459   1.049   1.00 30.58 ? 200 HOH A O   1 
HETATM 1080 O  O   . HOH C 3 .   ? -18.837 -14.038 7.936   1.00 30.59 ? 201 HOH A O   1 
HETATM 1081 O  O   . HOH C 3 .   ? 13.046  10.037  -3.571  1.00 31.21 ? 202 HOH A O   1 
HETATM 1082 O  O   . HOH C 3 .   ? -9.338  -13.879 4.960   1.00 31.32 ? 203 HOH A O   1 
HETATM 1083 O  O   . HOH C 3 .   ? -12.288 -9.516  12.541  1.00 31.59 ? 204 HOH A O   1 
HETATM 1084 O  O   . HOH C 3 .   ? -14.695 -11.150 13.163  1.00 31.73 ? 205 HOH A O   1 
HETATM 1085 O  O   . HOH C 3 .   ? -23.261 -17.065 -0.582  1.00 31.83 ? 206 HOH A O   1 
HETATM 1086 O  O   . HOH C 3 .   ? 2.764   -8.778  -13.512 1.00 32.22 ? 207 HOH A O   1 
HETATM 1087 O  O   . HOH C 3 .   ? 5.738   -12.020 -4.777  1.00 32.28 ? 208 HOH A O   1 
HETATM 1088 O  O   . HOH C 3 .   ? 4.052   14.196  10.903  1.00 32.43 ? 209 HOH A O   1 
HETATM 1089 O  O   . HOH C 3 .   ? 1.869   0.851   22.255  1.00 32.48 ? 210 HOH A O   1 
HETATM 1090 O  O   . HOH C 3 .   ? -18.247 -14.722 3.839   1.00 32.73 ? 211 HOH A O   1 
HETATM 1091 O  O   . HOH C 3 .   ? 6.331   -9.285  5.215   1.00 32.81 ? 212 HOH A O   1 
HETATM 1092 O  O   . HOH C 3 .   ? -12.071 -12.900 -4.830  1.00 32.87 ? 213 HOH A O   1 
HETATM 1093 O  O   . HOH C 3 .   ? 6.051   2.159   11.606  1.00 33.00 ? 214 HOH A O   1 
HETATM 1094 O  O   . HOH C 3 .   ? 10.488  14.518  1.445   1.00 33.01 ? 215 HOH A O   1 
HETATM 1095 O  O   . HOH C 3 .   ? 8.550   3.543   -14.851 1.00 33.05 ? 216 HOH A O   1 
HETATM 1096 O  O   . HOH C 3 .   ? -9.764  -15.706 -4.971  1.00 33.11 ? 217 HOH A O   1 
HETATM 1097 O  O   . HOH C 3 .   ? -18.322 -19.744 2.896   1.00 33.12 ? 218 HOH A O   1 
HETATM 1098 O  O   . HOH C 3 .   ? 8.520   13.771  -16.374 1.00 33.17 ? 219 HOH A O   1 
HETATM 1099 O  O   . HOH C 3 .   ? -8.033  -6.088  17.349  1.00 33.18 ? 220 HOH A O   1 
HETATM 1100 O  O   . HOH C 3 .   ? -19.424 1.435   12.607  0.33 33.41 ? 221 HOH A O   1 
HETATM 1101 O  O   . HOH C 3 .   ? 0.593   -6.298  11.009  1.00 33.42 ? 222 HOH A O   1 
HETATM 1102 O  O   . HOH C 3 .   ? 11.669  16.029  -0.910  1.00 33.45 ? 223 HOH A O   1 
HETATM 1103 O  O   . HOH C 3 .   ? 12.183  9.118   -0.909  1.00 33.95 ? 224 HOH A O   1 
HETATM 1104 O  O   . HOH C 3 .   ? 13.006  -6.674  -8.048  1.00 34.31 ? 225 HOH A O   1 
HETATM 1105 O  O   . HOH C 3 .   ? 8.480   -2.200  10.474  1.00 34.34 ? 226 HOH A O   1 
HETATM 1106 O  O   . HOH C 3 .   ? 11.021  4.048   4.689   1.00 34.42 ? 227 HOH A O   1 
HETATM 1107 O  O   . HOH C 3 .   ? -25.063 -12.728 5.212   1.00 34.44 ? 228 HOH A O   1 
HETATM 1108 O  O   . HOH C 3 .   ? 3.807   3.485   22.537  1.00 34.60 ? 229 HOH A O   1 
HETATM 1109 O  O   . HOH C 3 .   ? -8.484  -9.778  8.843   1.00 34.73 ? 230 HOH A O   1 
HETATM 1110 O  O   . HOH C 3 .   ? -6.115  -10.325 -4.309  1.00 34.81 ? 231 HOH A O   1 
HETATM 1111 O  O   . HOH C 3 .   ? 0.715   -2.797  12.201  1.00 34.96 ? 232 HOH A O   1 
HETATM 1112 O  O   . HOH C 3 .   ? 5.932   3.759   19.130  1.00 34.98 ? 233 HOH A O   1 
HETATM 1113 O  O   . HOH C 3 .   ? 11.849  18.841  -3.496  1.00 35.06 ? 234 HOH A O   1 
HETATM 1114 O  O   . HOH C 3 .   ? 7.008   5.159   -17.379 1.00 35.11 ? 235 HOH A O   1 
HETATM 1115 O  O   . HOH C 3 .   ? 12.772  7.496   0.571   1.00 35.18 ? 236 HOH A O   1 
HETATM 1116 O  O   . HOH C 3 .   ? 12.925  -0.960  0.979   1.00 35.20 ? 237 HOH A O   1 
HETATM 1117 O  O   . HOH C 3 .   ? -22.726 -17.527 1.829   1.00 35.35 ? 238 HOH A O   1 
HETATM 1118 O  O   . HOH C 3 .   ? -1.716  -3.570  20.024  1.00 35.68 ? 239 HOH A O   1 
HETATM 1119 O  O   . HOH C 3 .   ? -13.801 -15.454 -6.050  1.00 35.84 ? 240 HOH A O   1 
HETATM 1120 O  O   . HOH C 3 .   ? -19.206 -1.485  11.853  1.00 35.87 ? 241 HOH A O   1 
HETATM 1121 O  O   . HOH C 3 .   ? 7.290   17.894  1.326   1.00 36.27 ? 242 HOH A O   1 
HETATM 1122 O  O   . HOH C 3 .   ? 9.008   22.141  -8.804  1.00 36.30 ? 243 HOH A O   1 
HETATM 1123 O  O   . HOH C 3 .   ? -28.215 -7.750  4.726   1.00 36.55 ? 244 HOH A O   1 
HETATM 1124 O  O   . HOH C 3 .   ? -21.401 -14.571 6.449   1.00 36.55 ? 245 HOH A O   1 
HETATM 1125 O  O   . HOH C 3 .   ? 9.687   12.868  3.958   1.00 36.80 ? 246 HOH A O   1 
HETATM 1126 O  O   . HOH C 3 .   ? 12.592  15.150  -15.462 1.00 37.21 ? 247 HOH A O   1 
HETATM 1127 O  O   . HOH C 3 .   ? 10.330  1.009   8.673   1.00 37.26 ? 248 HOH A O   1 
HETATM 1128 O  O   . HOH C 3 .   ? 8.963   5.612   4.440   1.00 37.29 ? 249 HOH A O   1 
HETATM 1129 O  O   . HOH C 3 .   ? -8.458  -11.344 -4.604  1.00 37.32 ? 250 HOH A O   1 
HETATM 1130 O  O   . HOH C 3 .   ? -18.277 -3.724  13.948  1.00 37.44 ? 251 HOH A O   1 
HETATM 1131 O  O   . HOH C 3 .   ? 1.942   -17.674 1.607   1.00 37.76 ? 252 HOH A O   1 
HETATM 1132 O  O   . HOH C 3 .   ? -2.510  -17.126 2.531   1.00 37.96 ? 253 HOH A O   1 
HETATM 1133 O  O   . HOH C 3 .   ? 12.741  -8.125  -12.781 1.00 37.99 ? 254 HOH A O   1 
HETATM 1134 O  O   . HOH C 3 .   ? 6.628   -1.457  8.735   1.00 38.11 ? 255 HOH A O   1 
HETATM 1135 O  O   . HOH C 3 .   ? 1.898   -12.478 -6.838  1.00 38.44 ? 256 HOH A O   1 
HETATM 1136 O  O   . HOH C 3 .   ? -9.220  -13.341 -3.227  1.00 38.44 ? 257 HOH A O   1 
HETATM 1137 O  O   . HOH C 3 .   ? 4.601   20.040  4.443   1.00 38.91 ? 258 HOH A O   1 
HETATM 1138 O  O   . HOH C 3 .   ? -5.691  -5.017  19.947  1.00 38.98 ? 259 HOH A O   1 
HETATM 1139 O  O   . HOH C 3 .   ? 13.148  4.470   3.195   1.00 39.07 ? 260 HOH A O   1 
HETATM 1140 O  O   . HOH C 3 .   ? 11.011  2.149   2.727   1.00 39.35 ? 261 HOH A O   1 
HETATM 1141 O  O   . HOH C 3 .   ? 14.524  -1.408  -8.759  1.00 39.41 ? 262 HOH A O   1 
HETATM 1142 O  O   . HOH C 3 .   ? -1.700  -13.314 -6.870  1.00 39.60 ? 263 HOH A O   1 
HETATM 1143 O  O   . HOH C 3 .   ? -19.552 -3.571  9.139   1.00 39.65 ? 264 HOH A O   1 
HETATM 1144 O  O   . HOH C 3 .   ? 10.124  6.914   -16.947 1.00 40.23 ? 265 HOH A O   1 
HETATM 1145 O  O   . HOH C 3 .   ? 4.269   -4.751  10.128  1.00 40.36 ? 266 HOH A O   1 
HETATM 1146 O  O   . HOH C 3 .   ? 10.060  -7.882  -13.333 1.00 40.59 ? 267 HOH A O   1 
HETATM 1147 O  O   . HOH C 3 .   ? 4.395   0.052   10.971  1.00 40.65 ? 268 HOH A O   1 
HETATM 1148 O  O   . HOH C 3 .   ? 17.606  11.056  -3.779  1.00 40.72 ? 269 HOH A O   1 
HETATM 1149 O  O   . HOH C 3 .   ? -19.854 -8.461  12.499  1.00 41.21 ? 270 HOH A O   1 
HETATM 1150 O  O   . HOH C 3 .   ? 0.601   -2.643  20.722  1.00 41.24 ? 271 HOH A O   1 
HETATM 1151 O  O   . HOH C 3 .   ? -10.109 -16.593 3.317   1.00 41.25 ? 272 HOH A O   1 
HETATM 1152 O  O   . HOH C 3 .   ? 20.050  8.434   -1.967  1.00 42.04 ? 273 HOH A O   1 
HETATM 1153 O  O   . HOH C 3 .   ? 12.261  -4.716  -9.589  1.00 42.17 ? 274 HOH A O   1 
HETATM 1154 O  O   . HOH C 3 .   ? 4.327   16.904  11.336  1.00 43.03 ? 275 HOH A O   1 
HETATM 1155 O  O   . HOH C 3 .   ? -5.871  -8.247  12.389  1.00 43.20 ? 276 HOH A O   1 
HETATM 1156 O  O   . HOH C 3 .   ? 17.806  13.102  -12.505 1.00 43.33 ? 277 HOH A O   1 
HETATM 1157 O  O   . HOH C 3 .   ? 11.432  6.430   3.812   1.00 43.89 ? 278 HOH A O   1 
HETATM 1158 O  O   . HOH C 3 .   ? 9.613   16.515  4.068   1.00 43.91 ? 279 HOH A O   1 
HETATM 1159 O  O   . HOH C 3 .   ? -21.786 -17.366 6.543   1.00 44.12 ? 280 HOH A O   1 
HETATM 1160 O  O   . HOH C 3 .   ? 13.536  19.095  -14.801 1.00 44.92 ? 281 HOH A O   1 
HETATM 1161 O  O   . HOH C 3 .   ? -18.200 -0.700  16.484  1.00 46.40 ? 282 HOH A O   1 
HETATM 1162 O  O   . HOH C 3 .   ? 6.302   18.860  3.618   1.00 46.87 ? 283 HOH A O   1 
HETATM 1163 O  O   . HOH C 3 .   ? -19.296 -5.891  14.341  1.00 47.09 ? 284 HOH A O   1 
HETATM 1164 O  O   . HOH C 3 .   ? 9.266   -9.038  -9.275  1.00 47.23 ? 285 HOH A O   1 
HETATM 1165 O  O   . HOH C 3 .   ? 4.734   0.804   19.699  1.00 47.33 ? 286 HOH A O   1 
HETATM 1166 O  O   . HOH C 3 .   ? 1.369   -17.062 -5.629  1.00 47.88 ? 287 HOH A O   1 
HETATM 1167 O  O   . HOH C 3 .   ? -15.952 -5.499  15.276  1.00 48.14 ? 288 HOH A O   1 
HETATM 1168 O  O   . HOH C 3 .   ? -2.592  -4.433  22.765  1.00 49.68 ? 289 HOH A O   1 
HETATM 1169 O  O   . HOH C 3 .   ? -22.011 -14.076 9.476   1.00 50.59 ? 290 HOH A O   1 
HETATM 1170 O  O   . HOH C 3 .   ? -5.186  -4.099  23.021  1.00 51.39 ? 291 HOH A O   1 
HETATM 1171 O  O   . HOH C 3 .   ? 3.603   -15.752 7.483   1.00 52.01 ? 292 HOH A O   1 
# 
loop_
_pdbx_poly_seq_scheme.asym_id 
_pdbx_poly_seq_scheme.entity_id 
_pdbx_poly_seq_scheme.seq_id 
_pdbx_poly_seq_scheme.mon_id 
_pdbx_poly_seq_scheme.ndb_seq_num 
_pdbx_poly_seq_scheme.pdb_seq_num 
_pdbx_poly_seq_scheme.auth_seq_num 
_pdbx_poly_seq_scheme.pdb_mon_id 
_pdbx_poly_seq_scheme.auth_mon_id 
_pdbx_poly_seq_scheme.pdb_strand_id 
_pdbx_poly_seq_scheme.pdb_ins_code 
_pdbx_poly_seq_scheme.hetero 
A 1 1   MET 1   -11 ?   ?   ?   A . n 
A 1 2   GLY 2   -10 ?   ?   ?   A . n 
A 1 3   SER 3   -9  ?   ?   ?   A . n 
A 1 4   ASP 4   -8  ?   ?   ?   A . n 
A 1 5   LYS 5   -7  ?   ?   ?   A . n 
A 1 6   ILE 6   -6  ?   ?   ?   A . n 
A 1 7   HIS 7   -5  ?   ?   ?   A . n 
A 1 8   HIS 8   -4  ?   ?   ?   A . n 
A 1 9   HIS 9   -3  ?   ?   ?   A . n 
A 1 10  HIS 10  -2  ?   ?   ?   A . n 
A 1 11  HIS 11  -1  ?   ?   ?   A . n 
A 1 12  HIS 12  0   ?   ?   ?   A . n 
A 1 13  MET 13  1   ?   ?   ?   A . n 
A 1 14  LYS 14  2   ?   ?   ?   A . n 
A 1 15  GLY 15  3   ?   ?   ?   A . n 
A 1 16  VAL 16  4   4   VAL VAL A . n 
A 1 17  ILE 17  5   5   ILE ILE A . n 
A 1 18  GLU 18  6   6   GLU GLU A . n 
A 1 19  TYR 19  7   7   TYR TYR A . n 
A 1 20  SER 20  8   8   SER SER A . n 
A 1 21  LEU 21  9   9   LEU LEU A . n 
A 1 22  LYS 22  10  10  LYS LYS A . n 
A 1 23  THR 23  11  11  THR THR A . n 
A 1 24  SER 24  12  12  SER SER A . n 
A 1 25  ASN 25  13  13  ASN ASN A . n 
A 1 26  ASP 26  14  14  ASP ASP A . n 
A 1 27  ASP 27  15  15  ASP ASP A . n 
A 1 28  GLN 28  16  16  GLN GLN A . n 
A 1 29  PHE 29  17  17  PHE PHE A . n 
A 1 30  ILE 30  18  18  ILE ILE A . n 
A 1 31  ASP 31  19  19  ASP ASP A . n 
A 1 32  ILE 32  20  20  ILE ILE A . n 
A 1 33  THR 33  21  21  THR THR A . n 
A 1 34  ASN 34  22  22  ASN ASN A . n 
A 1 35  LEU 35  23  23  LEU LEU A . n 
A 1 36  VAL 36  24  24  VAL VAL A . n 
A 1 37  LYS 37  25  25  LYS LYS A . n 
A 1 38  LYS 38  26  26  LYS LYS A . n 
A 1 39  ALA 39  27  27  ALA ALA A . n 
A 1 40  VAL 40  28  28  VAL VAL A . n 
A 1 41  ASP 41  29  29  ASP ASP A . n 
A 1 42  GLU 42  30  30  GLU GLU A . n 
A 1 43  SER 43  31  31  SER SER A . n 
A 1 44  GLY 44  32  32  GLY GLY A . n 
A 1 45  VAL 45  33  33  VAL VAL A . n 
A 1 46  SER 46  34  34  SER SER A . n 
A 1 47  ASP 47  35  35  ASP ASP A . n 
A 1 48  GLY 48  36  36  GLY GLY A . n 
A 1 49  MET 49  37  37  MET MET A . n 
A 1 50  ALA 50  38  38  ALA ALA A . n 
A 1 51  VAL 51  39  39  VAL VAL A . n 
A 1 52  VAL 52  40  40  VAL VAL A . n 
A 1 53  PHE 53  41  41  PHE PHE A . n 
A 1 54  CYS 54  42  42  CYS CYS A . n 
A 1 55  PRO 55  43  43  PRO PRO A . n 
A 1 56  HIS 56  44  44  HIS HIS A . n 
A 1 57  THR 57  45  45  THR THR A . n 
A 1 58  THR 58  46  46  THR THR A . n 
A 1 59  ALA 59  47  47  ALA ALA A . n 
A 1 60  GLY 60  48  48  GLY GLY A . n 
A 1 61  ILE 61  49  49  ILE ILE A . n 
A 1 62  THR 62  50  50  THR THR A . n 
A 1 63  ILE 63  51  51  ILE ILE A . n 
A 1 64  ASN 64  52  52  ASN ASN A . n 
A 1 65  GLU 65  53  53  GLU GLU A . n 
A 1 66  ASN 66  54  54  ASN ASN A . n 
A 1 67  ALA 67  55  55  ALA ALA A . n 
A 1 68  ASP 68  56  56  ASP ASP A . n 
A 1 69  PRO 69  57  57  PRO PRO A . n 
A 1 70  ASP 70  58  58  ASP ASP A . n 
A 1 71  VAL 71  59  59  VAL VAL A . n 
A 1 72  THR 72  60  60  THR THR A . n 
A 1 73  ARG 73  61  61  ARG ARG A . n 
A 1 74  ASP 74  62  62  ASP ASP A . n 
A 1 75  ILE 75  63  63  ILE ILE A . n 
A 1 76  LEU 76  64  64  LEU LEU A . n 
A 1 77  VAL 77  65  65  VAL VAL A . n 
A 1 78  ASN 78  66  66  ASN ASN A . n 
A 1 79  LEU 79  67  67  LEU LEU A . n 
A 1 80  ASP 80  68  68  ASP ASP A . n 
A 1 81  LYS 81  69  69  LYS LYS A . n 
A 1 82  VAL 82  70  70  VAL VAL A . n 
A 1 83  PHE 83  71  71  PHE PHE A . n 
A 1 84  PRO 84  72  72  PRO PRO A . n 
A 1 85  LYS 85  73  73  LYS LYS A . n 
A 1 86  VAL 86  74  74  VAL VAL A . n 
A 1 87  GLY 87  75  75  GLY GLY A . n 
A 1 88  ASP 88  76  76  ASP ASP A . n 
A 1 89  TYR 89  77  77  TYR TYR A . n 
A 1 90  LYS 90  78  78  LYS LYS A . n 
A 1 91  HIS 91  79  79  HIS HIS A . n 
A 1 92  VAL 92  80  80  VAL VAL A . n 
A 1 93  GLU 93  81  81  GLU GLU A . n 
A 1 94  GLY 94  82  82  GLY GLY A . n 
A 1 95  ASN 95  83  83  ASN ASN A . n 
A 1 96  SER 96  84  84  SER SER A . n 
A 1 97  HIS 97  85  85  HIS HIS A . n 
A 1 98  ALA 98  86  86  ALA ALA A . n 
A 1 99  HIS 99  87  87  HIS HIS A . n 
A 1 100 ILE 100 88  88  ILE ILE A . n 
A 1 101 LYS 101 89  89  LYS LYS A . n 
A 1 102 ALA 102 90  90  ALA ALA A . n 
A 1 103 SER 103 91  91  SER SER A . n 
A 1 104 LEU 104 92  92  LEU LEU A . n 
A 1 105 MET 105 93  93  MET MET A . n 
A 1 106 GLY 106 94  94  GLY GLY A . n 
A 1 107 SER 107 95  95  SER SER A . n 
A 1 108 SER 108 96  96  SER SER A . n 
A 1 109 GLN 109 97  97  GLN GLN A . n 
A 1 110 GLN 110 98  98  GLN GLN A . n 
A 1 111 ILE 111 99  99  ILE ILE A . n 
A 1 112 ILE 112 100 100 ILE ILE A . n 
A 1 113 ILE 113 101 101 ILE ILE A . n 
A 1 114 GLU 114 102 102 GLU GLU A . n 
A 1 115 ASN 115 103 103 ASN ASN A . n 
A 1 116 GLY 116 104 104 GLY GLY A . n 
A 1 117 LYS 117 105 105 LYS LYS A . n 
A 1 118 LEU 118 106 106 LEU LEU A . n 
A 1 119 LYS 119 107 107 LYS LYS A . n 
A 1 120 LEU 120 108 108 LEU LEU A . n 
A 1 121 GLY 121 109 109 GLY GLY A . n 
A 1 122 THR 122 110 110 THR THR A . n 
A 1 123 TRP 123 111 111 TRP TRP A . n 
A 1 124 GLN 124 112 112 GLN GLN A . n 
A 1 125 GLY 125 113 113 GLY GLY A . n 
A 1 126 ILE 126 114 114 ILE ILE A . n 
A 1 127 TYR 127 115 115 TYR TYR A . n 
A 1 128 PHE 128 116 116 PHE PHE A . n 
A 1 129 THR 129 117 117 THR THR A . n 
A 1 130 GLU 130 118 118 GLU GLU A . n 
A 1 131 PHE 131 119 119 PHE PHE A . n 
A 1 132 ASP 132 120 120 ASP ASP A . n 
A 1 133 GLY 133 121 121 GLY GLY A . n 
A 1 134 PRO 134 122 122 PRO PRO A . n 
A 1 135 ARG 135 123 123 ARG ARG A . n 
A 1 136 ASP 136 124 124 ASP ASP A . n 
A 1 137 ARG 137 125 125 ARG ARG A . n 
A 1 138 LYS 138 126 126 LYS LYS A . n 
A 1 139 VAL 139 127 127 VAL VAL A . n 
A 1 140 PHE 140 128 128 PHE PHE A . n 
A 1 141 VAL 141 129 129 VAL VAL A . n 
A 1 142 LYS 142 130 130 LYS LYS A . n 
A 1 143 ILE 143 131 131 ILE ILE A . n 
A 1 144 ILE 144 132 132 ILE ILE A . n 
# 
_pdbx_SG_project.id                    1 
_pdbx_SG_project.project_name          'PSI, Protein Structure Initiative' 
_pdbx_SG_project.full_name_of_center   'Joint Center for Structural Genomics' 
_pdbx_SG_project.initial_of_center     JCSG 
# 
loop_
_pdbx_nonpoly_scheme.asym_id 
_pdbx_nonpoly_scheme.entity_id 
_pdbx_nonpoly_scheme.mon_id 
_pdbx_nonpoly_scheme.ndb_seq_num 
_pdbx_nonpoly_scheme.pdb_seq_num 
_pdbx_nonpoly_scheme.auth_seq_num 
_pdbx_nonpoly_scheme.pdb_mon_id 
_pdbx_nonpoly_scheme.auth_mon_id 
_pdbx_nonpoly_scheme.pdb_strand_id 
_pdbx_nonpoly_scheme.pdb_ins_code 
B 2 NA  1   133 1   NA  NA  A . 
C 3 HOH 1   134 2   HOH HOH A . 
C 3 HOH 2   135 3   HOH HOH A . 
C 3 HOH 3   136 4   HOH HOH A . 
C 3 HOH 4   137 5   HOH HOH A . 
C 3 HOH 5   138 6   HOH HOH A . 
C 3 HOH 6   139 7   HOH HOH A . 
C 3 HOH 7   140 8   HOH HOH A . 
C 3 HOH 8   141 9   HOH HOH A . 
C 3 HOH 9   142 10  HOH HOH A . 
C 3 HOH 10  143 11  HOH HOH A . 
C 3 HOH 11  144 12  HOH HOH A . 
C 3 HOH 12  145 13  HOH HOH A . 
C 3 HOH 13  146 14  HOH HOH A . 
C 3 HOH 14  147 15  HOH HOH A . 
C 3 HOH 15  148 16  HOH HOH A . 
C 3 HOH 16  149 17  HOH HOH A . 
C 3 HOH 17  150 18  HOH HOH A . 
C 3 HOH 18  151 19  HOH HOH A . 
C 3 HOH 19  152 20  HOH HOH A . 
C 3 HOH 20  153 21  HOH HOH A . 
C 3 HOH 21  154 22  HOH HOH A . 
C 3 HOH 22  155 23  HOH HOH A . 
C 3 HOH 23  156 24  HOH HOH A . 
C 3 HOH 24  157 25  HOH HOH A . 
C 3 HOH 25  158 26  HOH HOH A . 
C 3 HOH 26  159 27  HOH HOH A . 
C 3 HOH 27  160 28  HOH HOH A . 
C 3 HOH 28  161 29  HOH HOH A . 
C 3 HOH 29  162 30  HOH HOH A . 
C 3 HOH 30  163 31  HOH HOH A . 
C 3 HOH 31  164 32  HOH HOH A . 
C 3 HOH 32  165 33  HOH HOH A . 
C 3 HOH 33  166 34  HOH HOH A . 
C 3 HOH 34  167 35  HOH HOH A . 
C 3 HOH 35  168 36  HOH HOH A . 
C 3 HOH 36  169 37  HOH HOH A . 
C 3 HOH 37  170 38  HOH HOH A . 
C 3 HOH 38  171 39  HOH HOH A . 
C 3 HOH 39  172 40  HOH HOH A . 
C 3 HOH 40  173 41  HOH HOH A . 
C 3 HOH 41  174 42  HOH HOH A . 
C 3 HOH 42  175 43  HOH HOH A . 
C 3 HOH 43  176 44  HOH HOH A . 
C 3 HOH 44  177 45  HOH HOH A . 
C 3 HOH 45  178 46  HOH HOH A . 
C 3 HOH 46  179 47  HOH HOH A . 
C 3 HOH 47  180 48  HOH HOH A . 
C 3 HOH 48  181 49  HOH HOH A . 
C 3 HOH 49  182 50  HOH HOH A . 
C 3 HOH 50  183 51  HOH HOH A . 
C 3 HOH 51  184 52  HOH HOH A . 
C 3 HOH 52  185 53  HOH HOH A . 
C 3 HOH 53  186 54  HOH HOH A . 
C 3 HOH 54  187 55  HOH HOH A . 
C 3 HOH 55  188 56  HOH HOH A . 
C 3 HOH 56  189 57  HOH HOH A . 
C 3 HOH 57  190 58  HOH HOH A . 
C 3 HOH 58  191 59  HOH HOH A . 
C 3 HOH 59  192 60  HOH HOH A . 
C 3 HOH 60  193 61  HOH HOH A . 
C 3 HOH 61  194 62  HOH HOH A . 
C 3 HOH 62  195 63  HOH HOH A . 
C 3 HOH 63  196 64  HOH HOH A . 
C 3 HOH 64  197 65  HOH HOH A . 
C 3 HOH 65  198 66  HOH HOH A . 
C 3 HOH 66  199 67  HOH HOH A . 
C 3 HOH 67  200 68  HOH HOH A . 
C 3 HOH 68  201 69  HOH HOH A . 
C 3 HOH 69  202 70  HOH HOH A . 
C 3 HOH 70  203 71  HOH HOH A . 
C 3 HOH 71  204 72  HOH HOH A . 
C 3 HOH 72  205 73  HOH HOH A . 
C 3 HOH 73  206 74  HOH HOH A . 
C 3 HOH 74  207 75  HOH HOH A . 
C 3 HOH 75  208 76  HOH HOH A . 
C 3 HOH 76  209 77  HOH HOH A . 
C 3 HOH 77  210 78  HOH HOH A . 
C 3 HOH 78  211 79  HOH HOH A . 
C 3 HOH 79  212 80  HOH HOH A . 
C 3 HOH 80  213 81  HOH HOH A . 
C 3 HOH 81  214 82  HOH HOH A . 
C 3 HOH 82  215 83  HOH HOH A . 
C 3 HOH 83  216 84  HOH HOH A . 
C 3 HOH 84  217 85  HOH HOH A . 
C 3 HOH 85  218 86  HOH HOH A . 
C 3 HOH 86  219 87  HOH HOH A . 
C 3 HOH 87  220 88  HOH HOH A . 
C 3 HOH 88  221 89  HOH HOH A . 
C 3 HOH 89  222 90  HOH HOH A . 
C 3 HOH 90  223 91  HOH HOH A . 
C 3 HOH 91  224 92  HOH HOH A . 
C 3 HOH 92  225 93  HOH HOH A . 
C 3 HOH 93  226 94  HOH HOH A . 
C 3 HOH 94  227 95  HOH HOH A . 
C 3 HOH 95  228 96  HOH HOH A . 
C 3 HOH 96  229 97  HOH HOH A . 
C 3 HOH 97  230 98  HOH HOH A . 
C 3 HOH 98  231 99  HOH HOH A . 
C 3 HOH 99  232 100 HOH HOH A . 
C 3 HOH 100 233 101 HOH HOH A . 
C 3 HOH 101 234 102 HOH HOH A . 
C 3 HOH 102 235 103 HOH HOH A . 
C 3 HOH 103 236 104 HOH HOH A . 
C 3 HOH 104 237 105 HOH HOH A . 
C 3 HOH 105 238 106 HOH HOH A . 
C 3 HOH 106 239 107 HOH HOH A . 
C 3 HOH 107 240 108 HOH HOH A . 
C 3 HOH 108 241 109 HOH HOH A . 
C 3 HOH 109 242 110 HOH HOH A . 
C 3 HOH 110 243 111 HOH HOH A . 
C 3 HOH 111 244 112 HOH HOH A . 
C 3 HOH 112 245 113 HOH HOH A . 
C 3 HOH 113 246 114 HOH HOH A . 
C 3 HOH 114 247 115 HOH HOH A . 
C 3 HOH 115 248 116 HOH HOH A . 
C 3 HOH 116 249 117 HOH HOH A . 
C 3 HOH 117 250 118 HOH HOH A . 
C 3 HOH 118 251 119 HOH HOH A . 
C 3 HOH 119 252 120 HOH HOH A . 
C 3 HOH 120 253 121 HOH HOH A . 
C 3 HOH 121 254 122 HOH HOH A . 
C 3 HOH 122 255 123 HOH HOH A . 
C 3 HOH 123 256 124 HOH HOH A . 
C 3 HOH 124 257 125 HOH HOH A . 
C 3 HOH 125 258 126 HOH HOH A . 
C 3 HOH 126 259 127 HOH HOH A . 
C 3 HOH 127 260 128 HOH HOH A . 
C 3 HOH 128 261 129 HOH HOH A . 
C 3 HOH 129 262 130 HOH HOH A . 
C 3 HOH 130 263 131 HOH HOH A . 
C 3 HOH 131 264 132 HOH HOH A . 
C 3 HOH 132 265 133 HOH HOH A . 
C 3 HOH 133 266 134 HOH HOH A . 
C 3 HOH 134 267 135 HOH HOH A . 
C 3 HOH 135 268 136 HOH HOH A . 
C 3 HOH 136 269 137 HOH HOH A . 
C 3 HOH 137 270 138 HOH HOH A . 
C 3 HOH 138 271 139 HOH HOH A . 
C 3 HOH 139 272 140 HOH HOH A . 
C 3 HOH 140 273 141 HOH HOH A . 
C 3 HOH 141 274 142 HOH HOH A . 
C 3 HOH 142 275 143 HOH HOH A . 
C 3 HOH 143 276 144 HOH HOH A . 
C 3 HOH 144 277 145 HOH HOH A . 
C 3 HOH 145 278 146 HOH HOH A . 
C 3 HOH 146 279 147 HOH HOH A . 
C 3 HOH 147 280 148 HOH HOH A . 
C 3 HOH 148 281 149 HOH HOH A . 
C 3 HOH 149 282 150 HOH HOH A . 
C 3 HOH 150 283 151 HOH HOH A . 
C 3 HOH 151 284 152 HOH HOH A . 
C 3 HOH 152 285 153 HOH HOH A . 
C 3 HOH 153 286 154 HOH HOH A . 
C 3 HOH 154 287 155 HOH HOH A . 
C 3 HOH 155 288 156 HOH HOH A . 
C 3 HOH 156 289 157 HOH HOH A . 
C 3 HOH 157 290 158 HOH HOH A . 
C 3 HOH 158 291 159 HOH HOH A . 
C 3 HOH 159 292 160 HOH HOH A . 
# 
_pdbx_struct_assembly.id                   1 
_pdbx_struct_assembly.details              author_and_software_defined_assembly 
_pdbx_struct_assembly.method_details       PISA,PQS 
_pdbx_struct_assembly.oligomeric_details   trimeric 
_pdbx_struct_assembly.oligomeric_count     3 
# 
_pdbx_struct_assembly_gen.assembly_id       1 
_pdbx_struct_assembly_gen.oper_expression   1,2,3 
_pdbx_struct_assembly_gen.asym_id_list      A,B,C 
# 
loop_
_pdbx_struct_assembly_prop.biol_id 
_pdbx_struct_assembly_prop.type 
_pdbx_struct_assembly_prop.value 
_pdbx_struct_assembly_prop.details 
1 'ABSA (A^2)' 7210  ? 
1 MORE         -48   ? 
1 'SSA (A^2)'  14380 ? 
# 
loop_
_pdbx_struct_oper_list.id 
_pdbx_struct_oper_list.type 
_pdbx_struct_oper_list.name 
_pdbx_struct_oper_list.symmetry_operation 
_pdbx_struct_oper_list.matrix[1][1] 
_pdbx_struct_oper_list.matrix[1][2] 
_pdbx_struct_oper_list.matrix[1][3] 
_pdbx_struct_oper_list.vector[1] 
_pdbx_struct_oper_list.matrix[2][1] 
_pdbx_struct_oper_list.matrix[2][2] 
_pdbx_struct_oper_list.matrix[2][3] 
_pdbx_struct_oper_list.vector[2] 
_pdbx_struct_oper_list.matrix[3][1] 
_pdbx_struct_oper_list.matrix[3][2] 
_pdbx_struct_oper_list.matrix[3][3] 
_pdbx_struct_oper_list.vector[3] 
1 'identity operation'         1_555 x,y,z     1.0000000000  0.0000000000  0.0000000000  0.0000000000   0.0000000000  1.0000000000  0.0000000000  0.0000000000  0.0000000000  0.0000000000  1.0000000000 0.0000000000   
2 'crystal symmetry operation' 2_555 -y,x-y,z  -0.0485712999 0.9165618416  -0.3969322604 -16.6780143087 -0.4432059966 -0.3759129869 -0.8137922775 3.6247811814  -0.8951029401 0.1363958092  0.4244842869 -10.3263883780 
3 'crystal symmetry operation' 3_555 -x+y,-x,z -0.0485712999 -0.4432059966 -0.8951029401 -8.4467286775  0.9165618416  -0.3759129869 0.1363958092  18.0575099293 -0.3969322604 -0.8137922775 0.4244842869 0.7131666215 
# 
loop_
_pdbx_struct_special_symmetry.id 
_pdbx_struct_special_symmetry.PDB_model_num 
_pdbx_struct_special_symmetry.auth_asym_id 
_pdbx_struct_special_symmetry.auth_comp_id 
_pdbx_struct_special_symmetry.auth_seq_id 
_pdbx_struct_special_symmetry.PDB_ins_code 
_pdbx_struct_special_symmetry.label_asym_id 
_pdbx_struct_special_symmetry.label_comp_id 
_pdbx_struct_special_symmetry.label_seq_id 
1 1 A NA  133 ? B NA  . 
2 1 A HOH 168 ? C HOH . 
3 1 A HOH 221 ? C HOH . 
# 
loop_
_pdbx_struct_conn_angle.id 
_pdbx_struct_conn_angle.ptnr1_label_atom_id 
_pdbx_struct_conn_angle.ptnr1_label_alt_id 
_pdbx_struct_conn_angle.ptnr1_label_asym_id 
_pdbx_struct_conn_angle.ptnr1_label_comp_id 
_pdbx_struct_conn_angle.ptnr1_label_seq_id 
_pdbx_struct_conn_angle.ptnr1_auth_atom_id 
_pdbx_struct_conn_angle.ptnr1_auth_asym_id 
_pdbx_struct_conn_angle.ptnr1_auth_comp_id 
_pdbx_struct_conn_angle.ptnr1_auth_seq_id 
_pdbx_struct_conn_angle.ptnr1_PDB_ins_code 
_pdbx_struct_conn_angle.ptnr1_symmetry 
_pdbx_struct_conn_angle.ptnr2_label_atom_id 
_pdbx_struct_conn_angle.ptnr2_label_alt_id 
_pdbx_struct_conn_angle.ptnr2_label_asym_id 
_pdbx_struct_conn_angle.ptnr2_label_comp_id 
_pdbx_struct_conn_angle.ptnr2_label_seq_id 
_pdbx_struct_conn_angle.ptnr2_auth_atom_id 
_pdbx_struct_conn_angle.ptnr2_auth_asym_id 
_pdbx_struct_conn_angle.ptnr2_auth_comp_id 
_pdbx_struct_conn_angle.ptnr2_auth_seq_id 
_pdbx_struct_conn_angle.ptnr2_PDB_ins_code 
_pdbx_struct_conn_angle.ptnr2_symmetry 
_pdbx_struct_conn_angle.ptnr3_label_atom_id 
_pdbx_struct_conn_angle.ptnr3_label_alt_id 
_pdbx_struct_conn_angle.ptnr3_label_asym_id 
_pdbx_struct_conn_angle.ptnr3_label_comp_id 
_pdbx_struct_conn_angle.ptnr3_label_seq_id 
_pdbx_struct_conn_angle.ptnr3_auth_atom_id 
_pdbx_struct_conn_angle.ptnr3_auth_asym_id 
_pdbx_struct_conn_angle.ptnr3_auth_comp_id 
_pdbx_struct_conn_angle.ptnr3_auth_seq_id 
_pdbx_struct_conn_angle.ptnr3_PDB_ins_code 
_pdbx_struct_conn_angle.ptnr3_symmetry 
_pdbx_struct_conn_angle.value 
_pdbx_struct_conn_angle.value_esd 
1  O ? A LEU 104 ? A LEU 92  ? 1_555 NA ? B NA . ? A NA 133 ? 1_555 O ? A LEU 104 ? A LEU 92  ? 2_555 107.2 ? 
2  O ? A LEU 104 ? A LEU 92  ? 1_555 NA ? B NA . ? A NA 133 ? 1_555 O ? A LEU 104 ? A LEU 92  ? 3_555 105.8 ? 
3  O ? A LEU 104 ? A LEU 92  ? 2_555 NA ? B NA . ? A NA 133 ? 1_555 O ? A LEU 104 ? A LEU 92  ? 3_555 108.3 ? 
4  O ? A LEU 104 ? A LEU 92  ? 1_555 NA ? B NA . ? A NA 133 ? 1_555 O ? C HOH .   ? A HOH 138 ? 1_555 81.5  ? 
5  O ? A LEU 104 ? A LEU 92  ? 2_555 NA ? B NA . ? A NA 133 ? 1_555 O ? C HOH .   ? A HOH 138 ? 1_555 83.2  ? 
6  O ? A LEU 104 ? A LEU 92  ? 3_555 NA ? B NA . ? A NA 133 ? 1_555 O ? C HOH .   ? A HOH 138 ? 1_555 163.1 ? 
7  O ? A LEU 104 ? A LEU 92  ? 1_555 NA ? B NA . ? A NA 133 ? 1_555 O ? C HOH .   ? A HOH 138 ? 2_555 162.4 ? 
8  O ? A LEU 104 ? A LEU 92  ? 2_555 NA ? B NA . ? A NA 133 ? 1_555 O ? C HOH .   ? A HOH 138 ? 2_555 83.8  ? 
9  O ? A LEU 104 ? A LEU 92  ? 3_555 NA ? B NA . ? A NA 133 ? 1_555 O ? C HOH .   ? A HOH 138 ? 2_555 82.8  ? 
10 O ? C HOH .   ? A HOH 138 ? 1_555 NA ? B NA . ? A NA 133 ? 1_555 O ? C HOH .   ? A HOH 138 ? 2_555 86.4  ? 
11 O ? A LEU 104 ? A LEU 92  ? 1_555 NA ? B NA . ? A NA 133 ? 1_555 O ? C HOH .   ? A HOH 138 ? 3_555 80.8  ? 
12 O ? A LEU 104 ? A LEU 92  ? 2_555 NA ? B NA . ? A NA 133 ? 1_555 O ? C HOH .   ? A HOH 138 ? 3_555 164.4 ? 
13 O ? A LEU 104 ? A LEU 92  ? 3_555 NA ? B NA . ? A NA 133 ? 1_555 O ? C HOH .   ? A HOH 138 ? 3_555 81.4  ? 
14 O ? C HOH .   ? A HOH 138 ? 1_555 NA ? B NA . ? A NA 133 ? 1_555 O ? C HOH .   ? A HOH 138 ? 3_555 84.9  ? 
15 O ? C HOH .   ? A HOH 138 ? 2_555 NA ? B NA . ? A NA 133 ? 1_555 O ? C HOH .   ? A HOH 138 ? 3_555 85.5  ? 
# 
loop_
_pdbx_audit_revision_history.ordinal 
_pdbx_audit_revision_history.data_content_type 
_pdbx_audit_revision_history.major_revision 
_pdbx_audit_revision_history.minor_revision 
_pdbx_audit_revision_history.revision_date 
1 'Structure model' 1 0 2004-10-05 
2 'Structure model' 1 1 2008-04-26 
3 'Structure model' 1 2 2011-07-13 
4 'Structure model' 1 3 2023-08-23 
# 
_pdbx_audit_revision_details.ordinal             1 
_pdbx_audit_revision_details.revision_ordinal    1 
_pdbx_audit_revision_details.data_content_type   'Structure model' 
_pdbx_audit_revision_details.provider            repository 
_pdbx_audit_revision_details.type                'Initial release' 
_pdbx_audit_revision_details.description         ? 
_pdbx_audit_revision_details.details             ? 
# 
loop_
_pdbx_audit_revision_group.ordinal 
_pdbx_audit_revision_group.revision_ordinal 
_pdbx_audit_revision_group.data_content_type 
_pdbx_audit_revision_group.group 
1 2 'Structure model' 'Version format compliance' 
2 3 'Structure model' Advisory                    
3 3 'Structure model' 'Derived calculations'      
4 3 'Structure model' 'Version format compliance' 
5 4 'Structure model' 'Data collection'           
6 4 'Structure model' 'Database references'       
7 4 'Structure model' 'Derived calculations'      
8 4 'Structure model' 'Refinement description'    
# 
loop_
_pdbx_audit_revision_category.ordinal 
_pdbx_audit_revision_category.revision_ordinal 
_pdbx_audit_revision_category.data_content_type 
_pdbx_audit_revision_category.category 
1 4 'Structure model' chem_comp_atom                
2 4 'Structure model' chem_comp_bond                
3 4 'Structure model' database_2                    
4 4 'Structure model' pdbx_initial_refinement_model 
5 4 'Structure model' pdbx_struct_conn_angle        
6 4 'Structure model' struct_conn                   
7 4 'Structure model' struct_ref_seq_dif            
8 4 'Structure model' struct_site                   
# 
loop_
_pdbx_audit_revision_item.ordinal 
_pdbx_audit_revision_item.revision_ordinal 
_pdbx_audit_revision_item.data_content_type 
_pdbx_audit_revision_item.item 
1  4 'Structure model' '_database_2.pdbx_DOI'                        
2  4 'Structure model' '_database_2.pdbx_database_accession'         
3  4 'Structure model' '_pdbx_struct_conn_angle.ptnr1_auth_comp_id'  
4  4 'Structure model' '_pdbx_struct_conn_angle.ptnr1_auth_seq_id'   
5  4 'Structure model' '_pdbx_struct_conn_angle.ptnr1_label_asym_id' 
6  4 'Structure model' '_pdbx_struct_conn_angle.ptnr1_label_comp_id' 
7  4 'Structure model' '_pdbx_struct_conn_angle.ptnr1_label_seq_id'  
8  4 'Structure model' '_pdbx_struct_conn_angle.ptnr1_symmetry'      
9  4 'Structure model' '_pdbx_struct_conn_angle.ptnr3_auth_comp_id'  
10 4 'Structure model' '_pdbx_struct_conn_angle.ptnr3_auth_seq_id'   
11 4 'Structure model' '_pdbx_struct_conn_angle.ptnr3_label_asym_id' 
12 4 'Structure model' '_pdbx_struct_conn_angle.ptnr3_label_comp_id' 
13 4 'Structure model' '_pdbx_struct_conn_angle.ptnr3_label_seq_id'  
14 4 'Structure model' '_pdbx_struct_conn_angle.ptnr3_symmetry'      
15 4 'Structure model' '_pdbx_struct_conn_angle.value'               
16 4 'Structure model' '_struct_conn.pdbx_dist_value'                
17 4 'Structure model' '_struct_conn.ptnr1_auth_comp_id'             
18 4 'Structure model' '_struct_conn.ptnr1_auth_seq_id'              
19 4 'Structure model' '_struct_conn.ptnr1_label_asym_id'            
20 4 'Structure model' '_struct_conn.ptnr1_label_atom_id'            
21 4 'Structure model' '_struct_conn.ptnr1_label_comp_id'            
22 4 'Structure model' '_struct_conn.ptnr1_label_seq_id'             
23 4 'Structure model' '_struct_conn.ptnr1_symmetry'                 
24 4 'Structure model' '_struct_conn.ptnr2_auth_comp_id'             
25 4 'Structure model' '_struct_conn.ptnr2_auth_seq_id'              
26 4 'Structure model' '_struct_conn.ptnr2_label_asym_id'            
27 4 'Structure model' '_struct_conn.ptnr2_label_atom_id'            
28 4 'Structure model' '_struct_conn.ptnr2_label_comp_id'            
29 4 'Structure model' '_struct_conn.ptnr2_label_seq_id'             
30 4 'Structure model' '_struct_conn.ptnr2_symmetry'                 
31 4 'Structure model' '_struct_ref_seq_dif.details'                 
32 4 'Structure model' '_struct_site.pdbx_auth_asym_id'              
33 4 'Structure model' '_struct_site.pdbx_auth_comp_id'              
34 4 'Structure model' '_struct_site.pdbx_auth_seq_id'               
# 
_pdbx_refine_tls.id               1 
_pdbx_refine_tls.details          . 
_pdbx_refine_tls.method           refined 
_pdbx_refine_tls.origin_x         -0.0271 
_pdbx_refine_tls.origin_y         0.0753 
_pdbx_refine_tls.origin_z         0.1383 
_pdbx_refine_tls.T[1][1]          -0.0085 
_pdbx_refine_tls.T[2][2]          -0.0178 
_pdbx_refine_tls.T[3][3]          -0.0074 
_pdbx_refine_tls.T[1][2]          0.0175 
_pdbx_refine_tls.T[1][3]          -0.0203 
_pdbx_refine_tls.T[2][3]          -0.0014 
_pdbx_refine_tls.L[1][1]          0.7891 
_pdbx_refine_tls.L[2][2]          0.7551 
_pdbx_refine_tls.L[3][3]          0.5720 
_pdbx_refine_tls.L[1][2]          0.0280 
_pdbx_refine_tls.L[1][3]          -0.0322 
_pdbx_refine_tls.L[2][3]          0.1127 
_pdbx_refine_tls.S[1][1]          0.0091 
_pdbx_refine_tls.S[2][2]          -0.0026 
_pdbx_refine_tls.S[3][3]          -0.0065 
_pdbx_refine_tls.S[1][2]          -0.0511 
_pdbx_refine_tls.S[1][3]          -0.0961 
_pdbx_refine_tls.S[2][3]          -0.1116 
_pdbx_refine_tls.S[2][1]          0.0359 
_pdbx_refine_tls.S[3][1]          0.1195 
_pdbx_refine_tls.S[3][2]          0.1122 
_pdbx_refine_tls.pdbx_refine_id   'X-RAY DIFFRACTION' 
# 
_pdbx_refine_tls_group.id                  1 
_pdbx_refine_tls_group.refine_tls_id       1 
_pdbx_refine_tls_group.beg_label_asym_id   A 
_pdbx_refine_tls_group.beg_label_seq_id    16 
_pdbx_refine_tls_group.end_label_asym_id   A 
_pdbx_refine_tls_group.end_label_seq_id    144 
_pdbx_refine_tls_group.selection           ALL 
_pdbx_refine_tls_group.beg_auth_asym_id    A 
_pdbx_refine_tls_group.beg_auth_seq_id     4 
_pdbx_refine_tls_group.end_auth_asym_id    A 
_pdbx_refine_tls_group.end_auth_seq_id     132 
_pdbx_refine_tls_group.pdbx_refine_id      'X-RAY DIFFRACTION' 
_pdbx_refine_tls_group.selection_details   ? 
# 
loop_
_software.name 
_software.classification 
_software.version 
_software.citation_id 
_software.pdbx_ordinal 
XDS    'data scaling'   .            ? 1 
SCALA  'data scaling'   '5.0)'       ? 2 
MOLREP phasing          .            ? 3 
REFMAC refinement       '(5.2.0005)' ? 4 
XDS    'data reduction' .            ? 5 
CCP4   'data scaling'   '(SCALA)'    ? 6 
# 
_pdbx_validate_torsion.id              1 
_pdbx_validate_torsion.PDB_model_num   1 
_pdbx_validate_torsion.auth_comp_id    ASP 
_pdbx_validate_torsion.auth_asym_id    A 
_pdbx_validate_torsion.auth_seq_id     120 
_pdbx_validate_torsion.PDB_ins_code    ? 
_pdbx_validate_torsion.label_alt_id    ? 
_pdbx_validate_torsion.phi             -142.79 
_pdbx_validate_torsion.psi             50.08 
# 
loop_
_pdbx_unobs_or_zero_occ_atoms.id 
_pdbx_unobs_or_zero_occ_atoms.PDB_model_num 
_pdbx_unobs_or_zero_occ_atoms.polymer_flag 
_pdbx_unobs_or_zero_occ_atoms.occupancy_flag 
_pdbx_unobs_or_zero_occ_atoms.auth_asym_id 
_pdbx_unobs_or_zero_occ_atoms.auth_comp_id 
_pdbx_unobs_or_zero_occ_atoms.auth_seq_id 
_pdbx_unobs_or_zero_occ_atoms.PDB_ins_code 
_pdbx_unobs_or_zero_occ_atoms.auth_atom_id 
_pdbx_unobs_or_zero_occ_atoms.label_alt_id 
_pdbx_unobs_or_zero_occ_atoms.label_asym_id 
_pdbx_unobs_or_zero_occ_atoms.label_comp_id 
_pdbx_unobs_or_zero_occ_atoms.label_seq_id 
_pdbx_unobs_or_zero_occ_atoms.label_atom_id 
1  1 Y 1 A VAL 4   ? N  ? A VAL 16  N  
2  1 Y 1 A LYS 10  ? CG ? A LYS 22  CG 
3  1 Y 1 A LYS 10  ? CD ? A LYS 22  CD 
4  1 Y 1 A LYS 10  ? CE ? A LYS 22  CE 
5  1 Y 1 A LYS 10  ? NZ ? A LYS 22  NZ 
6  1 Y 1 A LYS 73  ? CE ? A LYS 85  CE 
7  1 Y 1 A LYS 73  ? NZ ? A LYS 85  NZ 
8  1 Y 1 A LYS 78  ? CE ? A LYS 90  CE 
9  1 Y 1 A LYS 78  ? NZ ? A LYS 90  NZ 
10 1 Y 1 A LYS 126 ? CE ? A LYS 138 CE 
11 1 Y 1 A LYS 126 ? NZ ? A LYS 138 NZ 
# 
loop_
_pdbx_unobs_or_zero_occ_residues.id 
_pdbx_unobs_or_zero_occ_residues.PDB_model_num 
_pdbx_unobs_or_zero_occ_residues.polymer_flag 
_pdbx_unobs_or_zero_occ_residues.occupancy_flag 
_pdbx_unobs_or_zero_occ_residues.auth_asym_id 
_pdbx_unobs_or_zero_occ_residues.auth_comp_id 
_pdbx_unobs_or_zero_occ_residues.auth_seq_id 
_pdbx_unobs_or_zero_occ_residues.PDB_ins_code 
_pdbx_unobs_or_zero_occ_residues.label_asym_id 
_pdbx_unobs_or_zero_occ_residues.label_comp_id 
_pdbx_unobs_or_zero_occ_residues.label_seq_id 
1  1 Y 1 A MET -11 ? A MET 1  
2  1 Y 1 A GLY -10 ? A GLY 2  
3  1 Y 1 A SER -9  ? A SER 3  
4  1 Y 1 A ASP -8  ? A ASP 4  
5  1 Y 1 A LYS -7  ? A LYS 5  
6  1 Y 1 A ILE -6  ? A ILE 6  
7  1 Y 1 A HIS -5  ? A HIS 7  
8  1 Y 1 A HIS -4  ? A HIS 8  
9  1 Y 1 A HIS -3  ? A HIS 9  
10 1 Y 1 A HIS -2  ? A HIS 10 
11 1 Y 1 A HIS -1  ? A HIS 11 
12 1 Y 1 A HIS 0   ? A HIS 12 
13 1 Y 1 A MET 1   ? A MET 13 
14 1 Y 1 A LYS 2   ? A LYS 14 
15 1 Y 1 A GLY 3   ? A GLY 15 
# 
loop_
_chem_comp_atom.comp_id 
_chem_comp_atom.atom_id 
_chem_comp_atom.type_symbol 
_chem_comp_atom.pdbx_aromatic_flag 
_chem_comp_atom.pdbx_stereo_config 
_chem_comp_atom.pdbx_ordinal 
ALA N    N  N N 1   
ALA CA   C  N S 2   
ALA C    C  N N 3   
ALA O    O  N N 4   
ALA CB   C  N N 5   
ALA OXT  O  N N 6   
ALA H    H  N N 7   
ALA H2   H  N N 8   
ALA HA   H  N N 9   
ALA HB1  H  N N 10  
ALA HB2  H  N N 11  
ALA HB3  H  N N 12  
ALA HXT  H  N N 13  
ARG N    N  N N 14  
ARG CA   C  N S 15  
ARG C    C  N N 16  
ARG O    O  N N 17  
ARG CB   C  N N 18  
ARG CG   C  N N 19  
ARG CD   C  N N 20  
ARG NE   N  N N 21  
ARG CZ   C  N N 22  
ARG NH1  N  N N 23  
ARG NH2  N  N N 24  
ARG OXT  O  N N 25  
ARG H    H  N N 26  
ARG H2   H  N N 27  
ARG HA   H  N N 28  
ARG HB2  H  N N 29  
ARG HB3  H  N N 30  
ARG HG2  H  N N 31  
ARG HG3  H  N N 32  
ARG HD2  H  N N 33  
ARG HD3  H  N N 34  
ARG HE   H  N N 35  
ARG HH11 H  N N 36  
ARG HH12 H  N N 37  
ARG HH21 H  N N 38  
ARG HH22 H  N N 39  
ARG HXT  H  N N 40  
ASN N    N  N N 41  
ASN CA   C  N S 42  
ASN C    C  N N 43  
ASN O    O  N N 44  
ASN CB   C  N N 45  
ASN CG   C  N N 46  
ASN OD1  O  N N 47  
ASN ND2  N  N N 48  
ASN OXT  O  N N 49  
ASN H    H  N N 50  
ASN H2   H  N N 51  
ASN HA   H  N N 52  
ASN HB2  H  N N 53  
ASN HB3  H  N N 54  
ASN HD21 H  N N 55  
ASN HD22 H  N N 56  
ASN HXT  H  N N 57  
ASP N    N  N N 58  
ASP CA   C  N S 59  
ASP C    C  N N 60  
ASP O    O  N N 61  
ASP CB   C  N N 62  
ASP CG   C  N N 63  
ASP OD1  O  N N 64  
ASP OD2  O  N N 65  
ASP OXT  O  N N 66  
ASP H    H  N N 67  
ASP H2   H  N N 68  
ASP HA   H  N N 69  
ASP HB2  H  N N 70  
ASP HB3  H  N N 71  
ASP HD2  H  N N 72  
ASP HXT  H  N N 73  
CYS N    N  N N 74  
CYS CA   C  N R 75  
CYS C    C  N N 76  
CYS O    O  N N 77  
CYS CB   C  N N 78  
CYS SG   S  N N 79  
CYS OXT  O  N N 80  
CYS H    H  N N 81  
CYS H2   H  N N 82  
CYS HA   H  N N 83  
CYS HB2  H  N N 84  
CYS HB3  H  N N 85  
CYS HG   H  N N 86  
CYS HXT  H  N N 87  
GLN N    N  N N 88  
GLN CA   C  N S 89  
GLN C    C  N N 90  
GLN O    O  N N 91  
GLN CB   C  N N 92  
GLN CG   C  N N 93  
GLN CD   C  N N 94  
GLN OE1  O  N N 95  
GLN NE2  N  N N 96  
GLN OXT  O  N N 97  
GLN H    H  N N 98  
GLN H2   H  N N 99  
GLN HA   H  N N 100 
GLN HB2  H  N N 101 
GLN HB3  H  N N 102 
GLN HG2  H  N N 103 
GLN HG3  H  N N 104 
GLN HE21 H  N N 105 
GLN HE22 H  N N 106 
GLN HXT  H  N N 107 
GLU N    N  N N 108 
GLU CA   C  N S 109 
GLU C    C  N N 110 
GLU O    O  N N 111 
GLU CB   C  N N 112 
GLU CG   C  N N 113 
GLU CD   C  N N 114 
GLU OE1  O  N N 115 
GLU OE2  O  N N 116 
GLU OXT  O  N N 117 
GLU H    H  N N 118 
GLU H2   H  N N 119 
GLU HA   H  N N 120 
GLU HB2  H  N N 121 
GLU HB3  H  N N 122 
GLU HG2  H  N N 123 
GLU HG3  H  N N 124 
GLU HE2  H  N N 125 
GLU HXT  H  N N 126 
GLY N    N  N N 127 
GLY CA   C  N N 128 
GLY C    C  N N 129 
GLY O    O  N N 130 
GLY OXT  O  N N 131 
GLY H    H  N N 132 
GLY H2   H  N N 133 
GLY HA2  H  N N 134 
GLY HA3  H  N N 135 
GLY HXT  H  N N 136 
HIS N    N  N N 137 
HIS CA   C  N S 138 
HIS C    C  N N 139 
HIS O    O  N N 140 
HIS CB   C  N N 141 
HIS CG   C  Y N 142 
HIS ND1  N  Y N 143 
HIS CD2  C  Y N 144 
HIS CE1  C  Y N 145 
HIS NE2  N  Y N 146 
HIS OXT  O  N N 147 
HIS H    H  N N 148 
HIS H2   H  N N 149 
HIS HA   H  N N 150 
HIS HB2  H  N N 151 
HIS HB3  H  N N 152 
HIS HD1  H  N N 153 
HIS HD2  H  N N 154 
HIS HE1  H  N N 155 
HIS HE2  H  N N 156 
HIS HXT  H  N N 157 
HOH O    O  N N 158 
HOH H1   H  N N 159 
HOH H2   H  N N 160 
ILE N    N  N N 161 
ILE CA   C  N S 162 
ILE C    C  N N 163 
ILE O    O  N N 164 
ILE CB   C  N S 165 
ILE CG1  C  N N 166 
ILE CG2  C  N N 167 
ILE CD1  C  N N 168 
ILE OXT  O  N N 169 
ILE H    H  N N 170 
ILE H2   H  N N 171 
ILE HA   H  N N 172 
ILE HB   H  N N 173 
ILE HG12 H  N N 174 
ILE HG13 H  N N 175 
ILE HG21 H  N N 176 
ILE HG22 H  N N 177 
ILE HG23 H  N N 178 
ILE HD11 H  N N 179 
ILE HD12 H  N N 180 
ILE HD13 H  N N 181 
ILE HXT  H  N N 182 
LEU N    N  N N 183 
LEU CA   C  N S 184 
LEU C    C  N N 185 
LEU O    O  N N 186 
LEU CB   C  N N 187 
LEU CG   C  N N 188 
LEU CD1  C  N N 189 
LEU CD2  C  N N 190 
LEU OXT  O  N N 191 
LEU H    H  N N 192 
LEU H2   H  N N 193 
LEU HA   H  N N 194 
LEU HB2  H  N N 195 
LEU HB3  H  N N 196 
LEU HG   H  N N 197 
LEU HD11 H  N N 198 
LEU HD12 H  N N 199 
LEU HD13 H  N N 200 
LEU HD21 H  N N 201 
LEU HD22 H  N N 202 
LEU HD23 H  N N 203 
LEU HXT  H  N N 204 
LYS N    N  N N 205 
LYS CA   C  N S 206 
LYS C    C  N N 207 
LYS O    O  N N 208 
LYS CB   C  N N 209 
LYS CG   C  N N 210 
LYS CD   C  N N 211 
LYS CE   C  N N 212 
LYS NZ   N  N N 213 
LYS OXT  O  N N 214 
LYS H    H  N N 215 
LYS H2   H  N N 216 
LYS HA   H  N N 217 
LYS HB2  H  N N 218 
LYS HB3  H  N N 219 
LYS HG2  H  N N 220 
LYS HG3  H  N N 221 
LYS HD2  H  N N 222 
LYS HD3  H  N N 223 
LYS HE2  H  N N 224 
LYS HE3  H  N N 225 
LYS HZ1  H  N N 226 
LYS HZ2  H  N N 227 
LYS HZ3  H  N N 228 
LYS HXT  H  N N 229 
MET N    N  N N 230 
MET CA   C  N S 231 
MET C    C  N N 232 
MET O    O  N N 233 
MET CB   C  N N 234 
MET CG   C  N N 235 
MET SD   S  N N 236 
MET CE   C  N N 237 
MET OXT  O  N N 238 
MET H    H  N N 239 
MET H2   H  N N 240 
MET HA   H  N N 241 
MET HB2  H  N N 242 
MET HB3  H  N N 243 
MET HG2  H  N N 244 
MET HG3  H  N N 245 
MET HE1  H  N N 246 
MET HE2  H  N N 247 
MET HE3  H  N N 248 
MET HXT  H  N N 249 
NA  NA   NA N N 250 
PHE N    N  N N 251 
PHE CA   C  N S 252 
PHE C    C  N N 253 
PHE O    O  N N 254 
PHE CB   C  N N 255 
PHE CG   C  Y N 256 
PHE CD1  C  Y N 257 
PHE CD2  C  Y N 258 
PHE CE1  C  Y N 259 
PHE CE2  C  Y N 260 
PHE CZ   C  Y N 261 
PHE OXT  O  N N 262 
PHE H    H  N N 263 
PHE H2   H  N N 264 
PHE HA   H  N N 265 
PHE HB2  H  N N 266 
PHE HB3  H  N N 267 
PHE HD1  H  N N 268 
PHE HD2  H  N N 269 
PHE HE1  H  N N 270 
PHE HE2  H  N N 271 
PHE HZ   H  N N 272 
PHE HXT  H  N N 273 
PRO N    N  N N 274 
PRO CA   C  N S 275 
PRO C    C  N N 276 
PRO O    O  N N 277 
PRO CB   C  N N 278 
PRO CG   C  N N 279 
PRO CD   C  N N 280 
PRO OXT  O  N N 281 
PRO H    H  N N 282 
PRO HA   H  N N 283 
PRO HB2  H  N N 284 
PRO HB3  H  N N 285 
PRO HG2  H  N N 286 
PRO HG3  H  N N 287 
PRO HD2  H  N N 288 
PRO HD3  H  N N 289 
PRO HXT  H  N N 290 
SER N    N  N N 291 
SER CA   C  N S 292 
SER C    C  N N 293 
SER O    O  N N 294 
SER CB   C  N N 295 
SER OG   O  N N 296 
SER OXT  O  N N 297 
SER H    H  N N 298 
SER H2   H  N N 299 
SER HA   H  N N 300 
SER HB2  H  N N 301 
SER HB3  H  N N 302 
SER HG   H  N N 303 
SER HXT  H  N N 304 
THR N    N  N N 305 
THR CA   C  N S 306 
THR C    C  N N 307 
THR O    O  N N 308 
THR CB   C  N R 309 
THR OG1  O  N N 310 
THR CG2  C  N N 311 
THR OXT  O  N N 312 
THR H    H  N N 313 
THR H2   H  N N 314 
THR HA   H  N N 315 
THR HB   H  N N 316 
THR HG1  H  N N 317 
THR HG21 H  N N 318 
THR HG22 H  N N 319 
THR HG23 H  N N 320 
THR HXT  H  N N 321 
TRP N    N  N N 322 
TRP CA   C  N S 323 
TRP C    C  N N 324 
TRP O    O  N N 325 
TRP CB   C  N N 326 
TRP CG   C  Y N 327 
TRP CD1  C  Y N 328 
TRP CD2  C  Y N 329 
TRP NE1  N  Y N 330 
TRP CE2  C  Y N 331 
TRP CE3  C  Y N 332 
TRP CZ2  C  Y N 333 
TRP CZ3  C  Y N 334 
TRP CH2  C  Y N 335 
TRP OXT  O  N N 336 
TRP H    H  N N 337 
TRP H2   H  N N 338 
TRP HA   H  N N 339 
TRP HB2  H  N N 340 
TRP HB3  H  N N 341 
TRP HD1  H  N N 342 
TRP HE1  H  N N 343 
TRP HE3  H  N N 344 
TRP HZ2  H  N N 345 
TRP HZ3  H  N N 346 
TRP HH2  H  N N 347 
TRP HXT  H  N N 348 
TYR N    N  N N 349 
TYR CA   C  N S 350 
TYR C    C  N N 351 
TYR O    O  N N 352 
TYR CB   C  N N 353 
TYR CG   C  Y N 354 
TYR CD1  C  Y N 355 
TYR CD2  C  Y N 356 
TYR CE1  C  Y N 357 
TYR CE2  C  Y N 358 
TYR CZ   C  Y N 359 
TYR OH   O  N N 360 
TYR OXT  O  N N 361 
TYR H    H  N N 362 
TYR H2   H  N N 363 
TYR HA   H  N N 364 
TYR HB2  H  N N 365 
TYR HB3  H  N N 366 
TYR HD1  H  N N 367 
TYR HD2  H  N N 368 
TYR HE1  H  N N 369 
TYR HE2  H  N N 370 
TYR HH   H  N N 371 
TYR HXT  H  N N 372 
VAL N    N  N N 373 
VAL CA   C  N S 374 
VAL C    C  N N 375 
VAL O    O  N N 376 
VAL CB   C  N N 377 
VAL CG1  C  N N 378 
VAL CG2  C  N N 379 
VAL OXT  O  N N 380 
VAL H    H  N N 381 
VAL H2   H  N N 382 
VAL HA   H  N N 383 
VAL HB   H  N N 384 
VAL HG11 H  N N 385 
VAL HG12 H  N N 386 
VAL HG13 H  N N 387 
VAL HG21 H  N N 388 
VAL HG22 H  N N 389 
VAL HG23 H  N N 390 
VAL HXT  H  N N 391 
# 
loop_
_chem_comp_bond.comp_id 
_chem_comp_bond.atom_id_1 
_chem_comp_bond.atom_id_2 
_chem_comp_bond.value_order 
_chem_comp_bond.pdbx_aromatic_flag 
_chem_comp_bond.pdbx_stereo_config 
_chem_comp_bond.pdbx_ordinal 
ALA N   CA   sing N N 1   
ALA N   H    sing N N 2   
ALA N   H2   sing N N 3   
ALA CA  C    sing N N 4   
ALA CA  CB   sing N N 5   
ALA CA  HA   sing N N 6   
ALA C   O    doub N N 7   
ALA C   OXT  sing N N 8   
ALA CB  HB1  sing N N 9   
ALA CB  HB2  sing N N 10  
ALA CB  HB3  sing N N 11  
ALA OXT HXT  sing N N 12  
ARG N   CA   sing N N 13  
ARG N   H    sing N N 14  
ARG N   H2   sing N N 15  
ARG CA  C    sing N N 16  
ARG CA  CB   sing N N 17  
ARG CA  HA   sing N N 18  
ARG C   O    doub N N 19  
ARG C   OXT  sing N N 20  
ARG CB  CG   sing N N 21  
ARG CB  HB2  sing N N 22  
ARG CB  HB3  sing N N 23  
ARG CG  CD   sing N N 24  
ARG CG  HG2  sing N N 25  
ARG CG  HG3  sing N N 26  
ARG CD  NE   sing N N 27  
ARG CD  HD2  sing N N 28  
ARG CD  HD3  sing N N 29  
ARG NE  CZ   sing N N 30  
ARG NE  HE   sing N N 31  
ARG CZ  NH1  sing N N 32  
ARG CZ  NH2  doub N N 33  
ARG NH1 HH11 sing N N 34  
ARG NH1 HH12 sing N N 35  
ARG NH2 HH21 sing N N 36  
ARG NH2 HH22 sing N N 37  
ARG OXT HXT  sing N N 38  
ASN N   CA   sing N N 39  
ASN N   H    sing N N 40  
ASN N   H2   sing N N 41  
ASN CA  C    sing N N 42  
ASN CA  CB   sing N N 43  
ASN CA  HA   sing N N 44  
ASN C   O    doub N N 45  
ASN C   OXT  sing N N 46  
ASN CB  CG   sing N N 47  
ASN CB  HB2  sing N N 48  
ASN CB  HB3  sing N N 49  
ASN CG  OD1  doub N N 50  
ASN CG  ND2  sing N N 51  
ASN ND2 HD21 sing N N 52  
ASN ND2 HD22 sing N N 53  
ASN OXT HXT  sing N N 54  
ASP N   CA   sing N N 55  
ASP N   H    sing N N 56  
ASP N   H2   sing N N 57  
ASP CA  C    sing N N 58  
ASP CA  CB   sing N N 59  
ASP CA  HA   sing N N 60  
ASP C   O    doub N N 61  
ASP C   OXT  sing N N 62  
ASP CB  CG   sing N N 63  
ASP CB  HB2  sing N N 64  
ASP CB  HB3  sing N N 65  
ASP CG  OD1  doub N N 66  
ASP CG  OD2  sing N N 67  
ASP OD2 HD2  sing N N 68  
ASP OXT HXT  sing N N 69  
CYS N   CA   sing N N 70  
CYS N   H    sing N N 71  
CYS N   H2   sing N N 72  
CYS CA  C    sing N N 73  
CYS CA  CB   sing N N 74  
CYS CA  HA   sing N N 75  
CYS C   O    doub N N 76  
CYS C   OXT  sing N N 77  
CYS CB  SG   sing N N 78  
CYS CB  HB2  sing N N 79  
CYS CB  HB3  sing N N 80  
CYS SG  HG   sing N N 81  
CYS OXT HXT  sing N N 82  
GLN N   CA   sing N N 83  
GLN N   H    sing N N 84  
GLN N   H2   sing N N 85  
GLN CA  C    sing N N 86  
GLN CA  CB   sing N N 87  
GLN CA  HA   sing N N 88  
GLN C   O    doub N N 89  
GLN C   OXT  sing N N 90  
GLN CB  CG   sing N N 91  
GLN CB  HB2  sing N N 92  
GLN CB  HB3  sing N N 93  
GLN CG  CD   sing N N 94  
GLN CG  HG2  sing N N 95  
GLN CG  HG3  sing N N 96  
GLN CD  OE1  doub N N 97  
GLN CD  NE2  sing N N 98  
GLN NE2 HE21 sing N N 99  
GLN NE2 HE22 sing N N 100 
GLN OXT HXT  sing N N 101 
GLU N   CA   sing N N 102 
GLU N   H    sing N N 103 
GLU N   H2   sing N N 104 
GLU CA  C    sing N N 105 
GLU CA  CB   sing N N 106 
GLU CA  HA   sing N N 107 
GLU C   O    doub N N 108 
GLU C   OXT  sing N N 109 
GLU CB  CG   sing N N 110 
GLU CB  HB2  sing N N 111 
GLU CB  HB3  sing N N 112 
GLU CG  CD   sing N N 113 
GLU CG  HG2  sing N N 114 
GLU CG  HG3  sing N N 115 
GLU CD  OE1  doub N N 116 
GLU CD  OE2  sing N N 117 
GLU OE2 HE2  sing N N 118 
GLU OXT HXT  sing N N 119 
GLY N   CA   sing N N 120 
GLY N   H    sing N N 121 
GLY N   H2   sing N N 122 
GLY CA  C    sing N N 123 
GLY CA  HA2  sing N N 124 
GLY CA  HA3  sing N N 125 
GLY C   O    doub N N 126 
GLY C   OXT  sing N N 127 
GLY OXT HXT  sing N N 128 
HIS N   CA   sing N N 129 
HIS N   H    sing N N 130 
HIS N   H2   sing N N 131 
HIS CA  C    sing N N 132 
HIS CA  CB   sing N N 133 
HIS CA  HA   sing N N 134 
HIS C   O    doub N N 135 
HIS C   OXT  sing N N 136 
HIS CB  CG   sing N N 137 
HIS CB  HB2  sing N N 138 
HIS CB  HB3  sing N N 139 
HIS CG  ND1  sing Y N 140 
HIS CG  CD2  doub Y N 141 
HIS ND1 CE1  doub Y N 142 
HIS ND1 HD1  sing N N 143 
HIS CD2 NE2  sing Y N 144 
HIS CD2 HD2  sing N N 145 
HIS CE1 NE2  sing Y N 146 
HIS CE1 HE1  sing N N 147 
HIS NE2 HE2  sing N N 148 
HIS OXT HXT  sing N N 149 
HOH O   H1   sing N N 150 
HOH O   H2   sing N N 151 
ILE N   CA   sing N N 152 
ILE N   H    sing N N 153 
ILE N   H2   sing N N 154 
ILE CA  C    sing N N 155 
ILE CA  CB   sing N N 156 
ILE CA  HA   sing N N 157 
ILE C   O    doub N N 158 
ILE C   OXT  sing N N 159 
ILE CB  CG1  sing N N 160 
ILE CB  CG2  sing N N 161 
ILE CB  HB   sing N N 162 
ILE CG1 CD1  sing N N 163 
ILE CG1 HG12 sing N N 164 
ILE CG1 HG13 sing N N 165 
ILE CG2 HG21 sing N N 166 
ILE CG2 HG22 sing N N 167 
ILE CG2 HG23 sing N N 168 
ILE CD1 HD11 sing N N 169 
ILE CD1 HD12 sing N N 170 
ILE CD1 HD13 sing N N 171 
ILE OXT HXT  sing N N 172 
LEU N   CA   sing N N 173 
LEU N   H    sing N N 174 
LEU N   H2   sing N N 175 
LEU CA  C    sing N N 176 
LEU CA  CB   sing N N 177 
LEU CA  HA   sing N N 178 
LEU C   O    doub N N 179 
LEU C   OXT  sing N N 180 
LEU CB  CG   sing N N 181 
LEU CB  HB2  sing N N 182 
LEU CB  HB3  sing N N 183 
LEU CG  CD1  sing N N 184 
LEU CG  CD2  sing N N 185 
LEU CG  HG   sing N N 186 
LEU CD1 HD11 sing N N 187 
LEU CD1 HD12 sing N N 188 
LEU CD1 HD13 sing N N 189 
LEU CD2 HD21 sing N N 190 
LEU CD2 HD22 sing N N 191 
LEU CD2 HD23 sing N N 192 
LEU OXT HXT  sing N N 193 
LYS N   CA   sing N N 194 
LYS N   H    sing N N 195 
LYS N   H2   sing N N 196 
LYS CA  C    sing N N 197 
LYS CA  CB   sing N N 198 
LYS CA  HA   sing N N 199 
LYS C   O    doub N N 200 
LYS C   OXT  sing N N 201 
LYS CB  CG   sing N N 202 
LYS CB  HB2  sing N N 203 
LYS CB  HB3  sing N N 204 
LYS CG  CD   sing N N 205 
LYS CG  HG2  sing N N 206 
LYS CG  HG3  sing N N 207 
LYS CD  CE   sing N N 208 
LYS CD  HD2  sing N N 209 
LYS CD  HD3  sing N N 210 
LYS CE  NZ   sing N N 211 
LYS CE  HE2  sing N N 212 
LYS CE  HE3  sing N N 213 
LYS NZ  HZ1  sing N N 214 
LYS NZ  HZ2  sing N N 215 
LYS NZ  HZ3  sing N N 216 
LYS OXT HXT  sing N N 217 
MET N   CA   sing N N 218 
MET N   H    sing N N 219 
MET N   H2   sing N N 220 
MET CA  C    sing N N 221 
MET CA  CB   sing N N 222 
MET CA  HA   sing N N 223 
MET C   O    doub N N 224 
MET C   OXT  sing N N 225 
MET CB  CG   sing N N 226 
MET CB  HB2  sing N N 227 
MET CB  HB3  sing N N 228 
MET CG  SD   sing N N 229 
MET CG  HG2  sing N N 230 
MET CG  HG3  sing N N 231 
MET SD  CE   sing N N 232 
MET CE  HE1  sing N N 233 
MET CE  HE2  sing N N 234 
MET CE  HE3  sing N N 235 
MET OXT HXT  sing N N 236 
PHE N   CA   sing N N 237 
PHE N   H    sing N N 238 
PHE N   H2   sing N N 239 
PHE CA  C    sing N N 240 
PHE CA  CB   sing N N 241 
PHE CA  HA   sing N N 242 
PHE C   O    doub N N 243 
PHE C   OXT  sing N N 244 
PHE CB  CG   sing N N 245 
PHE CB  HB2  sing N N 246 
PHE CB  HB3  sing N N 247 
PHE CG  CD1  doub Y N 248 
PHE CG  CD2  sing Y N 249 
PHE CD1 CE1  sing Y N 250 
PHE CD1 HD1  sing N N 251 
PHE CD2 CE2  doub Y N 252 
PHE CD2 HD2  sing N N 253 
PHE CE1 CZ   doub Y N 254 
PHE CE1 HE1  sing N N 255 
PHE CE2 CZ   sing Y N 256 
PHE CE2 HE2  sing N N 257 
PHE CZ  HZ   sing N N 258 
PHE OXT HXT  sing N N 259 
PRO N   CA   sing N N 260 
PRO N   CD   sing N N 261 
PRO N   H    sing N N 262 
PRO CA  C    sing N N 263 
PRO CA  CB   sing N N 264 
PRO CA  HA   sing N N 265 
PRO C   O    doub N N 266 
PRO C   OXT  sing N N 267 
PRO CB  CG   sing N N 268 
PRO CB  HB2  sing N N 269 
PRO CB  HB3  sing N N 270 
PRO CG  CD   sing N N 271 
PRO CG  HG2  sing N N 272 
PRO CG  HG3  sing N N 273 
PRO CD  HD2  sing N N 274 
PRO CD  HD3  sing N N 275 
PRO OXT HXT  sing N N 276 
SER N   CA   sing N N 277 
SER N   H    sing N N 278 
SER N   H2   sing N N 279 
SER CA  C    sing N N 280 
SER CA  CB   sing N N 281 
SER CA  HA   sing N N 282 
SER C   O    doub N N 283 
SER C   OXT  sing N N 284 
SER CB  OG   sing N N 285 
SER CB  HB2  sing N N 286 
SER CB  HB3  sing N N 287 
SER OG  HG   sing N N 288 
SER OXT HXT  sing N N 289 
THR N   CA   sing N N 290 
THR N   H    sing N N 291 
THR N   H2   sing N N 292 
THR CA  C    sing N N 293 
THR CA  CB   sing N N 294 
THR CA  HA   sing N N 295 
THR C   O    doub N N 296 
THR C   OXT  sing N N 297 
THR CB  OG1  sing N N 298 
THR CB  CG2  sing N N 299 
THR CB  HB   sing N N 300 
THR OG1 HG1  sing N N 301 
THR CG2 HG21 sing N N 302 
THR CG2 HG22 sing N N 303 
THR CG2 HG23 sing N N 304 
THR OXT HXT  sing N N 305 
TRP N   CA   sing N N 306 
TRP N   H    sing N N 307 
TRP N   H2   sing N N 308 
TRP CA  C    sing N N 309 
TRP CA  CB   sing N N 310 
TRP CA  HA   sing N N 311 
TRP C   O    doub N N 312 
TRP C   OXT  sing N N 313 
TRP CB  CG   sing N N 314 
TRP CB  HB2  sing N N 315 
TRP CB  HB3  sing N N 316 
TRP CG  CD1  doub Y N 317 
TRP CG  CD2  sing Y N 318 
TRP CD1 NE1  sing Y N 319 
TRP CD1 HD1  sing N N 320 
TRP CD2 CE2  doub Y N 321 
TRP CD2 CE3  sing Y N 322 
TRP NE1 CE2  sing Y N 323 
TRP NE1 HE1  sing N N 324 
TRP CE2 CZ2  sing Y N 325 
TRP CE3 CZ3  doub Y N 326 
TRP CE3 HE3  sing N N 327 
TRP CZ2 CH2  doub Y N 328 
TRP CZ2 HZ2  sing N N 329 
TRP CZ3 CH2  sing Y N 330 
TRP CZ3 HZ3  sing N N 331 
TRP CH2 HH2  sing N N 332 
TRP OXT HXT  sing N N 333 
TYR N   CA   sing N N 334 
TYR N   H    sing N N 335 
TYR N   H2   sing N N 336 
TYR CA  C    sing N N 337 
TYR CA  CB   sing N N 338 
TYR CA  HA   sing N N 339 
TYR C   O    doub N N 340 
TYR C   OXT  sing N N 341 
TYR CB  CG   sing N N 342 
TYR CB  HB2  sing N N 343 
TYR CB  HB3  sing N N 344 
TYR CG  CD1  doub Y N 345 
TYR CG  CD2  sing Y N 346 
TYR CD1 CE1  sing Y N 347 
TYR CD1 HD1  sing N N 348 
TYR CD2 CE2  doub Y N 349 
TYR CD2 HD2  sing N N 350 
TYR CE1 CZ   doub Y N 351 
TYR CE1 HE1  sing N N 352 
TYR CE2 CZ   sing Y N 353 
TYR CE2 HE2  sing N N 354 
TYR CZ  OH   sing N N 355 
TYR OH  HH   sing N N 356 
TYR OXT HXT  sing N N 357 
VAL N   CA   sing N N 358 
VAL N   H    sing N N 359 
VAL N   H2   sing N N 360 
VAL CA  C    sing N N 361 
VAL CA  CB   sing N N 362 
VAL CA  HA   sing N N 363 
VAL C   O    doub N N 364 
VAL C   OXT  sing N N 365 
VAL CB  CG1  sing N N 366 
VAL CB  CG2  sing N N 367 
VAL CB  HB   sing N N 368 
VAL CG1 HG11 sing N N 369 
VAL CG1 HG12 sing N N 370 
VAL CG1 HG13 sing N N 371 
VAL CG2 HG21 sing N N 372 
VAL CG2 HG22 sing N N 373 
VAL CG2 HG23 sing N N 374 
VAL OXT HXT  sing N N 375 
# 
loop_
_pdbx_entity_nonpoly.entity_id 
_pdbx_entity_nonpoly.name 
_pdbx_entity_nonpoly.comp_id 
2 'SODIUM ION' NA  
3 water        HOH 
# 
_pdbx_initial_refinement_model.id               1 
_pdbx_initial_refinement_model.entity_id_list   ? 
_pdbx_initial_refinement_model.type             'experimental model' 
_pdbx_initial_refinement_model.source_name      PDB 
_pdbx_initial_refinement_model.accession_code   1VMF 
_pdbx_initial_refinement_model.details          'PDB entry 1VMF' 
# 
